data_7ZG1
# 
_entry.id   7ZG1 
# 
_audit_conform.dict_name       mmcif_pdbx.dic 
_audit_conform.dict_version    5.384 
_audit_conform.dict_location   http://mmcif.pdb.org/dictionaries/ascii/mmcif_pdbx.dic 
# 
loop_
_database_2.database_id 
_database_2.database_code 
_database_2.pdbx_database_accession 
_database_2.pdbx_DOI 
PDB   7ZG1         pdb_00007zg1 10.2210/pdb7zg1/pdb 
WWPDB D_1292122188 ?            ?                   
# 
loop_
_pdbx_audit_revision_history.ordinal 
_pdbx_audit_revision_history.data_content_type 
_pdbx_audit_revision_history.major_revision 
_pdbx_audit_revision_history.minor_revision 
_pdbx_audit_revision_history.revision_date 
1 'Structure model' 1 0 2022-11-23 
2 'Structure model' 1 1 2022-12-07 
3 'Structure model' 1 2 2024-01-31 
# 
_pdbx_audit_revision_details.ordinal             1 
_pdbx_audit_revision_details.revision_ordinal    1 
_pdbx_audit_revision_details.data_content_type   'Structure model' 
_pdbx_audit_revision_details.provider            repository 
_pdbx_audit_revision_details.type                'Initial release' 
_pdbx_audit_revision_details.description         ? 
_pdbx_audit_revision_details.details             ? 
# 
loop_
_pdbx_audit_revision_group.ordinal 
_pdbx_audit_revision_group.revision_ordinal 
_pdbx_audit_revision_group.data_content_type 
_pdbx_audit_revision_group.group 
1 2 'Structure model' 'Database references'    
2 3 'Structure model' 'Data collection'        
3 3 'Structure model' 'Refinement description' 
# 
loop_
_pdbx_audit_revision_category.ordinal 
_pdbx_audit_revision_category.revision_ordinal 
_pdbx_audit_revision_category.data_content_type 
_pdbx_audit_revision_category.category 
1 2 'Structure model' citation                      
2 2 'Structure model' citation_author               
3 3 'Structure model' chem_comp_atom                
4 3 'Structure model' chem_comp_bond                
5 3 'Structure model' pdbx_initial_refinement_model 
# 
loop_
_pdbx_audit_revision_item.ordinal 
_pdbx_audit_revision_item.revision_ordinal 
_pdbx_audit_revision_item.data_content_type 
_pdbx_audit_revision_item.item 
1 2 'Structure model' '_citation.journal_volume'          
2 2 'Structure model' '_citation.page_first'              
3 2 'Structure model' '_citation.page_last'               
4 2 'Structure model' '_citation_author.identifier_ORCID' 
# 
_pdbx_database_status.status_code                     REL 
_pdbx_database_status.status_code_sf                  REL 
_pdbx_database_status.status_code_mr                  ? 
_pdbx_database_status.entry_id                        7ZG1 
_pdbx_database_status.recvd_initial_deposition_date   2022-04-01 
_pdbx_database_status.SG_entry                        N 
_pdbx_database_status.deposit_site                    PDBE 
_pdbx_database_status.process_site                    PDBE 
_pdbx_database_status.status_code_cs                  ? 
_pdbx_database_status.status_code_nmr_data            ? 
_pdbx_database_status.methods_development_category    ? 
_pdbx_database_status.pdb_format_compatible           N 
# 
_pdbx_contact_author.id                 2 
_pdbx_contact_author.email              martin.noble@ncl.ac.uk 
_pdbx_contact_author.name_first         Martin 
_pdbx_contact_author.name_last          Noble 
_pdbx_contact_author.name_mi            E.M. 
_pdbx_contact_author.role               'principal investigator/group leader' 
_pdbx_contact_author.identifier_ORCID   0000-0002-3595-9807 
# 
loop_
_audit_author.name 
_audit_author.pdbx_ordinal 
_audit_author.identifier_ORCID 
'Turberville, S.' 1 0000-0003-2173-9675 
'Martin, M.P.'    2 0000-0003-4810-3351 
'Hope, I.'        3 ?                   
'Noble, M.E.M.'   4 0000-0002-3595-9807 
# 
_citation.abstract                  ? 
_citation.abstract_id_CAS           ? 
_citation.book_id_ISBN              ? 
_citation.book_publisher            ? 
_citation.book_publisher_city       ? 
_citation.book_title                ? 
_citation.coordinate_linkage        ? 
_citation.country                   US 
_citation.database_id_Medline       ? 
_citation.details                   ? 
_citation.id                        primary 
_citation.journal_abbrev            J.Med.Chem. 
_citation.journal_id_ASTM           JMCMAR 
_citation.journal_id_CSD            0151 
_citation.journal_id_ISSN           0022-2623 
_citation.journal_full              ? 
_citation.journal_issue             ? 
_citation.journal_volume            65 
_citation.language                  ? 
_citation.page_first                15416 
_citation.page_last                 15432 
_citation.title                     
;Mapping Ligand Interactions of Bromodomains BRD4 and ATAD2 with FragLites and PepLites&#9472;Halogenated Probes of Druglike and Peptide-like Molecular Interactions.
;
_citation.year                      2022 
_citation.database_id_CSD           ? 
_citation.pdbx_database_id_DOI      10.1021/acs.jmedchem.2c01357 
_citation.pdbx_database_id_PubMed   36367089 
_citation.pdbx_database_id_patent   ? 
_citation.unpublished_flag          ? 
# 
loop_
_citation_author.citation_id 
_citation_author.name 
_citation_author.ordinal 
_citation_author.identifier_ORCID 
primary 'Davison, G.'       1  ? 
primary 'Martin, M.P.'      2  ? 
primary 'Turberville, S.'   3  ? 
primary 'Dormen, S.'        4  ? 
primary 'Heath, R.'         5  ? 
primary 'Heptinstall, A.B.' 6  ? 
primary 'Lawson, M.'        7  ? 
primary 'Miller, D.C.'      8  ? 
primary 'Ng, Y.M.'          9  ? 
primary 'Sanderson, J.N.'   10 ? 
primary 'Hope, I.'          11 ? 
primary 'Wood, D.J.'        12 ? 
primary 'Cano, C.'          13 ? 
primary 'Endicott, J.A.'    14 ? 
primary 'Hardcastle, I.R.'  15 ? 
primary 'Noble, M.E.M.'     16 ? 
primary 'Waring, M.J.'      17 ? 
# 
loop_
_entity.id 
_entity.type 
_entity.src_method 
_entity.pdbx_description 
_entity.formula_weight 
_entity.pdbx_number_of_molecules 
_entity.pdbx_ec 
_entity.pdbx_mutation 
_entity.pdbx_fragment 
_entity.details 
1 polymer     man 'Bromodomain-containing protein 4'                       15294.578 1   ? ? ? ? 
2 non-polymer syn 'Nalpha-acetyl-N-(3-bromoprop-2-yn-1-yl)-L-tyrosinamide' 339.185   1   ? ? ? ? 
3 non-polymer syn GLYCEROL                                                 92.094    1   ? ? ? ? 
4 water       nat water                                                    18.015    147 ? ? ? ? 
# 
_entity_name_com.entity_id   1 
_entity_name_com.name        'Protein HUNK1' 
# 
_entity_poly.entity_id                      1 
_entity_poly.type                           'polypeptide(L)' 
_entity_poly.nstd_linkage                   no 
_entity_poly.nstd_monomer                   no 
_entity_poly.pdbx_seq_one_letter_code       
;GSHMNPPPPETSNPNKPKRQTNQLQYLLRVVLKTLWKHQFAWPFQQPVDAVKLNLPDYYKIIKTPMDMGTIKKRLENNYY
WNAQECIQDFNTMFTNCYIYNKPGDDIVLMAEALEKLFLQKINELPTEE
;
_entity_poly.pdbx_seq_one_letter_code_can   
;GSHMNPPPPETSNPNKPKRQTNQLQYLLRVVLKTLWKHQFAWPFQQPVDAVKLNLPDYYKIIKTPMDMGTIKKRLENNYY
WNAQECIQDFNTMFTNCYIYNKPGDDIVLMAEALEKLFLQKINELPTEE
;
_entity_poly.pdbx_strand_id                 AAA 
_entity_poly.pdbx_target_identifier         ? 
# 
loop_
_pdbx_entity_nonpoly.entity_id 
_pdbx_entity_nonpoly.name 
_pdbx_entity_nonpoly.comp_id 
2 'Nalpha-acetyl-N-(3-bromoprop-2-yn-1-yl)-L-tyrosinamide' T9J 
3 GLYCEROL                                                 GOL 
4 water                                                    HOH 
# 
loop_
_entity_poly_seq.entity_id 
_entity_poly_seq.num 
_entity_poly_seq.mon_id 
_entity_poly_seq.hetero 
1 1   GLY n 
1 2   SER n 
1 3   HIS n 
1 4   MET n 
1 5   ASN n 
1 6   PRO n 
1 7   PRO n 
1 8   PRO n 
1 9   PRO n 
1 10  GLU n 
1 11  THR n 
1 12  SER n 
1 13  ASN n 
1 14  PRO n 
1 15  ASN n 
1 16  LYS n 
1 17  PRO n 
1 18  LYS n 
1 19  ARG n 
1 20  GLN n 
1 21  THR n 
1 22  ASN n 
1 23  GLN n 
1 24  LEU n 
1 25  GLN n 
1 26  TYR n 
1 27  LEU n 
1 28  LEU n 
1 29  ARG n 
1 30  VAL n 
1 31  VAL n 
1 32  LEU n 
1 33  LYS n 
1 34  THR n 
1 35  LEU n 
1 36  TRP n 
1 37  LYS n 
1 38  HIS n 
1 39  GLN n 
1 40  PHE n 
1 41  ALA n 
1 42  TRP n 
1 43  PRO n 
1 44  PHE n 
1 45  GLN n 
1 46  GLN n 
1 47  PRO n 
1 48  VAL n 
1 49  ASP n 
1 50  ALA n 
1 51  VAL n 
1 52  LYS n 
1 53  LEU n 
1 54  ASN n 
1 55  LEU n 
1 56  PRO n 
1 57  ASP n 
1 58  TYR n 
1 59  TYR n 
1 60  LYS n 
1 61  ILE n 
1 62  ILE n 
1 63  LYS n 
1 64  THR n 
1 65  PRO n 
1 66  MET n 
1 67  ASP n 
1 68  MET n 
1 69  GLY n 
1 70  THR n 
1 71  ILE n 
1 72  LYS n 
1 73  LYS n 
1 74  ARG n 
1 75  LEU n 
1 76  GLU n 
1 77  ASN n 
1 78  ASN n 
1 79  TYR n 
1 80  TYR n 
1 81  TRP n 
1 82  ASN n 
1 83  ALA n 
1 84  GLN n 
1 85  GLU n 
1 86  CYS n 
1 87  ILE n 
1 88  GLN n 
1 89  ASP n 
1 90  PHE n 
1 91  ASN n 
1 92  THR n 
1 93  MET n 
1 94  PHE n 
1 95  THR n 
1 96  ASN n 
1 97  CYS n 
1 98  TYR n 
1 99  ILE n 
1 100 TYR n 
1 101 ASN n 
1 102 LYS n 
1 103 PRO n 
1 104 GLY n 
1 105 ASP n 
1 106 ASP n 
1 107 ILE n 
1 108 VAL n 
1 109 LEU n 
1 110 MET n 
1 111 ALA n 
1 112 GLU n 
1 113 ALA n 
1 114 LEU n 
1 115 GLU n 
1 116 LYS n 
1 117 LEU n 
1 118 PHE n 
1 119 LEU n 
1 120 GLN n 
1 121 LYS n 
1 122 ILE n 
1 123 ASN n 
1 124 GLU n 
1 125 LEU n 
1 126 PRO n 
1 127 THR n 
1 128 GLU n 
1 129 GLU n 
# 
_entity_src_gen.entity_id                          1 
_entity_src_gen.pdbx_src_id                        1 
_entity_src_gen.pdbx_alt_source_flag               sample 
_entity_src_gen.pdbx_seq_type                      'Biological sequence' 
_entity_src_gen.pdbx_beg_seq_num                   1 
_entity_src_gen.pdbx_end_seq_num                   129 
_entity_src_gen.gene_src_common_name               human 
_entity_src_gen.gene_src_genus                     ? 
_entity_src_gen.pdbx_gene_src_gene                 'BRD4, HUNK1' 
_entity_src_gen.gene_src_species                   ? 
_entity_src_gen.gene_src_strain                    ? 
_entity_src_gen.gene_src_tissue                    ? 
_entity_src_gen.gene_src_tissue_fraction           ? 
_entity_src_gen.gene_src_details                   ? 
_entity_src_gen.pdbx_gene_src_fragment             ? 
_entity_src_gen.pdbx_gene_src_scientific_name      'Homo sapiens' 
_entity_src_gen.pdbx_gene_src_ncbi_taxonomy_id     9606 
_entity_src_gen.pdbx_gene_src_variant              ? 
_entity_src_gen.pdbx_gene_src_cell_line            ? 
_entity_src_gen.pdbx_gene_src_atcc                 ? 
_entity_src_gen.pdbx_gene_src_organ                ? 
_entity_src_gen.pdbx_gene_src_organelle            ? 
_entity_src_gen.pdbx_gene_src_cell                 ? 
_entity_src_gen.pdbx_gene_src_cellular_location    ? 
_entity_src_gen.host_org_common_name               ? 
_entity_src_gen.pdbx_host_org_scientific_name      'Escherichia coli BL21(DE3)' 
_entity_src_gen.pdbx_host_org_ncbi_taxonomy_id     469008 
_entity_src_gen.host_org_genus                     ? 
_entity_src_gen.pdbx_host_org_gene                 ? 
_entity_src_gen.pdbx_host_org_organ                ? 
_entity_src_gen.host_org_species                   ? 
_entity_src_gen.pdbx_host_org_tissue               ? 
_entity_src_gen.pdbx_host_org_tissue_fraction      ? 
_entity_src_gen.pdbx_host_org_strain               ? 
_entity_src_gen.pdbx_host_org_variant              ? 
_entity_src_gen.pdbx_host_org_cell_line            ? 
_entity_src_gen.pdbx_host_org_atcc                 ? 
_entity_src_gen.pdbx_host_org_culture_collection   ? 
_entity_src_gen.pdbx_host_org_cell                 ? 
_entity_src_gen.pdbx_host_org_organelle            ? 
_entity_src_gen.pdbx_host_org_cellular_location    ? 
_entity_src_gen.pdbx_host_org_vector_type          ? 
_entity_src_gen.pdbx_host_org_vector               ? 
_entity_src_gen.host_org_details                   ? 
_entity_src_gen.expression_system_id               ? 
_entity_src_gen.plasmid_name                       pET28b 
_entity_src_gen.plasmid_details                    ? 
_entity_src_gen.pdbx_description                   ? 
# 
loop_
_chem_comp.id 
_chem_comp.type 
_chem_comp.mon_nstd_flag 
_chem_comp.name 
_chem_comp.pdbx_synonyms 
_chem_comp.formula 
_chem_comp.formula_weight 
ALA 'L-peptide linking' y ALANINE                                                  ?                               'C3 H7 N O2' 
89.093  
ARG 'L-peptide linking' y ARGININE                                                 ?                               
'C6 H15 N4 O2 1'   175.209 
ASN 'L-peptide linking' y ASPARAGINE                                               ?                               'C4 H8 N2 O3' 
132.118 
ASP 'L-peptide linking' y 'ASPARTIC ACID'                                          ?                               'C4 H7 N O4' 
133.103 
CYS 'L-peptide linking' y CYSTEINE                                                 ?                               'C3 H7 N O2 S' 
121.158 
GLN 'L-peptide linking' y GLUTAMINE                                                ?                               'C5 H10 N2 O3' 
146.144 
GLU 'L-peptide linking' y 'GLUTAMIC ACID'                                          ?                               'C5 H9 N O4' 
147.129 
GLY 'peptide linking'   y GLYCINE                                                  ?                               'C2 H5 N O2' 
75.067  
GOL non-polymer         . GLYCEROL                                                 'GLYCERIN; PROPANE-1,2,3-TRIOL' 'C3 H8 O3' 
92.094  
HIS 'L-peptide linking' y HISTIDINE                                                ?                               
'C6 H10 N3 O2 1'   156.162 
HOH non-polymer         . WATER                                                    ?                               'H2 O' 18.015  
ILE 'L-peptide linking' y ISOLEUCINE                                               ?                               'C6 H13 N O2' 
131.173 
LEU 'L-peptide linking' y LEUCINE                                                  ?                               'C6 H13 N O2' 
131.173 
LYS 'L-peptide linking' y LYSINE                                                   ?                               
'C6 H15 N2 O2 1'   147.195 
MET 'L-peptide linking' y METHIONINE                                               ?                               'C5 H11 N O2 S' 
149.211 
PHE 'L-peptide linking' y PHENYLALANINE                                            ?                               'C9 H11 N O2' 
165.189 
PRO 'L-peptide linking' y PROLINE                                                  ?                               'C5 H9 N O2' 
115.130 
SER 'L-peptide linking' y SERINE                                                   ?                               'C3 H7 N O3' 
105.093 
T9J non-polymer         . 'Nalpha-acetyl-N-(3-bromoprop-2-yn-1-yl)-L-tyrosinamide' ?                               
'C14 H15 Br N2 O3' 339.185 
THR 'L-peptide linking' y THREONINE                                                ?                               'C4 H9 N O3' 
119.119 
TRP 'L-peptide linking' y TRYPTOPHAN                                               ?                               'C11 H12 N2 O2' 
204.225 
TYR 'L-peptide linking' y TYROSINE                                                 ?                               'C9 H11 N O3' 
181.189 
VAL 'L-peptide linking' y VALINE                                                   ?                               'C5 H11 N O2' 
117.146 
# 
loop_
_pdbx_poly_seq_scheme.asym_id 
_pdbx_poly_seq_scheme.entity_id 
_pdbx_poly_seq_scheme.seq_id 
_pdbx_poly_seq_scheme.mon_id 
_pdbx_poly_seq_scheme.ndb_seq_num 
_pdbx_poly_seq_scheme.pdb_seq_num 
_pdbx_poly_seq_scheme.auth_seq_num 
_pdbx_poly_seq_scheme.pdb_mon_id 
_pdbx_poly_seq_scheme.auth_mon_id 
_pdbx_poly_seq_scheme.pdb_strand_id 
_pdbx_poly_seq_scheme.pdb_ins_code 
_pdbx_poly_seq_scheme.hetero 
A 1 1   GLY 1   40  40  GLY GLY AAA . n 
A 1 2   SER 2   41  41  SER SER AAA . n 
A 1 3   HIS 3   42  42  HIS HIS AAA . n 
A 1 4   MET 4   43  43  MET MET AAA . n 
A 1 5   ASN 5   44  44  ASN ASN AAA . n 
A 1 6   PRO 6   45  45  PRO PRO AAA . n 
A 1 7   PRO 7   46  46  PRO PRO AAA . n 
A 1 8   PRO 8   47  47  PRO PRO AAA . n 
A 1 9   PRO 9   48  48  PRO PRO AAA . n 
A 1 10  GLU 10  49  49  GLU GLU AAA . n 
A 1 11  THR 11  50  50  THR THR AAA . n 
A 1 12  SER 12  51  51  SER SER AAA . n 
A 1 13  ASN 13  52  52  ASN ASN AAA . n 
A 1 14  PRO 14  53  53  PRO PRO AAA . n 
A 1 15  ASN 15  54  54  ASN ASN AAA . n 
A 1 16  LYS 16  55  55  LYS LYS AAA . n 
A 1 17  PRO 17  56  56  PRO PRO AAA . n 
A 1 18  LYS 18  57  57  LYS LYS AAA . n 
A 1 19  ARG 19  58  58  ARG ARG AAA . n 
A 1 20  GLN 20  59  59  GLN GLN AAA . n 
A 1 21  THR 21  60  60  THR THR AAA . n 
A 1 22  ASN 22  61  61  ASN ASN AAA . n 
A 1 23  GLN 23  62  62  GLN GLN AAA . n 
A 1 24  LEU 24  63  63  LEU LEU AAA . n 
A 1 25  GLN 25  64  64  GLN GLN AAA . n 
A 1 26  TYR 26  65  65  TYR TYR AAA . n 
A 1 27  LEU 27  66  66  LEU LEU AAA . n 
A 1 28  LEU 28  67  67  LEU LEU AAA . n 
A 1 29  ARG 29  68  68  ARG ARG AAA . n 
A 1 30  VAL 30  69  69  VAL VAL AAA . n 
A 1 31  VAL 31  70  70  VAL VAL AAA . n 
A 1 32  LEU 32  71  71  LEU LEU AAA . n 
A 1 33  LYS 33  72  72  LYS LYS AAA . n 
A 1 34  THR 34  73  73  THR THR AAA . n 
A 1 35  LEU 35  74  74  LEU LEU AAA . n 
A 1 36  TRP 36  75  75  TRP TRP AAA . n 
A 1 37  LYS 37  76  76  LYS LYS AAA . n 
A 1 38  HIS 38  77  77  HIS HIS AAA . n 
A 1 39  GLN 39  78  78  GLN GLN AAA . n 
A 1 40  PHE 40  79  79  PHE PHE AAA . n 
A 1 41  ALA 41  80  80  ALA ALA AAA . n 
A 1 42  TRP 42  81  81  TRP TRP AAA . n 
A 1 43  PRO 43  82  82  PRO PRO AAA . n 
A 1 44  PHE 44  83  83  PHE PHE AAA . n 
A 1 45  GLN 45  84  84  GLN GLN AAA . n 
A 1 46  GLN 46  85  85  GLN GLN AAA . n 
A 1 47  PRO 47  86  86  PRO PRO AAA . n 
A 1 48  VAL 48  87  87  VAL VAL AAA . n 
A 1 49  ASP 49  88  88  ASP ASP AAA . n 
A 1 50  ALA 50  89  89  ALA ALA AAA . n 
A 1 51  VAL 51  90  90  VAL VAL AAA . n 
A 1 52  LYS 52  91  91  LYS LYS AAA . n 
A 1 53  LEU 53  92  92  LEU LEU AAA . n 
A 1 54  ASN 54  93  93  ASN ASN AAA . n 
A 1 55  LEU 55  94  94  LEU LEU AAA . n 
A 1 56  PRO 56  95  95  PRO PRO AAA . n 
A 1 57  ASP 57  96  96  ASP ASP AAA . n 
A 1 58  TYR 58  97  97  TYR TYR AAA . n 
A 1 59  TYR 59  98  98  TYR TYR AAA . n 
A 1 60  LYS 60  99  99  LYS LYS AAA . n 
A 1 61  ILE 61  100 100 ILE ILE AAA . n 
A 1 62  ILE 62  101 101 ILE ILE AAA . n 
A 1 63  LYS 63  102 102 LYS LYS AAA . n 
A 1 64  THR 64  103 103 THR THR AAA . n 
A 1 65  PRO 65  104 104 PRO PRO AAA . n 
A 1 66  MET 66  105 105 MET MET AAA . n 
A 1 67  ASP 67  106 106 ASP ASP AAA . n 
A 1 68  MET 68  107 107 MET MET AAA . n 
A 1 69  GLY 69  108 108 GLY GLY AAA . n 
A 1 70  THR 70  109 109 THR THR AAA . n 
A 1 71  ILE 71  110 110 ILE ILE AAA . n 
A 1 72  LYS 72  111 111 LYS LYS AAA . n 
A 1 73  LYS 73  112 112 LYS LYS AAA . n 
A 1 74  ARG 74  113 113 ARG ARG AAA . n 
A 1 75  LEU 75  114 114 LEU LEU AAA . n 
A 1 76  GLU 76  115 115 GLU GLU AAA . n 
A 1 77  ASN 77  116 116 ASN ASN AAA . n 
A 1 78  ASN 78  117 117 ASN ASN AAA . n 
A 1 79  TYR 79  118 118 TYR TYR AAA . n 
A 1 80  TYR 80  119 119 TYR TYR AAA . n 
A 1 81  TRP 81  120 120 TRP TRP AAA . n 
A 1 82  ASN 82  121 121 ASN ASN AAA . n 
A 1 83  ALA 83  122 122 ALA ALA AAA . n 
A 1 84  GLN 84  123 123 GLN GLN AAA . n 
A 1 85  GLU 85  124 124 GLU GLU AAA . n 
A 1 86  CYS 86  125 125 CYS CYS AAA . n 
A 1 87  ILE 87  126 126 ILE ILE AAA . n 
A 1 88  GLN 88  127 127 GLN GLN AAA . n 
A 1 89  ASP 89  128 128 ASP ASP AAA . n 
A 1 90  PHE 90  129 129 PHE PHE AAA . n 
A 1 91  ASN 91  130 130 ASN ASN AAA . n 
A 1 92  THR 92  131 131 THR THR AAA . n 
A 1 93  MET 93  132 132 MET MET AAA . n 
A 1 94  PHE 94  133 133 PHE PHE AAA . n 
A 1 95  THR 95  134 134 THR THR AAA . n 
A 1 96  ASN 96  135 135 ASN ASN AAA . n 
A 1 97  CYS 97  136 136 CYS CYS AAA . n 
A 1 98  TYR 98  137 137 TYR TYR AAA . n 
A 1 99  ILE 99  138 138 ILE ILE AAA . n 
A 1 100 TYR 100 139 139 TYR TYR AAA . n 
A 1 101 ASN 101 140 140 ASN ASN AAA . n 
A 1 102 LYS 102 141 141 LYS LYS AAA . n 
A 1 103 PRO 103 142 142 PRO PRO AAA . n 
A 1 104 GLY 104 143 143 GLY GLY AAA . n 
A 1 105 ASP 105 144 144 ASP ASP AAA . n 
A 1 106 ASP 106 145 145 ASP ASP AAA . n 
A 1 107 ILE 107 146 146 ILE ILE AAA . n 
A 1 108 VAL 108 147 147 VAL VAL AAA . n 
A 1 109 LEU 109 148 148 LEU LEU AAA . n 
A 1 110 MET 110 149 149 MET MET AAA . n 
A 1 111 ALA 111 150 150 ALA ALA AAA . n 
A 1 112 GLU 112 151 151 GLU GLU AAA . n 
A 1 113 ALA 113 152 152 ALA ALA AAA . n 
A 1 114 LEU 114 153 153 LEU LEU AAA . n 
A 1 115 GLU 115 154 154 GLU GLU AAA . n 
A 1 116 LYS 116 155 155 LYS LYS AAA . n 
A 1 117 LEU 117 156 156 LEU LEU AAA . n 
A 1 118 PHE 118 157 157 PHE PHE AAA . n 
A 1 119 LEU 119 158 158 LEU LEU AAA . n 
A 1 120 GLN 120 159 159 GLN GLN AAA . n 
A 1 121 LYS 121 160 160 LYS LYS AAA . n 
A 1 122 ILE 122 161 161 ILE ILE AAA . n 
A 1 123 ASN 123 162 162 ASN ASN AAA . n 
A 1 124 GLU 124 163 163 GLU GLU AAA . n 
A 1 125 LEU 125 164 164 LEU LEU AAA . n 
A 1 126 PRO 126 165 165 PRO PRO AAA . n 
A 1 127 THR 127 166 166 THR THR AAA . n 
A 1 128 GLU 128 167 167 GLU GLU AAA . n 
A 1 129 GLU 129 168 168 GLU GLU AAA . n 
# 
loop_
_pdbx_nonpoly_scheme.asym_id 
_pdbx_nonpoly_scheme.entity_id 
_pdbx_nonpoly_scheme.mon_id 
_pdbx_nonpoly_scheme.ndb_seq_num 
_pdbx_nonpoly_scheme.pdb_seq_num 
_pdbx_nonpoly_scheme.auth_seq_num 
_pdbx_nonpoly_scheme.pdb_mon_id 
_pdbx_nonpoly_scheme.auth_mon_id 
_pdbx_nonpoly_scheme.pdb_strand_id 
_pdbx_nonpoly_scheme.pdb_ins_code 
B 2 T9J 1   201 1   T9J DRG AAA . 
C 3 GOL 1   202 1   GOL GOL AAA . 
D 4 HOH 1   301 108 HOH HOH AAA . 
D 4 HOH 2   302 71  HOH HOH AAA . 
D 4 HOH 3   303 88  HOH HOH AAA . 
D 4 HOH 4   304 79  HOH HOH AAA . 
D 4 HOH 5   305 169 HOH HOH AAA . 
D 4 HOH 6   306 113 HOH HOH AAA . 
D 4 HOH 7   307 203 HOH HOH AAA . 
D 4 HOH 8   308 175 HOH HOH AAA . 
D 4 HOH 9   309 38  HOH HOH AAA . 
D 4 HOH 10  310 14  HOH HOH AAA . 
D 4 HOH 11  311 109 HOH HOH AAA . 
D 4 HOH 12  312 116 HOH HOH AAA . 
D 4 HOH 13  313 121 HOH HOH AAA . 
D 4 HOH 14  314 53  HOH HOH AAA . 
D 4 HOH 15  315 66  HOH HOH AAA . 
D 4 HOH 16  316 25  HOH HOH AAA . 
D 4 HOH 17  317 110 HOH HOH AAA . 
D 4 HOH 18  318 171 HOH HOH AAA . 
D 4 HOH 19  319 40  HOH HOH AAA . 
D 4 HOH 20  320 11  HOH HOH AAA . 
D 4 HOH 21  321 139 HOH HOH AAA . 
D 4 HOH 22  322 177 HOH HOH AAA . 
D 4 HOH 23  323 58  HOH HOH AAA . 
D 4 HOH 24  324 27  HOH HOH AAA . 
D 4 HOH 25  325 195 HOH HOH AAA . 
D 4 HOH 26  326 51  HOH HOH AAA . 
D 4 HOH 27  327 102 HOH HOH AAA . 
D 4 HOH 28  328 52  HOH HOH AAA . 
D 4 HOH 29  329 50  HOH HOH AAA . 
D 4 HOH 30  330 10  HOH HOH AAA . 
D 4 HOH 31  331 4   HOH HOH AAA . 
D 4 HOH 32  332 82  HOH HOH AAA . 
D 4 HOH 33  333 19  HOH HOH AAA . 
D 4 HOH 34  334 46  HOH HOH AAA . 
D 4 HOH 35  335 47  HOH HOH AAA . 
D 4 HOH 36  336 148 HOH HOH AAA . 
D 4 HOH 37  337 26  HOH HOH AAA . 
D 4 HOH 38  338 55  HOH HOH AAA . 
D 4 HOH 39  339 54  HOH HOH AAA . 
D 4 HOH 40  340 62  HOH HOH AAA . 
D 4 HOH 41  341 90  HOH HOH AAA . 
D 4 HOH 42  342 70  HOH HOH AAA . 
D 4 HOH 43  343 164 HOH HOH AAA . 
D 4 HOH 44  344 69  HOH HOH AAA . 
D 4 HOH 45  345 165 HOH HOH AAA . 
D 4 HOH 46  346 136 HOH HOH AAA . 
D 4 HOH 47  347 39  HOH HOH AAA . 
D 4 HOH 48  348 111 HOH HOH AAA . 
D 4 HOH 49  349 6   HOH HOH AAA . 
D 4 HOH 50  350 168 HOH HOH AAA . 
D 4 HOH 51  351 170 HOH HOH AAA . 
D 4 HOH 52  352 117 HOH HOH AAA . 
D 4 HOH 53  353 2   HOH HOH AAA . 
D 4 HOH 54  354 37  HOH HOH AAA . 
D 4 HOH 55  355 204 HOH HOH AAA . 
D 4 HOH 56  356 83  HOH HOH AAA . 
D 4 HOH 57  357 49  HOH HOH AAA . 
D 4 HOH 58  358 122 HOH HOH AAA . 
D 4 HOH 59  359 57  HOH HOH AAA . 
D 4 HOH 60  360 8   HOH HOH AAA . 
D 4 HOH 61  361 92  HOH HOH AAA . 
D 4 HOH 62  362 13  HOH HOH AAA . 
D 4 HOH 63  363 17  HOH HOH AAA . 
D 4 HOH 64  364 22  HOH HOH AAA . 
D 4 HOH 65  365 67  HOH HOH AAA . 
D 4 HOH 66  366 197 HOH HOH AAA . 
D 4 HOH 67  367 137 HOH HOH AAA . 
D 4 HOH 68  368 196 HOH HOH AAA . 
D 4 HOH 69  369 44  HOH HOH AAA . 
D 4 HOH 70  370 103 HOH HOH AAA . 
D 4 HOH 71  371 43  HOH HOH AAA . 
D 4 HOH 72  372 7   HOH HOH AAA . 
D 4 HOH 73  373 12  HOH HOH AAA . 
D 4 HOH 74  374 56  HOH HOH AAA . 
D 4 HOH 75  375 80  HOH HOH AAA . 
D 4 HOH 76  376 34  HOH HOH AAA . 
D 4 HOH 77  377 31  HOH HOH AAA . 
D 4 HOH 78  378 65  HOH HOH AAA . 
D 4 HOH 79  379 33  HOH HOH AAA . 
D 4 HOH 80  380 21  HOH HOH AAA . 
D 4 HOH 81  381 63  HOH HOH AAA . 
D 4 HOH 82  382 68  HOH HOH AAA . 
D 4 HOH 83  383 5   HOH HOH AAA . 
D 4 HOH 84  384 153 HOH HOH AAA . 
D 4 HOH 85  385 23  HOH HOH AAA . 
D 4 HOH 86  386 107 HOH HOH AAA . 
D 4 HOH 87  387 9   HOH HOH AAA . 
D 4 HOH 88  388 93  HOH HOH AAA . 
D 4 HOH 89  389 172 HOH HOH AAA . 
D 4 HOH 90  390 1   HOH HOH AAA . 
D 4 HOH 91  391 45  HOH HOH AAA . 
D 4 HOH 92  392 35  HOH HOH AAA . 
D 4 HOH 93  393 100 HOH HOH AAA . 
D 4 HOH 94  394 20  HOH HOH AAA . 
D 4 HOH 95  395 133 HOH HOH AAA . 
D 4 HOH 96  396 41  HOH HOH AAA . 
D 4 HOH 97  397 3   HOH HOH AAA . 
D 4 HOH 98  398 95  HOH HOH AAA . 
D 4 HOH 99  399 151 HOH HOH AAA . 
D 4 HOH 100 400 36  HOH HOH AAA . 
D 4 HOH 101 401 101 HOH HOH AAA . 
D 4 HOH 102 402 28  HOH HOH AAA . 
D 4 HOH 103 403 200 HOH HOH AAA . 
D 4 HOH 104 404 174 HOH HOH AAA . 
D 4 HOH 105 405 104 HOH HOH AAA . 
D 4 HOH 106 406 18  HOH HOH AAA . 
D 4 HOH 107 407 105 HOH HOH AAA . 
D 4 HOH 108 408 74  HOH HOH AAA . 
D 4 HOH 109 409 201 HOH HOH AAA . 
D 4 HOH 110 410 140 HOH HOH AAA . 
D 4 HOH 111 411 198 HOH HOH AAA . 
D 4 HOH 112 412 15  HOH HOH AAA . 
D 4 HOH 113 413 141 HOH HOH AAA . 
D 4 HOH 114 414 154 HOH HOH AAA . 
D 4 HOH 115 415 86  HOH HOH AAA . 
D 4 HOH 116 416 115 HOH HOH AAA . 
D 4 HOH 117 417 162 HOH HOH AAA . 
D 4 HOH 118 418 202 HOH HOH AAA . 
D 4 HOH 119 419 76  HOH HOH AAA . 
D 4 HOH 120 420 48  HOH HOH AAA . 
D 4 HOH 121 421 173 HOH HOH AAA . 
D 4 HOH 122 422 159 HOH HOH AAA . 
D 4 HOH 123 423 87  HOH HOH AAA . 
D 4 HOH 124 424 75  HOH HOH AAA . 
D 4 HOH 125 425 127 HOH HOH AAA . 
D 4 HOH 126 426 73  HOH HOH AAA . 
D 4 HOH 127 427 142 HOH HOH AAA . 
D 4 HOH 128 428 72  HOH HOH AAA . 
D 4 HOH 129 429 30  HOH HOH AAA . 
D 4 HOH 130 430 60  HOH HOH AAA . 
D 4 HOH 131 431 149 HOH HOH AAA . 
D 4 HOH 132 432 167 HOH HOH AAA . 
D 4 HOH 133 433 134 HOH HOH AAA . 
D 4 HOH 134 434 29  HOH HOH AAA . 
D 4 HOH 135 435 123 HOH HOH AAA . 
D 4 HOH 136 436 132 HOH HOH AAA . 
D 4 HOH 137 437 131 HOH HOH AAA . 
D 4 HOH 138 438 199 HOH HOH AAA . 
D 4 HOH 139 439 191 HOH HOH AAA . 
D 4 HOH 140 440 189 HOH HOH AAA . 
D 4 HOH 141 441 84  HOH HOH AAA . 
D 4 HOH 142 442 163 HOH HOH AAA . 
D 4 HOH 143 443 187 HOH HOH AAA . 
D 4 HOH 144 444 78  HOH HOH AAA . 
D 4 HOH 145 445 138 HOH HOH AAA . 
D 4 HOH 146 446 194 HOH HOH AAA . 
D 4 HOH 147 447 85  HOH HOH AAA . 
# 
loop_
_software.citation_id 
_software.classification 
_software.compiler_name 
_software.compiler_version 
_software.contact_author 
_software.contact_author_email 
_software.date 
_software.description 
_software.dependencies 
_software.hardware 
_software.language 
_software.location 
_software.mods 
_software.name 
_software.os 
_software.os_version 
_software.type 
_software.version 
_software.pdbx_ordinal 
? refinement       ? ? ? ? ? ? ? ? ? ? ? REFMAC  ? ? ? 5.8.0258 1 
? refinement       ? ? ? ? ? ? ? ? ? ? ? REFMAC  ? ? ? 5.8.0258 2 
? 'data scaling'   ? ? ? ? ? ? ? ? ? ? ? Aimless ? ? ? 0.7.4    3 
? 'data reduction' ? ? ? ? ? ? ? ? ? ? ? xia2    ? ? ? .        4 
? phasing          ? ? ? ? ? ? ? ? ? ? ? PHASER  ? ? ? .        5 
# 
_cell.angle_alpha                  90.000 
_cell.angle_alpha_esd              ? 
_cell.angle_beta                   90.000 
_cell.angle_beta_esd               ? 
_cell.angle_gamma                  90.000 
_cell.angle_gamma_esd              ? 
_cell.entry_id                     7ZG1 
_cell.details                      ? 
_cell.formula_units_Z              ? 
_cell.length_a                     37.620 
_cell.length_a_esd                 ? 
_cell.length_b                     43.171 
_cell.length_b_esd                 ? 
_cell.length_c                     79.418 
_cell.length_c_esd                 ? 
_cell.volume                       ? 
_cell.volume_esd                   ? 
_cell.Z_PDB                        4 
_cell.reciprocal_angle_alpha       ? 
_cell.reciprocal_angle_beta        ? 
_cell.reciprocal_angle_gamma       ? 
_cell.reciprocal_angle_alpha_esd   ? 
_cell.reciprocal_angle_beta_esd    ? 
_cell.reciprocal_angle_gamma_esd   ? 
_cell.reciprocal_length_a          ? 
_cell.reciprocal_length_b          ? 
_cell.reciprocal_length_c          ? 
_cell.reciprocal_length_a_esd      ? 
_cell.reciprocal_length_b_esd      ? 
_cell.reciprocal_length_c_esd      ? 
_cell.pdbx_unique_axis             ? 
# 
_symmetry.entry_id                         7ZG1 
_symmetry.cell_setting                     ? 
_symmetry.Int_Tables_number                19 
_symmetry.space_group_name_Hall            ? 
_symmetry.space_group_name_H-M             'P 21 21 21' 
_symmetry.pdbx_full_space_group_name_H-M   ? 
# 
_exptl.absorpt_coefficient_mu     ? 
_exptl.absorpt_correction_T_max   ? 
_exptl.absorpt_correction_T_min   ? 
_exptl.absorpt_correction_type    ? 
_exptl.absorpt_process_details    ? 
_exptl.entry_id                   7ZG1 
_exptl.crystals_number            1 
_exptl.details                    ? 
_exptl.method                     'X-RAY DIFFRACTION' 
_exptl.method_details             ? 
# 
_exptl_crystal.colour                      ? 
_exptl_crystal.density_diffrn              ? 
_exptl_crystal.density_Matthews            2.11 
_exptl_crystal.density_method              ? 
_exptl_crystal.density_percent_sol         41.66 
_exptl_crystal.description                 ? 
_exptl_crystal.F_000                       ? 
_exptl_crystal.id                          1 
_exptl_crystal.preparation                 ? 
_exptl_crystal.size_max                    ? 
_exptl_crystal.size_mid                    ? 
_exptl_crystal.size_min                    ? 
_exptl_crystal.size_rad                    ? 
_exptl_crystal.colour_lustre               ? 
_exptl_crystal.colour_modifier             ? 
_exptl_crystal.colour_primary              ? 
_exptl_crystal.density_meas                ? 
_exptl_crystal.density_meas_esd            ? 
_exptl_crystal.density_meas_gt             ? 
_exptl_crystal.density_meas_lt             ? 
_exptl_crystal.density_meas_temp           ? 
_exptl_crystal.density_meas_temp_esd       ? 
_exptl_crystal.density_meas_temp_gt        ? 
_exptl_crystal.density_meas_temp_lt        ? 
_exptl_crystal.pdbx_crystal_image_url      ? 
_exptl_crystal.pdbx_crystal_image_format   ? 
_exptl_crystal.pdbx_mosaicity              ? 
_exptl_crystal.pdbx_mosaicity_esd          ? 
# 
_exptl_crystal_grow.apparatus       ? 
_exptl_crystal_grow.atmosphere      ? 
_exptl_crystal_grow.crystal_id      1 
_exptl_crystal_grow.details         ? 
_exptl_crystal_grow.method          'VAPOR DIFFUSION, SITTING DROP' 
_exptl_crystal_grow.method_ref      ? 
_exptl_crystal_grow.pH              8.5 
_exptl_crystal_grow.pressure        ? 
_exptl_crystal_grow.pressure_esd    ? 
_exptl_crystal_grow.seeding         ? 
_exptl_crystal_grow.seeding_ref     ? 
_exptl_crystal_grow.temp            293 
_exptl_crystal_grow.temp_details    ? 
_exptl_crystal_grow.temp_esd        ? 
_exptl_crystal_grow.time            ? 
_exptl_crystal_grow.pdbx_details    
;0.1 M Buffer system 3 (1 M Tris, 1 M BICINE, pH 8.5), 34-44% Precipitant Solution 3 (20% PEG 4000, 40%) and 60-80 mM Halogens Mix (NaF, NaBr and NaI) solution
;
_exptl_crystal_grow.pdbx_pH_range   ? 
# 
_diffrn.ambient_environment              ? 
_diffrn.ambient_temp                     100 
_diffrn.ambient_temp_details             ? 
_diffrn.ambient_temp_esd                 ? 
_diffrn.crystal_id                       1 
_diffrn.crystal_support                  ? 
_diffrn.crystal_treatment                ? 
_diffrn.details                          ? 
_diffrn.id                               1 
_diffrn.ambient_pressure                 ? 
_diffrn.ambient_pressure_esd             ? 
_diffrn.ambient_pressure_gt              ? 
_diffrn.ambient_pressure_lt              ? 
_diffrn.ambient_temp_gt                  ? 
_diffrn.ambient_temp_lt                  ? 
_diffrn.pdbx_serial_crystal_experiment   N 
# 
_diffrn_detector.details                      ? 
_diffrn_detector.detector                     PIXEL 
_diffrn_detector.diffrn_id                    1 
_diffrn_detector.type                         'DECTRIS PILATUS 6M' 
_diffrn_detector.area_resol_mean              ? 
_diffrn_detector.dtime                        ? 
_diffrn_detector.pdbx_frames_total            ? 
_diffrn_detector.pdbx_collection_time_total   ? 
_diffrn_detector.pdbx_collection_date         2019-09-25 
_diffrn_detector.pdbx_frequency               ? 
# 
_diffrn_radiation.collimation                      ? 
_diffrn_radiation.diffrn_id                        1 
_diffrn_radiation.filter_edge                      ? 
_diffrn_radiation.inhomogeneity                    ? 
_diffrn_radiation.monochromator                    ? 
_diffrn_radiation.polarisn_norm                    ? 
_diffrn_radiation.polarisn_ratio                   ? 
_diffrn_radiation.probe                            ? 
_diffrn_radiation.type                             ? 
_diffrn_radiation.xray_symbol                      ? 
_diffrn_radiation.wavelength_id                    1 
_diffrn_radiation.pdbx_monochromatic_or_laue_m_l   M 
_diffrn_radiation.pdbx_wavelength_list             ? 
_diffrn_radiation.pdbx_wavelength                  ? 
_diffrn_radiation.pdbx_diffrn_protocol             'SINGLE WAVELENGTH' 
_diffrn_radiation.pdbx_analyzer                    ? 
_diffrn_radiation.pdbx_scattering_type             x-ray 
# 
_diffrn_radiation_wavelength.id           1 
_diffrn_radiation_wavelength.wavelength   0.911635 
_diffrn_radiation_wavelength.wt           1.0 
# 
_diffrn_source.current                     ? 
_diffrn_source.details                     ? 
_diffrn_source.diffrn_id                   1 
_diffrn_source.power                       ? 
_diffrn_source.size                        ? 
_diffrn_source.source                      SYNCHROTRON 
_diffrn_source.target                      ? 
_diffrn_source.type                        'DIAMOND BEAMLINE I04-1' 
_diffrn_source.voltage                     ? 
_diffrn_source.take-off_angle              ? 
_diffrn_source.pdbx_wavelength_list        0.911635 
_diffrn_source.pdbx_wavelength             ? 
_diffrn_source.pdbx_synchrotron_beamline   I04-1 
_diffrn_source.pdbx_synchrotron_site       Diamond 
# 
_reflns.B_iso_Wilson_estimate                          ? 
_reflns.entry_id                                       7ZG1 
_reflns.data_reduction_details                         ? 
_reflns.data_reduction_method                          ? 
_reflns.d_resolution_high                              1.16 
_reflns.d_resolution_low                               39.71 
_reflns.details                                        ? 
_reflns.limit_h_max                                    ? 
_reflns.limit_h_min                                    ? 
_reflns.limit_k_max                                    ? 
_reflns.limit_k_min                                    ? 
_reflns.limit_l_max                                    ? 
_reflns.limit_l_min                                    ? 
_reflns.number_all                                     ? 
_reflns.number_obs                                     45643 
_reflns.observed_criterion                             ? 
_reflns.observed_criterion_F_max                       ? 
_reflns.observed_criterion_F_min                       ? 
_reflns.observed_criterion_I_max                       ? 
_reflns.observed_criterion_I_min                       ? 
_reflns.observed_criterion_sigma_F                     ? 
_reflns.observed_criterion_sigma_I                     ? 
_reflns.percent_possible_obs                           100.0 
_reflns.R_free_details                                 ? 
_reflns.Rmerge_F_all                                   ? 
_reflns.Rmerge_F_obs                                   ? 
_reflns.Friedel_coverage                               ? 
_reflns.number_gt                                      ? 
_reflns.threshold_expression                           ? 
_reflns.pdbx_redundancy                                12.6 
_reflns.pdbx_Rmerge_I_obs                              0.094 
_reflns.pdbx_Rmerge_I_all                              ? 
_reflns.pdbx_Rsym_value                                ? 
_reflns.pdbx_netI_over_av_sigmaI                       ? 
_reflns.pdbx_netI_over_sigmaI                          8.9 
_reflns.pdbx_res_netI_over_av_sigmaI_2                 ? 
_reflns.pdbx_res_netI_over_sigmaI_2                    ? 
_reflns.pdbx_chi_squared                               ? 
_reflns.pdbx_scaling_rejects                           ? 
_reflns.pdbx_d_res_high_opt                            ? 
_reflns.pdbx_d_res_low_opt                             ? 
_reflns.pdbx_d_res_opt_method                          ? 
_reflns.phase_calculation_details                      ? 
_reflns.pdbx_Rrim_I_all                                0.102 
_reflns.pdbx_Rpim_I_all                                0.039 
_reflns.pdbx_d_opt                                     ? 
_reflns.pdbx_number_measured_all                       ? 
_reflns.pdbx_diffrn_id                                 1 
_reflns.pdbx_ordinal                                   1 
_reflns.pdbx_CC_half                                   0.999 
_reflns.pdbx_CC_star                                   ? 
_reflns.pdbx_R_split                                   ? 
_reflns.pdbx_aniso_diffraction_limit_axis_1_ortho[1]   ? 
_reflns.pdbx_aniso_diffraction_limit_axis_1_ortho[2]   ? 
_reflns.pdbx_aniso_diffraction_limit_axis_1_ortho[3]   ? 
_reflns.pdbx_aniso_diffraction_limit_axis_2_ortho[1]   ? 
_reflns.pdbx_aniso_diffraction_limit_axis_2_ortho[2]   ? 
_reflns.pdbx_aniso_diffraction_limit_axis_2_ortho[3]   ? 
_reflns.pdbx_aniso_diffraction_limit_axis_3_ortho[1]   ? 
_reflns.pdbx_aniso_diffraction_limit_axis_3_ortho[2]   ? 
_reflns.pdbx_aniso_diffraction_limit_axis_3_ortho[3]   ? 
_reflns.pdbx_aniso_diffraction_limit_1                 ? 
_reflns.pdbx_aniso_diffraction_limit_2                 ? 
_reflns.pdbx_aniso_diffraction_limit_3                 ? 
_reflns.pdbx_aniso_B_tensor_eigenvector_1_ortho[1]     ? 
_reflns.pdbx_aniso_B_tensor_eigenvector_1_ortho[2]     ? 
_reflns.pdbx_aniso_B_tensor_eigenvector_1_ortho[3]     ? 
_reflns.pdbx_aniso_B_tensor_eigenvector_2_ortho[1]     ? 
_reflns.pdbx_aniso_B_tensor_eigenvector_2_ortho[2]     ? 
_reflns.pdbx_aniso_B_tensor_eigenvector_2_ortho[3]     ? 
_reflns.pdbx_aniso_B_tensor_eigenvector_3_ortho[1]     ? 
_reflns.pdbx_aniso_B_tensor_eigenvector_3_ortho[2]     ? 
_reflns.pdbx_aniso_B_tensor_eigenvector_3_ortho[3]     ? 
_reflns.pdbx_aniso_B_tensor_eigenvalue_1               ? 
_reflns.pdbx_aniso_B_tensor_eigenvalue_2               ? 
_reflns.pdbx_aniso_B_tensor_eigenvalue_3               ? 
_reflns.pdbx_orthogonalization_convention              ? 
_reflns.pdbx_percent_possible_ellipsoidal              ? 
_reflns.pdbx_percent_possible_spherical                ? 
_reflns.pdbx_percent_possible_ellipsoidal_anomalous    ? 
_reflns.pdbx_percent_possible_spherical_anomalous      ? 
_reflns.pdbx_redundancy_anomalous                      ? 
_reflns.pdbx_CC_half_anomalous                         ? 
_reflns.pdbx_absDiff_over_sigma_anomalous              ? 
_reflns.pdbx_percent_possible_anomalous                ? 
_reflns.pdbx_observed_signal_threshold                 ? 
_reflns.pdbx_signal_type                               ? 
_reflns.pdbx_signal_details                            ? 
_reflns.pdbx_signal_software_id                        ? 
# 
loop_
_reflns_shell.d_res_high 
_reflns_shell.d_res_low 
_reflns_shell.meanI_over_sigI_all 
_reflns_shell.meanI_over_sigI_obs 
_reflns_shell.number_measured_all 
_reflns_shell.number_measured_obs 
_reflns_shell.number_possible 
_reflns_shell.number_unique_all 
_reflns_shell.number_unique_obs 
_reflns_shell.percent_possible_all 
_reflns_shell.percent_possible_obs 
_reflns_shell.Rmerge_F_all 
_reflns_shell.Rmerge_F_obs 
_reflns_shell.Rmerge_I_all 
_reflns_shell.Rmerge_I_obs 
_reflns_shell.meanI_over_sigI_gt 
_reflns_shell.meanI_over_uI_all 
_reflns_shell.meanI_over_uI_gt 
_reflns_shell.number_measured_gt 
_reflns_shell.number_unique_gt 
_reflns_shell.percent_possible_gt 
_reflns_shell.Rmerge_F_gt 
_reflns_shell.Rmerge_I_gt 
_reflns_shell.pdbx_redundancy 
_reflns_shell.pdbx_Rsym_value 
_reflns_shell.pdbx_chi_squared 
_reflns_shell.pdbx_netI_over_sigmaI_all 
_reflns_shell.pdbx_netI_over_sigmaI_obs 
_reflns_shell.pdbx_Rrim_I_all 
_reflns_shell.pdbx_Rpim_I_all 
_reflns_shell.pdbx_rejects 
_reflns_shell.pdbx_ordinal 
_reflns_shell.pdbx_diffrn_id 
_reflns_shell.pdbx_CC_half 
_reflns_shell.pdbx_CC_star 
_reflns_shell.pdbx_R_split 
_reflns_shell.pdbx_percent_possible_ellipsoidal 
_reflns_shell.pdbx_percent_possible_spherical 
_reflns_shell.pdbx_percent_possible_ellipsoidal_anomalous 
_reflns_shell.pdbx_percent_possible_spherical_anomalous 
_reflns_shell.pdbx_redundancy_anomalous 
_reflns_shell.pdbx_CC_half_anomalous 
_reflns_shell.pdbx_absDiff_over_sigma_anomalous 
_reflns_shell.pdbx_percent_possible_anomalous 
6.35 39.71 ? ? ? ? ? ? 343  ? ? ? ? ? 0.034 ? ? ? ? ? ? ? ? 10.6 ? ? ? ? 0.037 0.014 ? 1 1 0.998 ? ? ? ? ? ? ? ? ? ? 
1.16 1.18  ? ? ? ? ? ? 2218 ? ? ? ? ? 5.685 ? ? ? ? ? ? ? ? 12.8 ? ? ? ? 6.172 2.384 ? 2 1 0.398 ? ? ? ? ? ? ? ? ? ? 
# 
_refine.aniso_B[1][1]                            2.454 
_refine.aniso_B[1][2]                            0.000 
_refine.aniso_B[1][3]                            -0.000 
_refine.aniso_B[2][2]                            -1.961 
_refine.aniso_B[2][3]                            0.000 
_refine.aniso_B[3][3]                            -0.494 
_refine.B_iso_max                                ? 
_refine.B_iso_mean                               24.350 
_refine.B_iso_min                                ? 
_refine.correlation_coeff_Fo_to_Fc               0.968 
_refine.correlation_coeff_Fo_to_Fc_free          0.963 
_refine.details                                  'Hydrogens have been added in their riding positions' 
_refine.diff_density_max                         ? 
_refine.diff_density_max_esd                     ? 
_refine.diff_density_min                         ? 
_refine.diff_density_min_esd                     ? 
_refine.diff_density_rms                         ? 
_refine.diff_density_rms_esd                     ? 
_refine.entry_id                                 7ZG1 
_refine.pdbx_refine_id                           'X-RAY DIFFRACTION' 
_refine.ls_abs_structure_details                 ? 
_refine.ls_abs_structure_Flack                   ? 
_refine.ls_abs_structure_Flack_esd               ? 
_refine.ls_abs_structure_Rogers                  ? 
_refine.ls_abs_structure_Rogers_esd              ? 
_refine.ls_d_res_high                            1.160 
_refine.ls_d_res_low                             39.71 
_refine.ls_extinction_coef                       ? 
_refine.ls_extinction_coef_esd                   ? 
_refine.ls_extinction_expression                 ? 
_refine.ls_extinction_method                     ? 
_refine.ls_goodness_of_fit_all                   ? 
_refine.ls_goodness_of_fit_all_esd               ? 
_refine.ls_goodness_of_fit_obs                   ? 
_refine.ls_goodness_of_fit_obs_esd               ? 
_refine.ls_hydrogen_treatment                    ? 
_refine.ls_matrix_type                           ? 
_refine.ls_number_constraints                    ? 
_refine.ls_number_parameters                     ? 
_refine.ls_number_reflns_all                     ? 
_refine.ls_number_reflns_obs                     45571 
_refine.ls_number_reflns_R_free                  2248 
_refine.ls_number_reflns_R_work                  43323 
_refine.ls_number_restraints                     ? 
_refine.ls_percent_reflns_obs                    99.947 
_refine.ls_percent_reflns_R_free                 4.933 
_refine.ls_R_factor_all                          0.230 
_refine.ls_R_factor_obs                          ? 
_refine.ls_R_factor_R_free                       0.2502 
_refine.ls_R_factor_R_free_error                 ? 
_refine.ls_R_factor_R_free_error_details         ? 
_refine.ls_R_factor_R_work                       0.2290 
_refine.ls_R_Fsqd_factor_obs                     ? 
_refine.ls_R_I_factor_obs                        ? 
_refine.ls_redundancy_reflns_all                 ? 
_refine.ls_redundancy_reflns_obs                 ? 
_refine.ls_restrained_S_all                      ? 
_refine.ls_restrained_S_obs                      ? 
_refine.ls_shift_over_esd_max                    ? 
_refine.ls_shift_over_esd_mean                   ? 
_refine.ls_structure_factor_coef                 ? 
_refine.ls_weighting_details                     ? 
_refine.ls_weighting_scheme                      ? 
_refine.ls_wR_factor_all                         ? 
_refine.ls_wR_factor_obs                         ? 
_refine.ls_wR_factor_R_free                      ? 
_refine.ls_wR_factor_R_work                      ? 
_refine.occupancy_max                            ? 
_refine.occupancy_min                            ? 
_refine.solvent_model_details                    'MASK BULK SOLVENT' 
_refine.solvent_model_param_bsol                 ? 
_refine.solvent_model_param_ksol                 ? 
_refine.pdbx_R_complete                          ? 
_refine.ls_R_factor_gt                           ? 
_refine.ls_goodness_of_fit_gt                    ? 
_refine.ls_goodness_of_fit_ref                   ? 
_refine.ls_shift_over_su_max                     ? 
_refine.ls_shift_over_su_max_lt                  ? 
_refine.ls_shift_over_su_mean                    ? 
_refine.ls_shift_over_su_mean_lt                 ? 
_refine.pdbx_ls_sigma_I                          ? 
_refine.pdbx_ls_sigma_F                          ? 
_refine.pdbx_ls_sigma_Fsqd                       ? 
_refine.pdbx_data_cutoff_high_absF               ? 
_refine.pdbx_data_cutoff_high_rms_absF           ? 
_refine.pdbx_data_cutoff_low_absF                ? 
_refine.pdbx_isotropic_thermal_model             ? 
_refine.pdbx_ls_cross_valid_method               'FREE R-VALUE' 
_refine.pdbx_method_to_determine_struct          'MOLECULAR REPLACEMENT' 
_refine.pdbx_starting_model                      5LRQ 
_refine.pdbx_stereochemistry_target_values       ? 
_refine.pdbx_R_Free_selection_details            ? 
_refine.pdbx_stereochem_target_val_spec_case     ? 
_refine.pdbx_overall_ESU_R                       0.049 
_refine.pdbx_overall_ESU_R_Free                  0.050 
_refine.pdbx_solvent_vdw_probe_radii             1.200 
_refine.pdbx_solvent_ion_probe_radii             0.800 
_refine.pdbx_solvent_shrinkage_radii             0.800 
_refine.pdbx_real_space_R                        ? 
_refine.pdbx_density_correlation                 ? 
_refine.pdbx_pd_number_of_powder_patterns        ? 
_refine.pdbx_pd_number_of_points                 ? 
_refine.pdbx_pd_meas_number_of_points            ? 
_refine.pdbx_pd_proc_ls_prof_R_factor            ? 
_refine.pdbx_pd_proc_ls_prof_wR_factor           ? 
_refine.pdbx_pd_Marquardt_correlation_coeff      ? 
_refine.pdbx_pd_Fsqrd_R_factor                   ? 
_refine.pdbx_pd_ls_matrix_band_width             ? 
_refine.pdbx_overall_phase_error                 ? 
_refine.pdbx_overall_SU_R_free_Cruickshank_DPI   ? 
_refine.pdbx_overall_SU_R_free_Blow_DPI          ? 
_refine.pdbx_overall_SU_R_Blow_DPI               ? 
_refine.pdbx_TLS_residual_ADP_flag               ? 
_refine.pdbx_diffrn_id                           1 
_refine.overall_SU_B                             1.839 
_refine.overall_SU_ML                            0.073 
_refine.overall_SU_R_Cruickshank_DPI             ? 
_refine.overall_SU_R_free                        ? 
_refine.overall_FOM_free_R_set                   ? 
_refine.overall_FOM_work_R_set                   ? 
_refine.pdbx_average_fsc_overall                 ? 
_refine.pdbx_average_fsc_work                    ? 
_refine.pdbx_average_fsc_free                    ? 
# 
_refine_hist.pdbx_refine_id                   'X-RAY DIFFRACTION' 
_refine_hist.cycle_id                         LAST 
_refine_hist.details                          ? 
_refine_hist.d_res_high                       1.160 
_refine_hist.d_res_low                        39.71 
_refine_hist.number_atoms_solvent             147 
_refine_hist.number_atoms_total               1249 
_refine_hist.number_reflns_all                ? 
_refine_hist.number_reflns_obs                ? 
_refine_hist.number_reflns_R_free             ? 
_refine_hist.number_reflns_R_work             ? 
_refine_hist.R_factor_all                     ? 
_refine_hist.R_factor_obs                     ? 
_refine_hist.R_factor_R_free                  ? 
_refine_hist.R_factor_R_work                  ? 
_refine_hist.pdbx_number_residues_total       ? 
_refine_hist.pdbx_B_iso_mean_ligand           ? 
_refine_hist.pdbx_B_iso_mean_solvent          ? 
_refine_hist.pdbx_number_atoms_protein        1076 
_refine_hist.pdbx_number_atoms_nucleic_acid   0 
_refine_hist.pdbx_number_atoms_ligand         26 
_refine_hist.pdbx_number_atoms_lipid          ? 
_refine_hist.pdbx_number_atoms_carb           ? 
_refine_hist.pdbx_pseudo_atom_details         ? 
# 
loop_
_refine_ls_restr.pdbx_refine_id 
_refine_ls_restr.criterion 
_refine_ls_restr.dev_ideal 
_refine_ls_restr.dev_ideal_target 
_refine_ls_restr.number 
_refine_ls_restr.rejects 
_refine_ls_restr.type 
_refine_ls_restr.weight 
_refine_ls_restr.pdbx_restraint_function 
'X-RAY DIFFRACTION' ? 0.009  0.012  1137 ? r_bond_refined_d               ? ? 
'X-RAY DIFFRACTION' ? 1.830  1.658  1545 ? r_angle_refined_deg            ? ? 
'X-RAY DIFFRACTION' ? 5.830  5.000  130  ? r_dihedral_angle_1_deg         ? ? 
'X-RAY DIFFRACTION' ? 38.747 24.500 60   ? r_dihedral_angle_2_deg         ? ? 
'X-RAY DIFFRACTION' ? 13.330 15.000 199  ? r_dihedral_angle_3_deg         ? ? 
'X-RAY DIFFRACTION' ? 25.320 15.000 3    ? r_dihedral_angle_4_deg         ? ? 
'X-RAY DIFFRACTION' ? 0.117  0.200  144  ? r_chiral_restr                 ? ? 
'X-RAY DIFFRACTION' ? 0.012  0.020  879  ? r_gen_planes_refined           ? ? 
'X-RAY DIFFRACTION' ? 0.241  0.200  614  ? r_nbd_refined                  ? ? 
'X-RAY DIFFRACTION' ? 0.327  0.200  784  ? r_nbtor_refined                ? ? 
'X-RAY DIFFRACTION' ? 0.199  0.200  104  ? r_xyhbond_nbd_refined          ? ? 
'X-RAY DIFFRACTION' ? 0.252  0.200  54   ? r_symmetry_nbd_refined         ? ? 
'X-RAY DIFFRACTION' ? 0.200  0.200  23   ? r_symmetry_xyhbond_nbd_refined ? ? 
'X-RAY DIFFRACTION' ? 1.848  1.992  517  ? r_mcbond_it                    ? ? 
'X-RAY DIFFRACTION' ? 2.529  2.980  645  ? r_mcangle_it                   ? ? 
'X-RAY DIFFRACTION' ? 3.673  2.399  620  ? r_scbond_it                    ? ? 
'X-RAY DIFFRACTION' ? 4.889  3.459  899  ? r_scangle_it                   ? ? 
'X-RAY DIFFRACTION' ? 9.048  30.795 1896 ? r_lrange_it                    ? ? 
# 
loop_
_refine_ls_shell.pdbx_refine_id 
_refine_ls_shell.d_res_high 
_refine_ls_shell.d_res_low 
_refine_ls_shell.number_reflns_all 
_refine_ls_shell.number_reflns_obs 
_refine_ls_shell.number_reflns_R_free 
_refine_ls_shell.number_reflns_R_work 
_refine_ls_shell.percent_reflns_obs 
_refine_ls_shell.percent_reflns_R_free 
_refine_ls_shell.R_factor_all 
_refine_ls_shell.R_factor_obs 
_refine_ls_shell.R_factor_R_free 
_refine_ls_shell.R_factor_R_free_error 
_refine_ls_shell.R_factor_R_work 
_refine_ls_shell.redundancy_reflns_all 
_refine_ls_shell.redundancy_reflns_obs 
_refine_ls_shell.wR_factor_all 
_refine_ls_shell.wR_factor_obs 
_refine_ls_shell.wR_factor_R_free 
_refine_ls_shell.wR_factor_R_work 
_refine_ls_shell.pdbx_R_complete 
_refine_ls_shell.pdbx_total_number_of_bins_used 
_refine_ls_shell.pdbx_phase_error 
_refine_ls_shell.pdbx_fsc_work 
_refine_ls_shell.pdbx_fsc_free 
'X-RAY DIFFRACTION' 1.160 1.190 . . 174 3136 99.8793  . . . 0.445 . 0.464 . . . . . . . . . . . 
'X-RAY DIFFRACTION' 1.190 1.223 . . 169 3092 99.9693  . . . 0.459 . 0.435 . . . . . . . . . . . 
'X-RAY DIFFRACTION' 1.223 1.258 . . 145 2987 99.9362  . . . 0.401 . 0.401 . . . . . . . . . . . 
'X-RAY DIFFRACTION' 1.258 1.297 . . 154 2912 100.0000 . . . 0.405 . 0.418 . . . . . . . . . . . 
'X-RAY DIFFRACTION' 1.297 1.339 . . 151 2826 100.0000 . . . 0.366 . 0.353 . . . . . . . . . . . 
'X-RAY DIFFRACTION' 1.339 1.386 . . 164 2699 100.0000 . . . 0.361 . 0.332 . . . . . . . . . . . 
'X-RAY DIFFRACTION' 1.386 1.439 . . 133 2668 100.0000 . . . 0.375 . 0.303 . . . . . . . . . . . 
'X-RAY DIFFRACTION' 1.439 1.497 . . 128 2545 100.0000 . . . 0.350 . 0.289 . . . . . . . . . . . 
'X-RAY DIFFRACTION' 1.497 1.564 . . 113 2466 100.0000 . . . 0.263 . 0.255 . . . . . . . . . . . 
'X-RAY DIFFRACTION' 1.564 1.640 . . 119 2345 100.0000 . . . 0.256 . 0.221 . . . . . . . . . . . 
'X-RAY DIFFRACTION' 1.640 1.729 . . 109 2243 100.0000 . . . 0.242 . 0.209 . . . . . . . . . . . 
'X-RAY DIFFRACTION' 1.729 1.834 . . 108 2111 100.0000 . . . 0.275 . 0.208 . . . . . . . . . . . 
'X-RAY DIFFRACTION' 1.834 1.960 . . 128 1992 99.9529  . . . 0.280 . 0.234 . . . . . . . . . . . 
'X-RAY DIFFRACTION' 1.960 2.117 . . 74  1883 100.0000 . . . 0.257 . 0.214 . . . . . . . . . . . 
'X-RAY DIFFRACTION' 2.117 2.319 . . 89  1721 100.0000 . . . 0.236 . 0.211 . . . . . . . . . . . 
'X-RAY DIFFRACTION' 2.319 2.593 . . 80  1572 100.0000 . . . 0.262 . 0.205 . . . . . . . . . . . 
'X-RAY DIFFRACTION' 2.593 2.993 . . 64  1406 100.0000 . . . 0.211 . 0.208 . . . . . . . . . . . 
'X-RAY DIFFRACTION' 2.993 3.665 . . 62  1213 100.0000 . . . 0.211 . 0.200 . . . . . . . . . . . 
'X-RAY DIFFRACTION' 3.665 5.177 . . 45  950  100.0000 . . . 0.169 . 0.156 . . . . . . . . . . . 
'X-RAY DIFFRACTION' 5.177 39.71 . . 39  556  100.0000 . . . 0.156 . 0.198 . . . . . . . . . . . 
# 
_struct.entry_id                     7ZG1 
_struct.title                        'BRD4 in complex with PepLite-Tyr' 
_struct.pdbx_model_details           ? 
_struct.pdbx_formula_weight          ? 
_struct.pdbx_formula_weight_method   ? 
_struct.pdbx_model_type_details      ? 
_struct.pdbx_CASP_flag               N 
# 
_struct_keywords.entry_id        7ZG1 
_struct_keywords.text            'FragLites, anomalous, BRD4, Fragment screening, TRANSCRIPTION' 
_struct_keywords.pdbx_keywords   TRANSCRIPTION 
# 
loop_
_struct_asym.id 
_struct_asym.pdbx_blank_PDB_chainid_flag 
_struct_asym.pdbx_modified 
_struct_asym.entity_id 
_struct_asym.details 
A N N 1 ? 
B N N 2 ? 
C N N 3 ? 
D N N 4 ? 
# 
_struct_ref.id                         1 
_struct_ref.db_name                    UNP 
_struct_ref.db_code                    BRD4_HUMAN 
_struct_ref.pdbx_db_accession          O60885 
_struct_ref.pdbx_db_isoform            ? 
_struct_ref.entity_id                  1 
_struct_ref.pdbx_seq_one_letter_code   
;NPPPPETSNPNKPKRQTNQLQYLLRVVLKTLWKHQFAWPFQQPVDAVKLNLPDYYKIIKTPMDMGTIKKRLENNYYWNAQ
ECIQDFNTMFTNCYIYNKPGDDIVLMAEALEKLFLQKINELPTEE
;
_struct_ref.pdbx_align_begin           44 
# 
_struct_ref_seq.align_id                      1 
_struct_ref_seq.ref_id                        1 
_struct_ref_seq.pdbx_PDB_id_code              7ZG1 
_struct_ref_seq.pdbx_strand_id                AAA 
_struct_ref_seq.seq_align_beg                 5 
_struct_ref_seq.pdbx_seq_align_beg_ins_code   ? 
_struct_ref_seq.seq_align_end                 129 
_struct_ref_seq.pdbx_seq_align_end_ins_code   ? 
_struct_ref_seq.pdbx_db_accession             O60885 
_struct_ref_seq.db_align_beg                  44 
_struct_ref_seq.pdbx_db_align_beg_ins_code    ? 
_struct_ref_seq.db_align_end                  168 
_struct_ref_seq.pdbx_db_align_end_ins_code    ? 
_struct_ref_seq.pdbx_auth_seq_align_beg       44 
_struct_ref_seq.pdbx_auth_seq_align_end       168 
# 
loop_
_struct_ref_seq_dif.align_id 
_struct_ref_seq_dif.pdbx_pdb_id_code 
_struct_ref_seq_dif.mon_id 
_struct_ref_seq_dif.pdbx_pdb_strand_id 
_struct_ref_seq_dif.seq_num 
_struct_ref_seq_dif.pdbx_pdb_ins_code 
_struct_ref_seq_dif.pdbx_seq_db_name 
_struct_ref_seq_dif.pdbx_seq_db_accession_code 
_struct_ref_seq_dif.db_mon_id 
_struct_ref_seq_dif.pdbx_seq_db_seq_num 
_struct_ref_seq_dif.details 
_struct_ref_seq_dif.pdbx_auth_seq_num 
_struct_ref_seq_dif.pdbx_ordinal 
1 7ZG1 GLY AAA 1 ? UNP O60885 ? ? 'expression tag' 40 1 
1 7ZG1 SER AAA 2 ? UNP O60885 ? ? 'expression tag' 41 2 
1 7ZG1 HIS AAA 3 ? UNP O60885 ? ? 'expression tag' 42 3 
1 7ZG1 MET AAA 4 ? UNP O60885 ? ? 'expression tag' 43 4 
# 
_pdbx_struct_assembly.id                   1 
_pdbx_struct_assembly.details              author_and_software_defined_assembly 
_pdbx_struct_assembly.method_details       PISA 
_pdbx_struct_assembly.oligomeric_details   monomeric 
_pdbx_struct_assembly.oligomeric_count     1 
# 
loop_
_pdbx_struct_assembly_prop.biol_id 
_pdbx_struct_assembly_prop.type 
_pdbx_struct_assembly_prop.value 
_pdbx_struct_assembly_prop.details 
1 'ABSA (A^2)' 250  ? 
1 MORE         -0   ? 
1 'SSA (A^2)'  7770 ? 
# 
_pdbx_struct_assembly_gen.assembly_id       1 
_pdbx_struct_assembly_gen.oper_expression   1 
_pdbx_struct_assembly_gen.asym_id_list      A,B,C,D 
# 
_pdbx_struct_assembly_auth_evidence.id                     1 
_pdbx_struct_assembly_auth_evidence.assembly_id            1 
_pdbx_struct_assembly_auth_evidence.experimental_support   'gel filtration' 
_pdbx_struct_assembly_auth_evidence.details                ? 
# 
_pdbx_struct_oper_list.id                   1 
_pdbx_struct_oper_list.type                 'identity operation' 
_pdbx_struct_oper_list.name                 1_555 
_pdbx_struct_oper_list.symmetry_operation   x,y,z 
_pdbx_struct_oper_list.matrix[1][1]         1.0000000000 
_pdbx_struct_oper_list.matrix[1][2]         0.0000000000 
_pdbx_struct_oper_list.matrix[1][3]         0.0000000000 
_pdbx_struct_oper_list.vector[1]            0.0000000000 
_pdbx_struct_oper_list.matrix[2][1]         0.0000000000 
_pdbx_struct_oper_list.matrix[2][2]         1.0000000000 
_pdbx_struct_oper_list.matrix[2][3]         0.0000000000 
_pdbx_struct_oper_list.vector[2]            0.0000000000 
_pdbx_struct_oper_list.matrix[3][1]         0.0000000000 
_pdbx_struct_oper_list.matrix[3][2]         0.0000000000 
_pdbx_struct_oper_list.matrix[3][3]         1.0000000000 
_pdbx_struct_oper_list.vector[3]            0.0000000000 
# 
loop_
_struct_conf.conf_type_id 
_struct_conf.id 
_struct_conf.pdbx_PDB_helix_id 
_struct_conf.beg_label_comp_id 
_struct_conf.beg_label_asym_id 
_struct_conf.beg_label_seq_id 
_struct_conf.pdbx_beg_PDB_ins_code 
_struct_conf.end_label_comp_id 
_struct_conf.end_label_asym_id 
_struct_conf.end_label_seq_id 
_struct_conf.pdbx_end_PDB_ins_code 
_struct_conf.beg_auth_comp_id 
_struct_conf.beg_auth_asym_id 
_struct_conf.beg_auth_seq_id 
_struct_conf.end_auth_comp_id 
_struct_conf.end_auth_asym_id 
_struct_conf.end_auth_seq_id 
_struct_conf.pdbx_PDB_helix_class 
_struct_conf.details 
_struct_conf.pdbx_PDB_helix_length 
HELX_P HELX_P1 AA1 THR A 21  ? VAL A 30  ? THR AAA 60  VAL AAA 69  1 ? 10 
HELX_P HELX_P2 AA2 VAL A 30  ? LYS A 37  ? VAL AAA 69  LYS AAA 76  1 ? 8  
HELX_P HELX_P3 AA3 ALA A 41  ? GLN A 45  ? ALA AAA 80  GLN AAA 84  5 ? 5  
HELX_P HELX_P4 AA4 ASP A 57  ? ILE A 62  ? ASP AAA 96  ILE AAA 101 1 ? 6  
HELX_P HELX_P5 AA5 ASP A 67  ? ASN A 77  ? ASP AAA 106 ASN AAA 116 1 ? 11 
HELX_P HELX_P6 AA6 ASN A 82  ? ASN A 101 ? ASN AAA 121 ASN AAA 140 1 ? 20 
HELX_P HELX_P7 AA7 ASP A 105 ? GLU A 124 ? ASP AAA 144 GLU AAA 163 1 ? 20 
# 
_struct_conf_type.id          HELX_P 
_struct_conf_type.criteria    ? 
_struct_conf_type.reference   ? 
# 
_pdbx_validate_close_contact.id               1 
_pdbx_validate_close_contact.PDB_model_num    1 
_pdbx_validate_close_contact.auth_atom_id_1   SD 
_pdbx_validate_close_contact.auth_asym_id_1   AAA 
_pdbx_validate_close_contact.auth_comp_id_1   MET 
_pdbx_validate_close_contact.auth_seq_id_1    149 
_pdbx_validate_close_contact.PDB_ins_code_1   ? 
_pdbx_validate_close_contact.label_alt_id_1   ? 
_pdbx_validate_close_contact.auth_atom_id_2   O 
_pdbx_validate_close_contact.auth_asym_id_2   AAA 
_pdbx_validate_close_contact.auth_comp_id_2   HOH 
_pdbx_validate_close_contact.auth_seq_id_2    307 
_pdbx_validate_close_contact.PDB_ins_code_2   ? 
_pdbx_validate_close_contact.label_alt_id_2   ? 
_pdbx_validate_close_contact.dist             2.05 
# 
_pdbx_validate_rmsd_angle.id                         1 
_pdbx_validate_rmsd_angle.PDB_model_num              1 
_pdbx_validate_rmsd_angle.auth_atom_id_1             NE 
_pdbx_validate_rmsd_angle.auth_asym_id_1             AAA 
_pdbx_validate_rmsd_angle.auth_comp_id_1             ARG 
_pdbx_validate_rmsd_angle.auth_seq_id_1              113 
_pdbx_validate_rmsd_angle.PDB_ins_code_1             ? 
_pdbx_validate_rmsd_angle.label_alt_id_1             ? 
_pdbx_validate_rmsd_angle.auth_atom_id_2             CZ 
_pdbx_validate_rmsd_angle.auth_asym_id_2             AAA 
_pdbx_validate_rmsd_angle.auth_comp_id_2             ARG 
_pdbx_validate_rmsd_angle.auth_seq_id_2              113 
_pdbx_validate_rmsd_angle.PDB_ins_code_2             ? 
_pdbx_validate_rmsd_angle.label_alt_id_2             ? 
_pdbx_validate_rmsd_angle.auth_atom_id_3             NH1 
_pdbx_validate_rmsd_angle.auth_asym_id_3             AAA 
_pdbx_validate_rmsd_angle.auth_comp_id_3             ARG 
_pdbx_validate_rmsd_angle.auth_seq_id_3              113 
_pdbx_validate_rmsd_angle.PDB_ins_code_3             ? 
_pdbx_validate_rmsd_angle.label_alt_id_3             ? 
_pdbx_validate_rmsd_angle.angle_value                123.85 
_pdbx_validate_rmsd_angle.angle_target_value         120.30 
_pdbx_validate_rmsd_angle.angle_deviation            3.55 
_pdbx_validate_rmsd_angle.angle_standard_deviation   0.50 
_pdbx_validate_rmsd_angle.linker_flag                N 
# 
_pdbx_validate_torsion.id              1 
_pdbx_validate_torsion.PDB_model_num   1 
_pdbx_validate_torsion.auth_comp_id    ASN 
_pdbx_validate_torsion.auth_asym_id    AAA 
_pdbx_validate_torsion.auth_seq_id     117 
_pdbx_validate_torsion.PDB_ins_code    ? 
_pdbx_validate_torsion.label_alt_id    ? 
_pdbx_validate_torsion.phi             39.21 
_pdbx_validate_torsion.psi             66.56 
# 
_pdbx_entry_details.entry_id                 7ZG1 
_pdbx_entry_details.has_ligand_of_interest   Y 
_pdbx_entry_details.compound_details         ? 
_pdbx_entry_details.source_details           ? 
_pdbx_entry_details.nonpolymer_details       ? 
_pdbx_entry_details.sequence_details         ? 
# 
loop_
_chem_comp_atom.comp_id 
_chem_comp_atom.atom_id 
_chem_comp_atom.type_symbol 
_chem_comp_atom.pdbx_aromatic_flag 
_chem_comp_atom.pdbx_stereo_config 
_chem_comp_atom.pdbx_ordinal 
ALA N    N  N N 1   
ALA CA   C  N S 2   
ALA C    C  N N 3   
ALA O    O  N N 4   
ALA CB   C  N N 5   
ALA OXT  O  N N 6   
ALA H    H  N N 7   
ALA H2   H  N N 8   
ALA HA   H  N N 9   
ALA HB1  H  N N 10  
ALA HB2  H  N N 11  
ALA HB3  H  N N 12  
ALA HXT  H  N N 13  
ARG N    N  N N 14  
ARG CA   C  N S 15  
ARG C    C  N N 16  
ARG O    O  N N 17  
ARG CB   C  N N 18  
ARG CG   C  N N 19  
ARG CD   C  N N 20  
ARG NE   N  N N 21  
ARG CZ   C  N N 22  
ARG NH1  N  N N 23  
ARG NH2  N  N N 24  
ARG OXT  O  N N 25  
ARG H    H  N N 26  
ARG H2   H  N N 27  
ARG HA   H  N N 28  
ARG HB2  H  N N 29  
ARG HB3  H  N N 30  
ARG HG2  H  N N 31  
ARG HG3  H  N N 32  
ARG HD2  H  N N 33  
ARG HD3  H  N N 34  
ARG HE   H  N N 35  
ARG HH11 H  N N 36  
ARG HH12 H  N N 37  
ARG HH21 H  N N 38  
ARG HH22 H  N N 39  
ARG HXT  H  N N 40  
ASN N    N  N N 41  
ASN CA   C  N S 42  
ASN C    C  N N 43  
ASN O    O  N N 44  
ASN CB   C  N N 45  
ASN CG   C  N N 46  
ASN OD1  O  N N 47  
ASN ND2  N  N N 48  
ASN OXT  O  N N 49  
ASN H    H  N N 50  
ASN H2   H  N N 51  
ASN HA   H  N N 52  
ASN HB2  H  N N 53  
ASN HB3  H  N N 54  
ASN HD21 H  N N 55  
ASN HD22 H  N N 56  
ASN HXT  H  N N 57  
ASP N    N  N N 58  
ASP CA   C  N S 59  
ASP C    C  N N 60  
ASP O    O  N N 61  
ASP CB   C  N N 62  
ASP CG   C  N N 63  
ASP OD1  O  N N 64  
ASP OD2  O  N N 65  
ASP OXT  O  N N 66  
ASP H    H  N N 67  
ASP H2   H  N N 68  
ASP HA   H  N N 69  
ASP HB2  H  N N 70  
ASP HB3  H  N N 71  
ASP HD2  H  N N 72  
ASP HXT  H  N N 73  
CYS N    N  N N 74  
CYS CA   C  N R 75  
CYS C    C  N N 76  
CYS O    O  N N 77  
CYS CB   C  N N 78  
CYS SG   S  N N 79  
CYS OXT  O  N N 80  
CYS H    H  N N 81  
CYS H2   H  N N 82  
CYS HA   H  N N 83  
CYS HB2  H  N N 84  
CYS HB3  H  N N 85  
CYS HG   H  N N 86  
CYS HXT  H  N N 87  
GLN N    N  N N 88  
GLN CA   C  N S 89  
GLN C    C  N N 90  
GLN O    O  N N 91  
GLN CB   C  N N 92  
GLN CG   C  N N 93  
GLN CD   C  N N 94  
GLN OE1  O  N N 95  
GLN NE2  N  N N 96  
GLN OXT  O  N N 97  
GLN H    H  N N 98  
GLN H2   H  N N 99  
GLN HA   H  N N 100 
GLN HB2  H  N N 101 
GLN HB3  H  N N 102 
GLN HG2  H  N N 103 
GLN HG3  H  N N 104 
GLN HE21 H  N N 105 
GLN HE22 H  N N 106 
GLN HXT  H  N N 107 
GLU N    N  N N 108 
GLU CA   C  N S 109 
GLU C    C  N N 110 
GLU O    O  N N 111 
GLU CB   C  N N 112 
GLU CG   C  N N 113 
GLU CD   C  N N 114 
GLU OE1  O  N N 115 
GLU OE2  O  N N 116 
GLU OXT  O  N N 117 
GLU H    H  N N 118 
GLU H2   H  N N 119 
GLU HA   H  N N 120 
GLU HB2  H  N N 121 
GLU HB3  H  N N 122 
GLU HG2  H  N N 123 
GLU HG3  H  N N 124 
GLU HE2  H  N N 125 
GLU HXT  H  N N 126 
GLY N    N  N N 127 
GLY CA   C  N N 128 
GLY C    C  N N 129 
GLY O    O  N N 130 
GLY OXT  O  N N 131 
GLY H    H  N N 132 
GLY H2   H  N N 133 
GLY HA2  H  N N 134 
GLY HA3  H  N N 135 
GLY HXT  H  N N 136 
GOL C1   C  N N 137 
GOL O1   O  N N 138 
GOL C2   C  N N 139 
GOL O2   O  N N 140 
GOL C3   C  N N 141 
GOL O3   O  N N 142 
GOL H11  H  N N 143 
GOL H12  H  N N 144 
GOL HO1  H  N N 145 
GOL H2   H  N N 146 
GOL HO2  H  N N 147 
GOL H31  H  N N 148 
GOL H32  H  N N 149 
GOL HO3  H  N N 150 
HIS N    N  N N 151 
HIS CA   C  N S 152 
HIS C    C  N N 153 
HIS O    O  N N 154 
HIS CB   C  N N 155 
HIS CG   C  Y N 156 
HIS ND1  N  Y N 157 
HIS CD2  C  Y N 158 
HIS CE1  C  Y N 159 
HIS NE2  N  Y N 160 
HIS OXT  O  N N 161 
HIS H    H  N N 162 
HIS H2   H  N N 163 
HIS HA   H  N N 164 
HIS HB2  H  N N 165 
HIS HB3  H  N N 166 
HIS HD1  H  N N 167 
HIS HD2  H  N N 168 
HIS HE1  H  N N 169 
HIS HE2  H  N N 170 
HIS HXT  H  N N 171 
HOH O    O  N N 172 
HOH H1   H  N N 173 
HOH H2   H  N N 174 
ILE N    N  N N 175 
ILE CA   C  N S 176 
ILE C    C  N N 177 
ILE O    O  N N 178 
ILE CB   C  N S 179 
ILE CG1  C  N N 180 
ILE CG2  C  N N 181 
ILE CD1  C  N N 182 
ILE OXT  O  N N 183 
ILE H    H  N N 184 
ILE H2   H  N N 185 
ILE HA   H  N N 186 
ILE HB   H  N N 187 
ILE HG12 H  N N 188 
ILE HG13 H  N N 189 
ILE HG21 H  N N 190 
ILE HG22 H  N N 191 
ILE HG23 H  N N 192 
ILE HD11 H  N N 193 
ILE HD12 H  N N 194 
ILE HD13 H  N N 195 
ILE HXT  H  N N 196 
LEU N    N  N N 197 
LEU CA   C  N S 198 
LEU C    C  N N 199 
LEU O    O  N N 200 
LEU CB   C  N N 201 
LEU CG   C  N N 202 
LEU CD1  C  N N 203 
LEU CD2  C  N N 204 
LEU OXT  O  N N 205 
LEU H    H  N N 206 
LEU H2   H  N N 207 
LEU HA   H  N N 208 
LEU HB2  H  N N 209 
LEU HB3  H  N N 210 
LEU HG   H  N N 211 
LEU HD11 H  N N 212 
LEU HD12 H  N N 213 
LEU HD13 H  N N 214 
LEU HD21 H  N N 215 
LEU HD22 H  N N 216 
LEU HD23 H  N N 217 
LEU HXT  H  N N 218 
LYS N    N  N N 219 
LYS CA   C  N S 220 
LYS C    C  N N 221 
LYS O    O  N N 222 
LYS CB   C  N N 223 
LYS CG   C  N N 224 
LYS CD   C  N N 225 
LYS CE   C  N N 226 
LYS NZ   N  N N 227 
LYS OXT  O  N N 228 
LYS H    H  N N 229 
LYS H2   H  N N 230 
LYS HA   H  N N 231 
LYS HB2  H  N N 232 
LYS HB3  H  N N 233 
LYS HG2  H  N N 234 
LYS HG3  H  N N 235 
LYS HD2  H  N N 236 
LYS HD3  H  N N 237 
LYS HE2  H  N N 238 
LYS HE3  H  N N 239 
LYS HZ1  H  N N 240 
LYS HZ2  H  N N 241 
LYS HZ3  H  N N 242 
LYS HXT  H  N N 243 
MET N    N  N N 244 
MET CA   C  N S 245 
MET C    C  N N 246 
MET O    O  N N 247 
MET CB   C  N N 248 
MET CG   C  N N 249 
MET SD   S  N N 250 
MET CE   C  N N 251 
MET OXT  O  N N 252 
MET H    H  N N 253 
MET H2   H  N N 254 
MET HA   H  N N 255 
MET HB2  H  N N 256 
MET HB3  H  N N 257 
MET HG2  H  N N 258 
MET HG3  H  N N 259 
MET HE1  H  N N 260 
MET HE2  H  N N 261 
MET HE3  H  N N 262 
MET HXT  H  N N 263 
PHE N    N  N N 264 
PHE CA   C  N S 265 
PHE C    C  N N 266 
PHE O    O  N N 267 
PHE CB   C  N N 268 
PHE CG   C  Y N 269 
PHE CD1  C  Y N 270 
PHE CD2  C  Y N 271 
PHE CE1  C  Y N 272 
PHE CE2  C  Y N 273 
PHE CZ   C  Y N 274 
PHE OXT  O  N N 275 
PHE H    H  N N 276 
PHE H2   H  N N 277 
PHE HA   H  N N 278 
PHE HB2  H  N N 279 
PHE HB3  H  N N 280 
PHE HD1  H  N N 281 
PHE HD2  H  N N 282 
PHE HE1  H  N N 283 
PHE HE2  H  N N 284 
PHE HZ   H  N N 285 
PHE HXT  H  N N 286 
PRO N    N  N N 287 
PRO CA   C  N S 288 
PRO C    C  N N 289 
PRO O    O  N N 290 
PRO CB   C  N N 291 
PRO CG   C  N N 292 
PRO CD   C  N N 293 
PRO OXT  O  N N 294 
PRO H    H  N N 295 
PRO HA   H  N N 296 
PRO HB2  H  N N 297 
PRO HB3  H  N N 298 
PRO HG2  H  N N 299 
PRO HG3  H  N N 300 
PRO HD2  H  N N 301 
PRO HD3  H  N N 302 
PRO HXT  H  N N 303 
SER N    N  N N 304 
SER CA   C  N S 305 
SER C    C  N N 306 
SER O    O  N N 307 
SER CB   C  N N 308 
SER OG   O  N N 309 
SER OXT  O  N N 310 
SER H    H  N N 311 
SER H2   H  N N 312 
SER HA   H  N N 313 
SER HB2  H  N N 314 
SER HB3  H  N N 315 
SER HG   H  N N 316 
SER HXT  H  N N 317 
T9J N1   N  N N 318 
T9J C4   C  N N 319 
T9J C5   C  Y N 320 
T9J C6   C  Y N 321 
T9J C7   C  Y N 322 
T9J C8   C  Y N 323 
T9J C10  C  Y N 324 
T9J C13  C  N N 325 
T9J C1   C  N N 326 
T9J C11  C  N N 327 
T9J C12  C  N N 328 
T9J C14  C  N N 329 
T9J C2   C  N N 330 
T9J C3   C  N S 331 
T9J C9   C  Y N 332 
T9J N2   N  N N 333 
T9J O1   O  N N 334 
T9J O2   O  N N 335 
T9J O3   O  N N 336 
T9J BR1  BR N N 337 
T9J H4   H  N N 338 
T9J H7   H  N N 339 
T9J H6   H  N N 340 
T9J H8   H  N N 341 
T9J H9   H  N N 342 
T9J H11  H  N N 343 
T9J H2   H  N N 344 
T9J H1   H  N N 345 
T9J H3   H  N N 346 
T9J H14  H  N N 347 
T9J H15  H  N N 348 
T9J H5   H  N N 349 
T9J H10  H  N N 350 
T9J H13  H  N N 351 
T9J H12  H  N N 352 
THR N    N  N N 353 
THR CA   C  N S 354 
THR C    C  N N 355 
THR O    O  N N 356 
THR CB   C  N R 357 
THR OG1  O  N N 358 
THR CG2  C  N N 359 
THR OXT  O  N N 360 
THR H    H  N N 361 
THR H2   H  N N 362 
THR HA   H  N N 363 
THR HB   H  N N 364 
THR HG1  H  N N 365 
THR HG21 H  N N 366 
THR HG22 H  N N 367 
THR HG23 H  N N 368 
THR HXT  H  N N 369 
TRP N    N  N N 370 
TRP CA   C  N S 371 
TRP C    C  N N 372 
TRP O    O  N N 373 
TRP CB   C  N N 374 
TRP CG   C  Y N 375 
TRP CD1  C  Y N 376 
TRP CD2  C  Y N 377 
TRP NE1  N  Y N 378 
TRP CE2  C  Y N 379 
TRP CE3  C  Y N 380 
TRP CZ2  C  Y N 381 
TRP CZ3  C  Y N 382 
TRP CH2  C  Y N 383 
TRP OXT  O  N N 384 
TRP H    H  N N 385 
TRP H2   H  N N 386 
TRP HA   H  N N 387 
TRP HB2  H  N N 388 
TRP HB3  H  N N 389 
TRP HD1  H  N N 390 
TRP HE1  H  N N 391 
TRP HE3  H  N N 392 
TRP HZ2  H  N N 393 
TRP HZ3  H  N N 394 
TRP HH2  H  N N 395 
TRP HXT  H  N N 396 
TYR N    N  N N 397 
TYR CA   C  N S 398 
TYR C    C  N N 399 
TYR O    O  N N 400 
TYR CB   C  N N 401 
TYR CG   C  Y N 402 
TYR CD1  C  Y N 403 
TYR CD2  C  Y N 404 
TYR CE1  C  Y N 405 
TYR CE2  C  Y N 406 
TYR CZ   C  Y N 407 
TYR OH   O  N N 408 
TYR OXT  O  N N 409 
TYR H    H  N N 410 
TYR H2   H  N N 411 
TYR HA   H  N N 412 
TYR HB2  H  N N 413 
TYR HB3  H  N N 414 
TYR HD1  H  N N 415 
TYR HD2  H  N N 416 
TYR HE1  H  N N 417 
TYR HE2  H  N N 418 
TYR HH   H  N N 419 
TYR HXT  H  N N 420 
VAL N    N  N N 421 
VAL CA   C  N S 422 
VAL C    C  N N 423 
VAL O    O  N N 424 
VAL CB   C  N N 425 
VAL CG1  C  N N 426 
VAL CG2  C  N N 427 
VAL OXT  O  N N 428 
VAL H    H  N N 429 
VAL H2   H  N N 430 
VAL HA   H  N N 431 
VAL HB   H  N N 432 
VAL HG11 H  N N 433 
VAL HG12 H  N N 434 
VAL HG13 H  N N 435 
VAL HG21 H  N N 436 
VAL HG22 H  N N 437 
VAL HG23 H  N N 438 
VAL HXT  H  N N 439 
# 
loop_
_chem_comp_bond.comp_id 
_chem_comp_bond.atom_id_1 
_chem_comp_bond.atom_id_2 
_chem_comp_bond.value_order 
_chem_comp_bond.pdbx_aromatic_flag 
_chem_comp_bond.pdbx_stereo_config 
_chem_comp_bond.pdbx_ordinal 
ALA N   CA   sing N N 1   
ALA N   H    sing N N 2   
ALA N   H2   sing N N 3   
ALA CA  C    sing N N 4   
ALA CA  CB   sing N N 5   
ALA CA  HA   sing N N 6   
ALA C   O    doub N N 7   
ALA C   OXT  sing N N 8   
ALA CB  HB1  sing N N 9   
ALA CB  HB2  sing N N 10  
ALA CB  HB3  sing N N 11  
ALA OXT HXT  sing N N 12  
ARG N   CA   sing N N 13  
ARG N   H    sing N N 14  
ARG N   H2   sing N N 15  
ARG CA  C    sing N N 16  
ARG CA  CB   sing N N 17  
ARG CA  HA   sing N N 18  
ARG C   O    doub N N 19  
ARG C   OXT  sing N N 20  
ARG CB  CG   sing N N 21  
ARG CB  HB2  sing N N 22  
ARG CB  HB3  sing N N 23  
ARG CG  CD   sing N N 24  
ARG CG  HG2  sing N N 25  
ARG CG  HG3  sing N N 26  
ARG CD  NE   sing N N 27  
ARG CD  HD2  sing N N 28  
ARG CD  HD3  sing N N 29  
ARG NE  CZ   sing N N 30  
ARG NE  HE   sing N N 31  
ARG CZ  NH1  sing N N 32  
ARG CZ  NH2  doub N N 33  
ARG NH1 HH11 sing N N 34  
ARG NH1 HH12 sing N N 35  
ARG NH2 HH21 sing N N 36  
ARG NH2 HH22 sing N N 37  
ARG OXT HXT  sing N N 38  
ASN N   CA   sing N N 39  
ASN N   H    sing N N 40  
ASN N   H2   sing N N 41  
ASN CA  C    sing N N 42  
ASN CA  CB   sing N N 43  
ASN CA  HA   sing N N 44  
ASN C   O    doub N N 45  
ASN C   OXT  sing N N 46  
ASN CB  CG   sing N N 47  
ASN CB  HB2  sing N N 48  
ASN CB  HB3  sing N N 49  
ASN CG  OD1  doub N N 50  
ASN CG  ND2  sing N N 51  
ASN ND2 HD21 sing N N 52  
ASN ND2 HD22 sing N N 53  
ASN OXT HXT  sing N N 54  
ASP N   CA   sing N N 55  
ASP N   H    sing N N 56  
ASP N   H2   sing N N 57  
ASP CA  C    sing N N 58  
ASP CA  CB   sing N N 59  
ASP CA  HA   sing N N 60  
ASP C   O    doub N N 61  
ASP C   OXT  sing N N 62  
ASP CB  CG   sing N N 63  
ASP CB  HB2  sing N N 64  
ASP CB  HB3  sing N N 65  
ASP CG  OD1  doub N N 66  
ASP CG  OD2  sing N N 67  
ASP OD2 HD2  sing N N 68  
ASP OXT HXT  sing N N 69  
CYS N   CA   sing N N 70  
CYS N   H    sing N N 71  
CYS N   H2   sing N N 72  
CYS CA  C    sing N N 73  
CYS CA  CB   sing N N 74  
CYS CA  HA   sing N N 75  
CYS C   O    doub N N 76  
CYS C   OXT  sing N N 77  
CYS CB  SG   sing N N 78  
CYS CB  HB2  sing N N 79  
CYS CB  HB3  sing N N 80  
CYS SG  HG   sing N N 81  
CYS OXT HXT  sing N N 82  
GLN N   CA   sing N N 83  
GLN N   H    sing N N 84  
GLN N   H2   sing N N 85  
GLN CA  C    sing N N 86  
GLN CA  CB   sing N N 87  
GLN CA  HA   sing N N 88  
GLN C   O    doub N N 89  
GLN C   OXT  sing N N 90  
GLN CB  CG   sing N N 91  
GLN CB  HB2  sing N N 92  
GLN CB  HB3  sing N N 93  
GLN CG  CD   sing N N 94  
GLN CG  HG2  sing N N 95  
GLN CG  HG3  sing N N 96  
GLN CD  OE1  doub N N 97  
GLN CD  NE2  sing N N 98  
GLN NE2 HE21 sing N N 99  
GLN NE2 HE22 sing N N 100 
GLN OXT HXT  sing N N 101 
GLU N   CA   sing N N 102 
GLU N   H    sing N N 103 
GLU N   H2   sing N N 104 
GLU CA  C    sing N N 105 
GLU CA  CB   sing N N 106 
GLU CA  HA   sing N N 107 
GLU C   O    doub N N 108 
GLU C   OXT  sing N N 109 
GLU CB  CG   sing N N 110 
GLU CB  HB2  sing N N 111 
GLU CB  HB3  sing N N 112 
GLU CG  CD   sing N N 113 
GLU CG  HG2  sing N N 114 
GLU CG  HG3  sing N N 115 
GLU CD  OE1  doub N N 116 
GLU CD  OE2  sing N N 117 
GLU OE2 HE2  sing N N 118 
GLU OXT HXT  sing N N 119 
GLY N   CA   sing N N 120 
GLY N   H    sing N N 121 
GLY N   H2   sing N N 122 
GLY CA  C    sing N N 123 
GLY CA  HA2  sing N N 124 
GLY CA  HA3  sing N N 125 
GLY C   O    doub N N 126 
GLY C   OXT  sing N N 127 
GLY OXT HXT  sing N N 128 
GOL C1  O1   sing N N 129 
GOL C1  C2   sing N N 130 
GOL C1  H11  sing N N 131 
GOL C1  H12  sing N N 132 
GOL O1  HO1  sing N N 133 
GOL C2  O2   sing N N 134 
GOL C2  C3   sing N N 135 
GOL C2  H2   sing N N 136 
GOL O2  HO2  sing N N 137 
GOL C3  O3   sing N N 138 
GOL C3  H31  sing N N 139 
GOL C3  H32  sing N N 140 
GOL O3  HO3  sing N N 141 
HIS N   CA   sing N N 142 
HIS N   H    sing N N 143 
HIS N   H2   sing N N 144 
HIS CA  C    sing N N 145 
HIS CA  CB   sing N N 146 
HIS CA  HA   sing N N 147 
HIS C   O    doub N N 148 
HIS C   OXT  sing N N 149 
HIS CB  CG   sing N N 150 
HIS CB  HB2  sing N N 151 
HIS CB  HB3  sing N N 152 
HIS CG  ND1  sing Y N 153 
HIS CG  CD2  doub Y N 154 
HIS ND1 CE1  doub Y N 155 
HIS ND1 HD1  sing N N 156 
HIS CD2 NE2  sing Y N 157 
HIS CD2 HD2  sing N N 158 
HIS CE1 NE2  sing Y N 159 
HIS CE1 HE1  sing N N 160 
HIS NE2 HE2  sing N N 161 
HIS OXT HXT  sing N N 162 
HOH O   H1   sing N N 163 
HOH O   H2   sing N N 164 
ILE N   CA   sing N N 165 
ILE N   H    sing N N 166 
ILE N   H2   sing N N 167 
ILE CA  C    sing N N 168 
ILE CA  CB   sing N N 169 
ILE CA  HA   sing N N 170 
ILE C   O    doub N N 171 
ILE C   OXT  sing N N 172 
ILE CB  CG1  sing N N 173 
ILE CB  CG2  sing N N 174 
ILE CB  HB   sing N N 175 
ILE CG1 CD1  sing N N 176 
ILE CG1 HG12 sing N N 177 
ILE CG1 HG13 sing N N 178 
ILE CG2 HG21 sing N N 179 
ILE CG2 HG22 sing N N 180 
ILE CG2 HG23 sing N N 181 
ILE CD1 HD11 sing N N 182 
ILE CD1 HD12 sing N N 183 
ILE CD1 HD13 sing N N 184 
ILE OXT HXT  sing N N 185 
LEU N   CA   sing N N 186 
LEU N   H    sing N N 187 
LEU N   H2   sing N N 188 
LEU CA  C    sing N N 189 
LEU CA  CB   sing N N 190 
LEU CA  HA   sing N N 191 
LEU C   O    doub N N 192 
LEU C   OXT  sing N N 193 
LEU CB  CG   sing N N 194 
LEU CB  HB2  sing N N 195 
LEU CB  HB3  sing N N 196 
LEU CG  CD1  sing N N 197 
LEU CG  CD2  sing N N 198 
LEU CG  HG   sing N N 199 
LEU CD1 HD11 sing N N 200 
LEU CD1 HD12 sing N N 201 
LEU CD1 HD13 sing N N 202 
LEU CD2 HD21 sing N N 203 
LEU CD2 HD22 sing N N 204 
LEU CD2 HD23 sing N N 205 
LEU OXT HXT  sing N N 206 
LYS N   CA   sing N N 207 
LYS N   H    sing N N 208 
LYS N   H2   sing N N 209 
LYS CA  C    sing N N 210 
LYS CA  CB   sing N N 211 
LYS CA  HA   sing N N 212 
LYS C   O    doub N N 213 
LYS C   OXT  sing N N 214 
LYS CB  CG   sing N N 215 
LYS CB  HB2  sing N N 216 
LYS CB  HB3  sing N N 217 
LYS CG  CD   sing N N 218 
LYS CG  HG2  sing N N 219 
LYS CG  HG3  sing N N 220 
LYS CD  CE   sing N N 221 
LYS CD  HD2  sing N N 222 
LYS CD  HD3  sing N N 223 
LYS CE  NZ   sing N N 224 
LYS CE  HE2  sing N N 225 
LYS CE  HE3  sing N N 226 
LYS NZ  HZ1  sing N N 227 
LYS NZ  HZ2  sing N N 228 
LYS NZ  HZ3  sing N N 229 
LYS OXT HXT  sing N N 230 
MET N   CA   sing N N 231 
MET N   H    sing N N 232 
MET N   H2   sing N N 233 
MET CA  C    sing N N 234 
MET CA  CB   sing N N 235 
MET CA  HA   sing N N 236 
MET C   O    doub N N 237 
MET C   OXT  sing N N 238 
MET CB  CG   sing N N 239 
MET CB  HB2  sing N N 240 
MET CB  HB3  sing N N 241 
MET CG  SD   sing N N 242 
MET CG  HG2  sing N N 243 
MET CG  HG3  sing N N 244 
MET SD  CE   sing N N 245 
MET CE  HE1  sing N N 246 
MET CE  HE2  sing N N 247 
MET CE  HE3  sing N N 248 
MET OXT HXT  sing N N 249 
PHE N   CA   sing N N 250 
PHE N   H    sing N N 251 
PHE N   H2   sing N N 252 
PHE CA  C    sing N N 253 
PHE CA  CB   sing N N 254 
PHE CA  HA   sing N N 255 
PHE C   O    doub N N 256 
PHE C   OXT  sing N N 257 
PHE CB  CG   sing N N 258 
PHE CB  HB2  sing N N 259 
PHE CB  HB3  sing N N 260 
PHE CG  CD1  doub Y N 261 
PHE CG  CD2  sing Y N 262 
PHE CD1 CE1  sing Y N 263 
PHE CD1 HD1  sing N N 264 
PHE CD2 CE2  doub Y N 265 
PHE CD2 HD2  sing N N 266 
PHE CE1 CZ   doub Y N 267 
PHE CE1 HE1  sing N N 268 
PHE CE2 CZ   sing Y N 269 
PHE CE2 HE2  sing N N 270 
PHE CZ  HZ   sing N N 271 
PHE OXT HXT  sing N N 272 
PRO N   CA   sing N N 273 
PRO N   CD   sing N N 274 
PRO N   H    sing N N 275 
PRO CA  C    sing N N 276 
PRO CA  CB   sing N N 277 
PRO CA  HA   sing N N 278 
PRO C   O    doub N N 279 
PRO C   OXT  sing N N 280 
PRO CB  CG   sing N N 281 
PRO CB  HB2  sing N N 282 
PRO CB  HB3  sing N N 283 
PRO CG  CD   sing N N 284 
PRO CG  HG2  sing N N 285 
PRO CG  HG3  sing N N 286 
PRO CD  HD2  sing N N 287 
PRO CD  HD3  sing N N 288 
PRO OXT HXT  sing N N 289 
SER N   CA   sing N N 290 
SER N   H    sing N N 291 
SER N   H2   sing N N 292 
SER CA  C    sing N N 293 
SER CA  CB   sing N N 294 
SER CA  HA   sing N N 295 
SER C   O    doub N N 296 
SER C   OXT  sing N N 297 
SER CB  OG   sing N N 298 
SER CB  HB2  sing N N 299 
SER CB  HB3  sing N N 300 
SER OG  HG   sing N N 301 
SER OXT HXT  sing N N 302 
T9J C1  C2   sing N N 303 
T9J C2  O1   doub N N 304 
T9J C2  N1   sing N N 305 
T9J N1  C3   sing N N 306 
T9J C3  C4   sing N N 307 
T9J C4  C5   sing N N 308 
T9J C5  C6   doub Y N 309 
T9J C6  C7   sing Y N 310 
T9J C7  C8   doub Y N 311 
T9J C8  C9   sing Y N 312 
T9J C9  C10  doub Y N 313 
T9J C8  O2   sing N N 314 
T9J C3  C11  sing N N 315 
T9J C11 O3   doub N N 316 
T9J C11 N2   sing N N 317 
T9J N2  C12  sing N N 318 
T9J C12 C13  sing N N 319 
T9J C13 C14  trip N N 320 
T9J C5  C10  sing Y N 321 
T9J N1  H4   sing N N 322 
T9J C4  H7   sing N N 323 
T9J C4  H6   sing N N 324 
T9J C6  H8   sing N N 325 
T9J C7  H9   sing N N 326 
T9J C10 H11  sing N N 327 
T9J C1  H2   sing N N 328 
T9J C1  H1   sing N N 329 
T9J C1  H3   sing N N 330 
T9J C12 H14  sing N N 331 
T9J C12 H15  sing N N 332 
T9J C3  H5   sing N N 333 
T9J C9  H10  sing N N 334 
T9J N2  H13  sing N N 335 
T9J O2  H12  sing N N 336 
T9J C14 BR1  sing N N 337 
THR N   CA   sing N N 338 
THR N   H    sing N N 339 
THR N   H2   sing N N 340 
THR CA  C    sing N N 341 
THR CA  CB   sing N N 342 
THR CA  HA   sing N N 343 
THR C   O    doub N N 344 
THR C   OXT  sing N N 345 
THR CB  OG1  sing N N 346 
THR CB  CG2  sing N N 347 
THR CB  HB   sing N N 348 
THR OG1 HG1  sing N N 349 
THR CG2 HG21 sing N N 350 
THR CG2 HG22 sing N N 351 
THR CG2 HG23 sing N N 352 
THR OXT HXT  sing N N 353 
TRP N   CA   sing N N 354 
TRP N   H    sing N N 355 
TRP N   H2   sing N N 356 
TRP CA  C    sing N N 357 
TRP CA  CB   sing N N 358 
TRP CA  HA   sing N N 359 
TRP C   O    doub N N 360 
TRP C   OXT  sing N N 361 
TRP CB  CG   sing N N 362 
TRP CB  HB2  sing N N 363 
TRP CB  HB3  sing N N 364 
TRP CG  CD1  doub Y N 365 
TRP CG  CD2  sing Y N 366 
TRP CD1 NE1  sing Y N 367 
TRP CD1 HD1  sing N N 368 
TRP CD2 CE2  doub Y N 369 
TRP CD2 CE3  sing Y N 370 
TRP NE1 CE2  sing Y N 371 
TRP NE1 HE1  sing N N 372 
TRP CE2 CZ2  sing Y N 373 
TRP CE3 CZ3  doub Y N 374 
TRP CE3 HE3  sing N N 375 
TRP CZ2 CH2  doub Y N 376 
TRP CZ2 HZ2  sing N N 377 
TRP CZ3 CH2  sing Y N 378 
TRP CZ3 HZ3  sing N N 379 
TRP CH2 HH2  sing N N 380 
TRP OXT HXT  sing N N 381 
TYR N   CA   sing N N 382 
TYR N   H    sing N N 383 
TYR N   H2   sing N N 384 
TYR CA  C    sing N N 385 
TYR CA  CB   sing N N 386 
TYR CA  HA   sing N N 387 
TYR C   O    doub N N 388 
TYR C   OXT  sing N N 389 
TYR CB  CG   sing N N 390 
TYR CB  HB2  sing N N 391 
TYR CB  HB3  sing N N 392 
TYR CG  CD1  doub Y N 393 
TYR CG  CD2  sing Y N 394 
TYR CD1 CE1  sing Y N 395 
TYR CD1 HD1  sing N N 396 
TYR CD2 CE2  doub Y N 397 
TYR CD2 HD2  sing N N 398 
TYR CE1 CZ   doub Y N 399 
TYR CE1 HE1  sing N N 400 
TYR CE2 CZ   sing Y N 401 
TYR CE2 HE2  sing N N 402 
TYR CZ  OH   sing N N 403 
TYR OH  HH   sing N N 404 
TYR OXT HXT  sing N N 405 
VAL N   CA   sing N N 406 
VAL N   H    sing N N 407 
VAL N   H2   sing N N 408 
VAL CA  C    sing N N 409 
VAL CA  CB   sing N N 410 
VAL CA  HA   sing N N 411 
VAL C   O    doub N N 412 
VAL C   OXT  sing N N 413 
VAL CB  CG1  sing N N 414 
VAL CB  CG2  sing N N 415 
VAL CB  HB   sing N N 416 
VAL CG1 HG11 sing N N 417 
VAL CG1 HG12 sing N N 418 
VAL CG1 HG13 sing N N 419 
VAL CG2 HG21 sing N N 420 
VAL CG2 HG22 sing N N 421 
VAL CG2 HG23 sing N N 422 
VAL OXT HXT  sing N N 423 
# 
loop_
_pdbx_audit_support.funding_organization 
_pdbx_audit_support.country 
_pdbx_audit_support.grant_number 
_pdbx_audit_support.ordinal 
'Cancer Research UK' 'United Kingdom' C57659/A27310 1 
'Cancer Research UK' 'United Kingdom' C1362/A20263  2 
'Cancer Research UK' 'United Kingdom' C2215/A21421  3 
# 
_pdbx_entity_instance_feature.ordinal        1 
_pdbx_entity_instance_feature.comp_id        T9J 
_pdbx_entity_instance_feature.asym_id        ? 
_pdbx_entity_instance_feature.seq_num        ? 
_pdbx_entity_instance_feature.auth_comp_id   T9J 
_pdbx_entity_instance_feature.auth_asym_id   ? 
_pdbx_entity_instance_feature.auth_seq_num   ? 
_pdbx_entity_instance_feature.feature_type   'SUBJECT OF INVESTIGATION' 
_pdbx_entity_instance_feature.details        ? 
# 
_pdbx_initial_refinement_model.id               1 
_pdbx_initial_refinement_model.entity_id_list   ? 
_pdbx_initial_refinement_model.type             'experimental model' 
_pdbx_initial_refinement_model.source_name      PDB 
_pdbx_initial_refinement_model.accession_code   5LRQ 
_pdbx_initial_refinement_model.details          ? 
# 
_atom_sites.entry_id                    7ZG1 
_atom_sites.Cartn_transf_matrix[1][1]   ? 
_atom_sites.Cartn_transf_matrix[1][2]   ? 
_atom_sites.Cartn_transf_matrix[1][3]   ? 
_atom_sites.Cartn_transf_matrix[2][1]   ? 
_atom_sites.Cartn_transf_matrix[2][2]   ? 
_atom_sites.Cartn_transf_matrix[2][3]   ? 
_atom_sites.Cartn_transf_matrix[3][1]   ? 
_atom_sites.Cartn_transf_matrix[3][2]   ? 
_atom_sites.Cartn_transf_matrix[3][3]   ? 
_atom_sites.Cartn_transf_vector[1]      ? 
_atom_sites.Cartn_transf_vector[2]      ? 
_atom_sites.Cartn_transf_vector[3]      ? 
_atom_sites.fract_transf_matrix[1][1]   0.02539460 
_atom_sites.fract_transf_matrix[1][2]   0.00407547 
_atom_sites.fract_transf_matrix[1][3]   -0.00671621 
_atom_sites.fract_transf_matrix[2][1]   0.00413822 
_atom_sites.fract_transf_matrix[2][2]   -0.02271507 
_atom_sites.fract_transf_matrix[2][3]   0.00186323 
_atom_sites.fract_transf_matrix[3][1]   -0.00296455 
_atom_sites.fract_transf_matrix[3][2]   -0.00153598 
_atom_sites.fract_transf_matrix[3][3]   -0.01214128 
_atom_sites.fract_transf_vector[1]      -0.313509 
_atom_sites.fract_transf_vector[2]      0.069613 
_atom_sites.fract_transf_vector[3]      -0.119075 
_atom_sites.solution_primary            ? 
_atom_sites.solution_secondary          ? 
_atom_sites.solution_hydrogens          ? 
_atom_sites.special_details             ? 
# 
loop_
_atom_type.symbol 
_atom_type.pdbx_scat_Z 
_atom_type.pdbx_N_electrons 
_atom_type.scat_Cromer_Mann_a1 
_atom_type.scat_Cromer_Mann_b1 
_atom_type.scat_Cromer_Mann_a2 
_atom_type.scat_Cromer_Mann_b2 
_atom_type.scat_Cromer_Mann_a3 
_atom_type.scat_Cromer_Mann_b3 
_atom_type.scat_Cromer_Mann_a4 
_atom_type.scat_Cromer_Mann_b4 
_atom_type.scat_Cromer_Mann_c 
BR 35 35 17.182 2.172  5.237 16.580 5.639 0.261  3.986 41.433 -1.142  
C  6  6  2.310  20.844 1.020 10.208 1.589 0.569  0.865 51.651 0.216   
N  7  7  12.222 0.006  3.135 9.893  2.014 28.997 1.167 0.583  -11.538 
O  8  8  3.049  13.277 2.287 5.701  1.546 0.324  0.867 32.909 0.251   
S  16 16 6.905  1.468  5.203 22.215 1.438 0.254  1.586 56.172 1.030   
# 
loop_
_atom_site.group_PDB 
_atom_site.id 
_atom_site.type_symbol 
_atom_site.label_atom_id 
_atom_site.label_alt_id 
_atom_site.label_comp_id 
_atom_site.label_asym_id 
_atom_site.label_entity_id 
_atom_site.label_seq_id 
_atom_site.pdbx_PDB_ins_code 
_atom_site.Cartn_x 
_atom_site.Cartn_y 
_atom_site.Cartn_z 
_atom_site.occupancy 
_atom_site.B_iso_or_equiv 
_atom_site.pdbx_formal_charge 
_atom_site.auth_seq_id 
_atom_site.auth_comp_id 
_atom_site.auth_asym_id 
_atom_site.auth_atom_id 
_atom_site.pdbx_PDB_model_num 
_atom_site.calc_flag 
ATOM   1    N  N   . GLY A 1 1   ? 1.979   20.000  0.535   1.000 41.796  ? 40  GLY AAA N   1 ? 
ATOM   2    C  CA  . GLY A 1 1   ? 0.882   19.508  1.378   1.000 30.242  ? 40  GLY AAA CA  1 ? 
ATOM   3    C  C   . GLY A 1 1   ? -0.356  20.399  1.263   1.000 30.347  ? 40  GLY AAA C   1 ? 
ATOM   4    O  O   . GLY A 1 1   ? -0.576  21.197  2.152   1.000 31.680  ? 40  GLY AAA O   1 ? 
ATOM   5    N  N   . SER A 1 2   ? -1.163  20.220  0.209   1.000 29.338  ? 41  SER AAA N   1 ? 
ATOM   6    C  CA  . SER A 1 2   ? -2.388  20.989  0.008   1.000 25.761  ? 41  SER AAA CA  1 ? 
ATOM   7    C  C   . SER A 1 2   ? -3.424  20.628  1.057   1.000 25.888  ? 41  SER AAA C   1 ? 
ATOM   8    O  O   . SER A 1 2   ? -3.648  19.439  1.336   1.000 22.355  ? 41  SER AAA O   1 ? 
ATOM   9    C  CB  . SER A 1 2   ? -2.971  20.783  -1.362  1.000 25.846  ? 41  SER AAA CB  1 ? 
ATOM   10   O  OG  . SER A 1 2   ? -4.294  21.303  -1.392  1.000 23.054  ? 41  SER AAA OG  1 ? 
ATOM   11   N  N   . HIS A 1 3   ? -4.116  21.658  1.585   1.000 20.140  ? 42  HIS AAA N   1 ? 
ATOM   12   C  CA  . HIS A 1 3   ? -5.239  21.428  2.470   1.000 20.568  ? 42  HIS AAA CA  1 ? 
ATOM   13   C  C   . HIS A 1 3   ? -6.359  20.628  1.814   1.000 20.477  ? 42  HIS AAA C   1 ? 
ATOM   14   O  O   . HIS A 1 3   ? -7.302  20.192  2.476   1.000 23.342  ? 42  HIS AAA O   1 ? 
ATOM   15   C  CB  . HIS A 1 3   ? -5.760  22.801  2.985   1.000 24.001  ? 42  HIS AAA CB  1 ? 
ATOM   16   C  CG  . HIS A 1 3   ? -6.589  23.551  1.984   1.000 24.445  ? 42  HIS AAA CG  1 ? 
ATOM   17   N  ND1 . HIS A 1 3   ? -6.009  24.135  0.864   1.000 25.809  ? 42  HIS AAA ND1 1 ? 
ATOM   18   C  CD2 . HIS A 1 3   ? -7.914  23.832  1.927   1.000 27.621  ? 42  HIS AAA CD2 1 ? 
ATOM   19   C  CE1 . HIS A 1 3   ? -6.948  24.745  0.154   1.000 27.074  ? 42  HIS AAA CE1 1 ? 
ATOM   20   N  NE2 . HIS A 1 3   ? -8.127  24.567  0.784   1.000 26.354  ? 42  HIS AAA NE2 1 ? 
ATOM   21   N  N   . MET A 1 4   ? -6.322  20.484  0.478   1.000 19.158  ? 43  MET AAA N   1 ? 
ATOM   22   C  CA  . MET A 1 4   ? -7.412  19.810  -0.199  1.000 19.556  ? 43  MET AAA CA  1 ? 
ATOM   23   C  C   . MET A 1 4   ? -7.156  18.301  -0.329  1.000 18.405  ? 43  MET AAA C   1 ? 
ATOM   24   O  O   . MET A 1 4   ? -8.063  17.576  -0.692  1.000 23.046  ? 43  MET AAA O   1 ? 
ATOM   25   C  CB  . MET A 1 4   ? -7.630  20.387  -1.592  1.000 21.886  ? 43  MET AAA CB  1 ? 
ATOM   26   C  CG  . MET A 1 4   ? -8.039  21.848  -1.518  1.000 21.941  ? 43  MET AAA CG  1 ? 
ATOM   27   S  SD  . MET A 1 4   ? -8.813  22.444  -3.017  1.000 29.331  ? 43  MET AAA SD  1 ? 
ATOM   28   C  CE  . MET A 1 4   ? -7.660  21.918  -4.272  1.000 28.674  ? 43  MET AAA CE  1 ? 
ATOM   29   N  N   . ASN A 1 5   ? -5.952  17.862  -0.012  1.000 17.312  ? 44  ASN AAA N   1 ? 
ATOM   30   C  CA  . ASN A 1 5   ? -5.652  16.426  0.129   1.000 18.224  ? 44  ASN AAA CA  1 ? 
ATOM   31   C  C   . ASN A 1 5   ? -5.838  16.080  1.601   1.000 21.218  ? 44  ASN AAA C   1 ? 
ATOM   32   O  O   . ASN A 1 5   ? -5.600  16.913  2.471   1.000 20.638  ? 44  ASN AAA O   1 ? 
ATOM   33   C  CB  . ASN A 1 5   ? -4.201  16.120  -0.259  1.000 16.958  ? 44  ASN AAA CB  1 ? 
ATOM   34   C  CG  . ASN A 1 5   ? -4.007  16.145  -1.757  1.000 18.104  ? 44  ASN AAA CG  1 ? 
ATOM   35   O  OD1 . ASN A 1 5   ? -4.860  15.624  -2.483  1.000 19.023  ? 44  ASN AAA OD1 1 ? 
ATOM   36   N  ND2 . ASN A 1 5   ? -2.890  16.708  -2.202  1.000 19.208  ? 44  ASN AAA ND2 1 ? 
ATOM   37   N  N   . PRO A 1 6   ? -6.285  14.864  1.947   1.000 19.626  ? 45  PRO AAA N   1 ? 
ATOM   38   C  CA  . PRO A 1 6   ? -6.426  14.470  3.351   1.000 18.789  ? 45  PRO AAA CA  1 ? 
ATOM   39   C  C   . PRO A 1 6   ? -5.047  14.240  3.950   1.000 18.908  ? 45  PRO AAA C   1 ? 
ATOM   40   O  O   . PRO A 1 6   ? -4.044  14.015  3.256   1.000 20.586  ? 45  PRO AAA O   1 ? 
ATOM   41   C  CB  . PRO A 1 6   ? -7.187  13.136  3.264   1.000 19.207  ? 45  PRO AAA CB  1 ? 
ATOM   42   C  CG  . PRO A 1 6   ? -6.770  12.591  1.921   1.000 20.477  ? 45  PRO AAA CG  1 ? 
ATOM   43   C  CD  . PRO A 1 6   ? -6.706  13.805  1.009   1.000 20.243  ? 45  PRO AAA CD  1 ? 
ATOM   44   N  N   . PRO A 1 7   ? -4.932  14.227  5.298   1.000 20.444  ? 46  PRO AAA N   1 ? 
ATOM   45   C  CA  . PRO A 1 7   ? -3.682  13.807  5.913   1.000 20.814  ? 46  PRO AAA CA  1 ? 
ATOM   46   C  C   . PRO A 1 7   ? -3.475  12.355  5.481   1.000 18.511  ? 46  PRO AAA C   1 ? 
ATOM   47   O  O   . PRO A 1 7   ? -4.437  11.628  5.214   1.000 19.162  ? 46  PRO AAA O   1 ? 
ATOM   48   C  CB  . PRO A 1 7   ? -3.924  13.842  7.430   1.000 23.294  ? 46  PRO AAA CB  1 ? 
ATOM   49   C  CG  . PRO A 1 7   ? -5.424  13.862  7.527   1.000 23.423  ? 46  PRO AAA CG  1 ? 
ATOM   50   C  CD  . PRO A 1 7   ? -6.016  14.443  6.255   1.000 23.281  ? 46  PRO AAA CD  1 ? 
ATOM   51   N  N   . PRO A 1 8   ? -2.197  11.962  5.352   1.000 20.135  ? 47  PRO AAA N   1 ? 
ATOM   52   C  CA  . PRO A 1 8   ? -1.866  10.601  4.937   1.000 19.796  ? 47  PRO AAA CA  1 ? 
ATOM   53   C  C   . PRO A 1 8   ? -2.299  9.653   6.044   1.000 20.504  ? 47  PRO AAA C   1 ? 
ATOM   54   O  O   . PRO A 1 8   ? -2.556  10.089  7.170   1.000 22.311  ? 47  PRO AAA O   1 ? 
ATOM   55   C  CB  . PRO A 1 8   ? -0.346  10.638  4.762   1.000 25.123  ? 47  PRO AAA CB  1 ? 
ATOM   56   C  CG  . PRO A 1 8   ? 0.111   11.754  5.679   1.000 24.304  ? 47  PRO AAA CG  1 ? 
ATOM   57   C  CD  . PRO A 1 8   ? -0.995  12.778  5.616   1.000 23.455  ? 47  PRO AAA CD  1 ? 
ATOM   58   N  N   . PRO A 1 9   ? -2.377  8.339   5.779   1.000 16.532  ? 48  PRO AAA N   1 ? 
ATOM   59   C  CA  . PRO A 1 9   ? -2.693  7.395   6.844   1.000 16.953  ? 48  PRO AAA CA  1 ? 
ATOM   60   C  C   . PRO A 1 9   ? -1.589  7.504   7.908   1.000 17.196  ? 48  PRO AAA C   1 ? 
ATOM   61   O  O   . PRO A 1 9   ? -0.439  7.676   7.576   1.000 18.551  ? 48  PRO AAA O   1 ? 
ATOM   62   C  CB  . PRO A 1 9   ? -2.711  6.017   6.124   1.000 17.845  ? 48  PRO AAA CB  1 ? 
ATOM   63   C  CG  . PRO A 1 9   ? -2.897  6.386   4.652   1.000 17.877  ? 48  PRO AAA CG  1 ? 
ATOM   64   C  CD  . PRO A 1 9   ? -2.194  7.711   4.442   1.000 16.862  ? 48  PRO AAA CD  1 ? 
ATOM   65   N  N   . GLU A 1 10  ? -1.975  7.254   9.156   1.000 20.614  ? 49  GLU AAA N   1 ? 
ATOM   66   C  CA  . GLU A 1 10  ? -1.119  7.164   10.330  1.000 22.590  ? 49  GLU AAA CA  1 ? 
ATOM   67   C  C   . GLU A 1 10  ? 0.075   6.240   10.062  1.000 21.939  ? 49  GLU AAA C   1 ? 
ATOM   68   O  O   . GLU A 1 10  ? -0.116  5.120   9.589   1.000 19.665  ? 49  GLU AAA O   1 ? 
ATOM   69   C  CB  . GLU A 1 10  ? -1.980  6.521   11.422  1.000 22.636  ? 49  GLU AAA CB  1 ? 
ATOM   70   C  CG  . GLU A 1 10  ? -1.381  6.693   12.791  1.000 26.428  ? 49  GLU AAA CG  1 ? 
ATOM   71   C  CD  . GLU A 1 10  ? -2.277  6.179   13.871  1.000 27.375  ? 49  GLU AAA CD  1 ? 
ATOM   72   O  OE1 . GLU A 1 10  ? -2.764  7.007   14.672  1.000 30.437  ? 49  GLU AAA OE1 1 ? 
ATOM   73   O  OE2 . GLU A 1 10  ? -2.479  4.961   13.917  1.000 23.090  ? 49  GLU AAA OE2 1 ? 
ATOM   74   N  N   . THR A 1 11  ? 1.296   6.664   10.417  1.000 20.993  ? 50  THR AAA N   1 ? 
ATOM   75   C  CA  . THR A 1 11  ? 2.475   5.813   10.369  1.000 23.188  ? 50  THR AAA CA  1 ? 
ATOM   76   C  C   . THR A 1 11  ? 3.182   5.740   11.729  1.000 19.261  ? 50  THR AAA C   1 ? 
ATOM   77   O  O   . THR A 1 11  ? 4.167   5.019   11.842  1.000 22.460  ? 50  THR AAA O   1 ? 
ATOM   78   C  CB  . THR A 1 11  ? 3.420   6.200   9.230   1.000 23.420  ? 50  THR AAA CB  1 ? 
ATOM   79   O  OG1 . THR A 1 11  ? 3.760   7.570   9.492   1.000 28.838  ? 50  THR AAA OG1 1 ? 
ATOM   80   C  CG2 . THR A 1 11  ? 2.705   6.136   7.900   1.000 22.891  ? 50  THR AAA CG2 1 ? 
ATOM   81   N  N   . SER A 1 12  ? 2.692   6.539   12.680  1.000 19.869  ? 51  SER AAA N   1 ? 
ATOM   82   C  CA  . SER A 1 12  ? 3.260   6.569   14.020  1.000 21.982  ? 51  SER AAA CA  1 ? 
ATOM   83   C  C   . SER A 1 12  ? 2.113   6.787   14.992  1.000 24.160  ? 51  SER AAA C   1 ? 
ATOM   84   O  O   . SER A 1 12  ? 1.273   7.665   14.825  1.000 26.034  ? 51  SER AAA O   1 ? 
ATOM   85   C  CB  . SER A 1 12  ? 4.288   7.677   14.100  1.000 26.893  ? 51  SER AAA CB  1 ? 
ATOM   86   O  OG  . SER A 1 12  ? 4.435   8.115   15.441  1.000 29.916  ? 51  SER AAA OG  1 ? 
ATOM   87   N  N   . ASN A 1 13  ? 2.052   5.957   16.028  1.000 21.575  ? 52  ASN AAA N   1 ? 
ATOM   88   C  CA  . ASN A 1 13  ? 1.132   6.154   17.125  1.000 20.938  ? 52  ASN AAA CA  1 ? 
ATOM   89   C  C   . ASN A 1 13  ? 1.688   5.375   18.323  1.000 20.986  ? 52  ASN AAA C   1 ? 
ATOM   90   O  O   . ASN A 1 13  ? 1.624   4.141   18.347  1.000 18.300  ? 52  ASN AAA O   1 ? 
ATOM   91   C  CB  . ASN A 1 13  ? -0.282  5.658   16.838  1.000 25.120  ? 52  ASN AAA CB  1 ? 
ATOM   92   C  CG  . ASN A 1 13  ? -1.246  6.003   17.957  1.000 25.096  ? 52  ASN AAA CG  1 ? 
ATOM   93   O  OD1 . ASN A 1 13  ? -0.882  6.188   19.113  1.000 27.835  ? 52  ASN AAA OD1 1 ? 
ATOM   94   N  ND2 . ASN A 1 13  ? -2.504  6.160   17.624  1.000 32.782  ? 52  ASN AAA ND2 1 ? 
ATOM   95   N  N   . PRO A 1 14  ? 2.254   6.015   19.368  1.000 18.681  ? 53  PRO AAA N   1 ? 
ATOM   96   C  CA  . PRO A 1 14  ? 2.796   5.264   20.493  1.000 19.875  ? 53  PRO AAA CA  1 ? 
ATOM   97   C  C   . PRO A 1 14  ? 1.726   4.528   21.292  1.000 18.903  ? 53  PRO AAA C   1 ? 
ATOM   98   O  O   . PRO A 1 14  ? 2.117   3.675   22.057  1.000 22.594  ? 53  PRO AAA O   1 ? 
ATOM   99   C  CB  . PRO A 1 14  ? 3.378   6.364   21.402  1.000 21.776  ? 53  PRO AAA CB  1 ? 
ATOM   100  C  CG  . PRO A 1 14  ? 3.748   7.412   20.422  1.000 22.244  ? 53  PRO AAA CG  1 ? 
ATOM   101  C  CD  . PRO A 1 14  ? 2.574   7.456   19.461  1.000 22.050  ? 53  PRO AAA CD  1 ? 
ATOM   102  N  N   . ASN A 1 15  ? 0.429   4.775   21.042  1.000 21.384  ? 54  ASN AAA N   1 ? 
ATOM   103  C  CA  . ASN A 1 15  ? -0.571  4.037   21.806  1.000 23.400  ? 54  ASN AAA CA  1 ? 
ATOM   104  C  C   . ASN A 1 15  ? -0.874  2.685   21.156  1.000 24.442  ? 54  ASN AAA C   1 ? 
ATOM   105  O  O   . ASN A 1 15  ? -1.562  1.844   21.758  1.000 25.335  ? 54  ASN AAA O   1 ? 
ATOM   106  C  CB  . ASN A 1 15  ? -1.850  4.820   22.059  1.000 26.446  ? 54  ASN AAA CB  1 ? 
ATOM   107  C  CG  . ASN A 1 15  ? -1.618  5.986   23.001  1.000 28.849  ? 54  ASN AAA CG  1 ? 
ATOM   108  O  OD1 . ASN A 1 15  ? -0.894  5.879   24.014  1.000 27.679  ? 54  ASN AAA OD1 1 ? 
ATOM   109  N  ND2 . ASN A 1 15  ? -2.219  7.112   22.650  1.000 31.500  ? 54  ASN AAA ND2 1 ? 
ATOM   110  N  N   . LYS A 1 16  ? -0.457  2.508   19.897  1.000 21.524  ? 55  LYS AAA N   1 ? 
ATOM   111  C  CA  . LYS A 1 16  ? -0.804  1.268   19.195  1.000 22.826  ? 55  LYS AAA CA  1 ? 
ATOM   112  C  C   . LYS A 1 16  ? 0.282   0.239   19.501  1.000 22.366  ? 55  LYS AAA C   1 ? 
ATOM   113  O  O   . LYS A 1 16  ? 1.457   0.500   19.301  1.000 19.791  ? 55  LYS AAA O   1 ? 
ATOM   114  C  CB  . LYS A 1 16  ? -0.894  1.548   17.696  1.000 20.120  ? 55  LYS AAA CB  1 ? 
ATOM   115  C  CG  . LYS A 1 16  ? -1.280  0.326   16.853  1.000 21.425  ? 55  LYS AAA CG  1 ? 
ATOM   116  C  CD  . LYS A 1 16  ? -1.050  0.510   15.361  1.000 18.092  ? 55  LYS AAA CD  1 ? 
ATOM   117  C  CE  . LYS A 1 16  ? -1.577  -0.601  14.468  1.000 19.161  ? 55  LYS AAA CE  1 ? 
ATOM   118  N  NZ  . LYS A 1 16  ? -0.871  -1.892  14.702  1.000 16.390  ? 55  LYS AAA NZ  1 ? 
ATOM   119  N  N   . PRO A 1 17  ? -0.027  -0.981  20.032  1.000 24.912  ? 56  PRO AAA N   1 ? 
ATOM   120  C  CA  . PRO A 1 17  ? 1.039   -1.957  20.305  1.000 26.824  ? 56  PRO AAA CA  1 ? 
ATOM   121  C  C   . PRO A 1 17  ? 1.693   -2.479  19.017  1.000 24.377  ? 56  PRO AAA C   1 ? 
ATOM   122  O  O   . PRO A 1 17  ? 1.029   -2.568  18.012  1.000 21.782  ? 56  PRO AAA O   1 ? 
ATOM   123  C  CB  . PRO A 1 17  ? 0.272   -3.058  21.065  1.000 26.936  ? 56  PRO AAA CB  1 ? 
ATOM   124  C  CG  . PRO A 1 17  ? -1.100  -2.961  20.477  1.000 28.207  ? 56  PRO AAA CG  1 ? 
ATOM   125  C  CD  . PRO A 1 17  ? -1.355  -1.452  20.463  1.000 27.089  ? 56  PRO AAA CD  1 ? 
ATOM   126  N  N   . LYS A 1 18  ? 3.010   -2.699  19.075  1.000 26.188  ? 57  LYS AAA N   1 ? 
ATOM   127  C  CA  . LYS A 1 18  ? 3.815   -2.971  17.897  1.000 26.173  ? 57  LYS AAA CA  1 ? 
ATOM   128  C  C   . LYS A 1 18  ? 4.544   -4.278  18.154  1.000 23.892  ? 57  LYS AAA C   1 ? 
ATOM   129  O  O   . LYS A 1 18  ? 4.912   -4.537  19.297  1.000 23.313  ? 57  LYS AAA O   1 ? 
ATOM   130  C  CB  . LYS A 1 18  ? 4.951   -1.934  17.777  1.000 22.343  ? 57  LYS AAA CB  1 ? 
ATOM   131  C  CG  . LYS A 1 18  ? 4.495   -0.515  18.052  1.000 21.029  ? 57  LYS AAA CG  1 ? 
ATOM   132  C  CD  . LYS A 1 18  ? 3.470   -0.158  16.996  1.000 24.954  ? 57  LYS AAA CD  1 ? 
ATOM   133  C  CE  . LYS A 1 18  ? 3.396   1.300   16.686  1.000 24.648  ? 57  LYS AAA CE  1 ? 
ATOM   134  N  NZ  . LYS A 1 18  ? 3.261   2.058   17.938  1.000 18.841  ? 57  LYS AAA NZ  1 ? 
ATOM   135  N  N   . ARG A 1 19  ? 4.807   -5.047  17.107  1.000 19.974  ? 58  ARG AAA N   1 ? 
ATOM   136  C  CA  . ARG A 1 19  ? 5.628   -6.228  17.311  1.000 20.429  ? 58  ARG AAA CA  1 ? 
ATOM   137  C  C   . ARG A 1 19  ? 6.409   -6.444  16.034  1.000 22.803  ? 58  ARG AAA C   1 ? 
ATOM   138  O  O   . ARG A 1 19  ? 5.863   -6.193  14.980  1.000 26.654  ? 58  ARG AAA O   1 ? 
ATOM   139  C  CB  . ARG A 1 19  ? 4.672   -7.360  17.750  1.000 23.019  ? 58  ARG AAA CB  1 ? 
ATOM   140  C  CG  . ARG A 1 19  ? 5.186   -8.782  17.678  1.000 29.161  ? 58  ARG AAA CG  1 ? 
ATOM   141  C  CD  . ARG A 1 19  ? 3.986   -9.561  18.186  1.000 22.080  ? 58  ARG AAA CD  1 ? 
ATOM   142  N  NE  . ARG A 1 19  ? 3.039   -9.802  17.102  1.000 20.785  ? 58  ARG AAA NE  1 ? 
ATOM   143  C  CZ  . ARG A 1 19  ? 2.394   -10.953 16.897  1.000 22.280  ? 58  ARG AAA CZ  1 ? 
ATOM   144  N  NH1 . ARG A 1 19  ? 2.548   -11.971 17.735  1.000 25.229  ? 58  ARG AAA NH1 1 ? 
ATOM   145  N  NH2 . ARG A 1 19  ? 1.614   -11.091 15.841  1.000 22.057  ? 58  ARG AAA NH2 1 ? 
ATOM   146  N  N   . GLN A 1 20  ? 7.655   -6.900  16.154  1.000 24.278  ? 59  GLN AAA N   1 ? 
ATOM   147  C  CA  . GLN A 1 20  ? 8.379   -7.458  15.028  1.000 27.732  ? 59  GLN AAA CA  1 ? 
ATOM   148  C  C   . GLN A 1 20  ? 7.990   -8.934  14.906  1.000 26.065  ? 59  GLN AAA C   1 ? 
ATOM   149  O  O   . GLN A 1 20  ? 7.853   -9.643  15.915  1.000 29.635  ? 59  GLN AAA O   1 ? 
ATOM   150  C  CB  . GLN A 1 20  ? 9.875   -7.305  15.283  1.000 32.003  ? 59  GLN AAA CB  1 ? 
ATOM   151  C  CG  . GLN A 1 20  ? 10.708  -7.507  14.031  1.000 41.398  ? 59  GLN AAA CG  1 ? 
ATOM   152  C  CD  . GLN A 1 20  ? 10.115  -6.757  12.861  1.000 45.376  ? 59  GLN AAA CD  1 ? 
ATOM   153  O  OE1 . GLN A 1 20  ? 9.260   -7.252  12.115  1.000 40.734  ? 59  GLN AAA OE1 1 ? 
ATOM   154  N  NE2 . GLN A 1 20  ? 10.586  -5.537  12.687  1.000 52.101  ? 59  GLN AAA NE2 1 ? 
ATOM   155  N  N   . THR A 1 21  ? 7.675   -9.387  13.694  1.000 23.512  ? 60  THR AAA N   1 ? 
ATOM   156  C  CA  . THR A 1 21  ? 7.531   -10.823 13.521  1.000 21.650  ? 60  THR AAA CA  1 ? 
ATOM   157  C  C   . THR A 1 21  ? 8.387   -11.211 12.323  1.000 22.612  ? 60  THR AAA C   1 ? 
ATOM   158  O  O   . THR A 1 21  ? 8.701   -10.379 11.482  1.000 18.856  ? 60  THR AAA O   1 ? 
ATOM   159  C  CB  . THR A 1 21  ? 6.084   -11.328 13.384  1.000 21.066  ? 60  THR AAA CB  1 ? 
ATOM   160  O  OG1 . THR A 1 21  ? 5.545   -10.968 12.098  1.000 19.974  ? 60  THR AAA OG1 1 ? 
ATOM   161  C  CG2 . THR A 1 21  ? 5.127   -10.906 14.497  1.000 18.346  ? 60  THR AAA CG2 1 ? 
ATOM   162  N  N   . ASN A 1 22  ? 8.666   -12.512 12.192  1.000 20.144  ? 61  ASN AAA N   1 ? 
ATOM   163  C  CA  . ASN A 1 22  ? 9.396   -12.968 11.017  1.000 19.627  ? 61  ASN AAA CA  1 ? 
ATOM   164  C  C   . ASN A 1 22  ? 8.584   -12.681 9.736   1.000 19.274  ? 61  ASN AAA C   1 ? 
ATOM   165  O  O   . ASN A 1 22  ? 9.160   -12.476 8.662   1.000 20.034  ? 61  ASN AAA O   1 ? 
ATOM   166  C  CB  . ASN A 1 22  ? 9.773   -14.455 11.141  1.000 19.912  ? 61  ASN AAA CB  1 ? 
ATOM   167  C  CG  . ASN A 1 22  ? 8.590   -15.408 11.109  1.000 21.794  ? 61  ASN AAA CG  1 ? 
ATOM   168  O  OD1 . ASN A 1 22  ? 7.609   -15.246 11.831  1.000 22.502  ? 61  ASN AAA OD1 1 ? 
ATOM   169  N  ND2 . ASN A 1 22  ? 8.662   -16.440 10.262  1.000 24.519  ? 61  ASN AAA ND2 1 ? 
ATOM   170  N  N   . GLN A 1 23  ? 7.240   -12.769 9.846   1.000 18.536  ? 62  GLN AAA N   1 ? 
ATOM   171  C  CA  . GLN A 1 23  ? 6.383   -12.502 8.686   1.000 18.167  ? 62  GLN AAA CA  1 ? 
ATOM   172  C  C   . GLN A 1 23  ? 6.478   -11.029 8.279   1.000 17.793  ? 62  GLN AAA C   1 ? 
ATOM   173  O  O   . GLN A 1 23  ? 6.571   -10.733 7.085   1.000 17.070  ? 62  GLN AAA O   1 ? 
ATOM   174  C  CB  . GLN A 1 23  ? 4.927   -12.880 8.952   1.000 17.271  ? 62  GLN AAA CB  1 ? 
ATOM   175  C  CG  . GLN A 1 23  ? 4.733   -14.371 9.204   1.000 19.619  ? 62  GLN AAA CG  1 ? 
ATOM   176  C  CD  . GLN A 1 23  ? 3.288   -14.754 9.360   1.000 20.581  ? 62  GLN AAA CD  1 ? 
ATOM   177  O  OE1 . GLN A 1 23  ? 2.483   -14.012 9.931   1.000 21.324  ? 62  GLN AAA OE1 1 ? 
ATOM   178  N  NE2 . GLN A 1 23  ? 2.952   -15.969 8.924   1.000 19.715  ? 62  GLN AAA NE2 1 ? 
ATOM   179  N  N   . LEU A 1 24  ? 6.417   -10.125 9.269   1.000 17.306  ? 63  LEU AAA N   1 ? 
ATOM   180  C  CA  . LEU A 1 24  ? 6.606   -8.700  8.977   1.000 15.236  ? 63  LEU AAA CA  1 ? 
ATOM   181  C  C   . LEU A 1 24  ? 7.974   -8.413  8.348   1.000 16.683  ? 63  LEU AAA C   1 ? 
ATOM   182  O  O   . LEU A 1 24  ? 8.078   -7.616  7.417   1.000 18.753  ? 63  LEU AAA O   1 ? 
ATOM   183  C  CB  . LEU A 1 24  ? 6.310   -7.843  10.212  1.000 15.623  ? 63  LEU AAA CB  1 ? 
ATOM   184  C  CG  . LEU A 1 24  ? 4.807   -7.749  10.494  1.000 16.262  ? 63  LEU AAA CG  1 ? 
ATOM   185  C  CD1 . LEU A 1 24  ? 4.559   -7.305  11.939  1.000 19.288  ? 63  LEU AAA CD1 1 ? 
ATOM   186  C  CD2 . LEU A 1 24  ? 4.130   -6.821  9.473   1.000 17.900  ? 63  LEU AAA CD2 1 ? 
ATOM   187  N  N   . GLN A 1 25  ? 9.033   -9.079  8.845   1.000 19.094  ? 64  GLN AAA N   1 ? 
ATOM   188  C  CA  . GLN A 1 25  ? 10.386  -8.964  8.301   1.000 20.979  ? 64  GLN AAA CA  1 ? 
ATOM   189  C  C   . GLN A 1 25  ? 10.443  -9.370  6.826   1.000 21.242  ? 64  GLN AAA C   1 ? 
ATOM   190  O  O   . GLN A 1 25  ? 10.968  -8.638  5.991   1.000 22.031  ? 64  GLN AAA O   1 ? 
ATOM   191  C  CB  . GLN A 1 25  ? 11.301  -9.805  9.184   1.000 22.474  ? 64  GLN AAA CB  1 ? 
ATOM   192  C  CG  . GLN A 1 25  ? 11.785  -9.015  10.395  1.000 29.165  ? 64  GLN AAA CG  1 ? 
ATOM   193  C  CD  . GLN A 1 25  ? 12.466  -9.835  11.461  0.500 29.378  ? 64  GLN AAA CD  1 ? 
ATOM   194  O  OE1 . GLN A 1 25  ? 12.284  -11.045 11.568  0.500 30.163  ? 64  GLN AAA OE1 1 ? 
ATOM   195  N  NE2 . GLN A 1 25  ? 13.227  -9.154  12.294  0.500 30.696  ? 64  GLN AAA NE2 1 ? 
ATOM   196  N  N   . TYR A 1 26  ? 9.792   -10.490 6.497   1.000 18.791  ? 65  TYR AAA N   1 ? 
ATOM   197  C  CA  . TYR A 1 26  ? 9.573   -10.931 5.127   1.000 19.511  ? 65  TYR AAA CA  1 ? 
ATOM   198  C  C   . TYR A 1 26  ? 8.826   -9.875  4.314   1.000 20.131  ? 65  TYR AAA C   1 ? 
ATOM   199  O  O   . TYR A 1 26  ? 9.182   -9.626  3.161   1.000 20.333  ? 65  TYR AAA O   1 ? 
ATOM   200  C  CB  . TYR A 1 26  ? 8.886   -12.296 5.107   1.000 20.140  ? 65  TYR AAA CB  1 ? 
ATOM   201  C  CG  . TYR A 1 26  ? 8.576   -12.865 3.740   1.000 20.790  ? 65  TYR AAA CG  1 ? 
ATOM   202  C  CD1 . TYR A 1 26  ? 9.476   -13.697 3.081   1.000 21.635  ? 65  TYR AAA CD1 1 ? 
ATOM   203  C  CD2 . TYR A 1 26  ? 7.345   -12.661 3.137   1.000 21.589  ? 65  TYR AAA CD2 1 ? 
ATOM   204  C  CE1 . TYR A 1 26  ? 9.169   -14.259 1.846   1.000 21.719  ? 65  TYR AAA CE1 1 ? 
ATOM   205  C  CE2 . TYR A 1 26  ? 7.008   -13.238 1.914   1.000 22.048  ? 65  TYR AAA CE2 1 ? 
ATOM   206  C  CZ  . TYR A 1 26  ? 7.939   -14.018 1.239   1.000 21.653  ? 65  TYR AAA CZ  1 ? 
ATOM   207  O  OH  . TYR A 1 26  ? 7.595   -14.601 0.043   1.000 22.688  ? 65  TYR AAA OH  1 ? 
ATOM   208  N  N   . LEU A 1 27  ? 7.749   -9.318  4.870   1.000 17.647  ? 66  LEU AAA N   1 ? 
ATOM   209  C  CA  . LEU A 1 27  ? 6.997   -8.321  4.105   1.000 18.224  ? 66  LEU AAA CA  1 ? 
ATOM   210  C  C   . LEU A 1 27  ? 7.851   -7.121  3.735   1.000 18.728  ? 66  LEU AAA C   1 ? 
ATOM   211  O  O   . LEU A 1 27  ? 7.602   -6.518  2.689   1.000 18.390  ? 66  LEU AAA O   1 ? 
ATOM   212  C  CB  . LEU A 1 27  ? 5.766   -7.949  4.928   1.000 17.447  ? 66  LEU AAA CB  1 ? 
ATOM   213  C  CG  . LEU A 1 27  ? 4.564   -8.881  4.771   1.000 17.159  ? 66  LEU AAA CG  1 ? 
ATOM   214  C  CD1 . LEU A 1 27  ? 3.637   -8.771  5.977   1.000 19.798  ? 66  LEU AAA CD1 1 ? 
ATOM   215  C  CD2 . LEU A 1 27  ? 3.787   -8.625  3.482   1.000 21.444  ? 66  LEU AAA CD2 1 ? 
ATOM   216  N  N   . LEU A 1 28  ? 8.812   -6.752  4.572   1.000 18.596  ? 67  LEU AAA N   1 ? 
ATOM   217  C  CA  . LEU A 1 28  ? 9.690   -5.628  4.265   1.000 19.382  ? 67  LEU AAA CA  1 ? 
ATOM   218  C  C   . LEU A 1 28  ? 10.796  -6.031  3.298   1.000 21.321  ? 67  LEU AAA C   1 ? 
ATOM   219  O  O   . LEU A 1 28  ? 10.981  -5.370  2.260   1.000 22.205  ? 67  LEU AAA O   1 ? 
ATOM   220  C  CB  . LEU A 1 28  ? 10.295  -5.044  5.546   1.000 20.580  ? 67  LEU AAA CB  1 ? 
ATOM   221  C  CG  . LEU A 1 28  ? 11.248  -3.853  5.319   1.000 21.435  ? 67  LEU AAA CG  1 ? 
ATOM   222  C  CD1 . LEU A 1 28  ? 10.662  -2.765  4.450   1.000 22.258  ? 67  LEU AAA CD1 1 ? 
ATOM   223  C  CD2 . LEU A 1 28  ? 11.735  -3.247  6.616   1.000 25.024  ? 67  LEU AAA CD2 1 ? 
ATOM   224  N  N   . ARG A 1 29  ? 11.479  -7.127  3.643   1.000 21.271  ? 68  ARG AAA N   1 ? 
ATOM   225  C  CA  . ARG A 1 29  ? 12.721  -7.505  2.985   1.000 23.678  ? 68  ARG AAA CA  1 ? 
ATOM   226  C  C   . ARG A 1 29  ? 12.434  -8.159  1.641   1.000 24.764  ? 68  ARG AAA C   1 ? 
ATOM   227  O  O   . ARG A 1 29  ? 13.236  -8.032  0.725   1.000 26.890  ? 68  ARG AAA O   1 ? 
ATOM   228  C  CB  . ARG A 1 29  ? 13.559  -8.412  3.895   1.000 26.430  ? 68  ARG AAA CB  1 ? 
ATOM   229  C  CG  . ARG A 1 29  ? 14.183  -7.681  5.078   1.000 29.174  ? 68  ARG AAA CG  1 ? 
ATOM   230  C  CD  . ARG A 1 29  ? 14.827  -8.616  6.092   1.000 35.382  ? 68  ARG AAA CD  1 ? 
ATOM   231  N  NE  . ARG A 1 29  ? 15.643  -7.993  7.126   0.500 34.672  ? 68  ARG AAA NE  1 ? 
ATOM   232  C  CZ  . ARG A 1 29  ? 16.975  -7.940  7.107   0.500 36.242  ? 68  ARG AAA CZ  1 ? 
ATOM   233  N  NH1 . ARG A 1 29  ? 17.648  -8.469  6.097   0.500 37.046  ? 68  ARG AAA NH1 1 ? 
ATOM   234  N  NH2 . ARG A 1 29  ? 17.636  -7.361  8.094   0.500 35.813  ? 68  ARG AAA NH2 1 ? 
ATOM   235  N  N   . VAL A 1 30  ? 11.308  -8.856  1.516   1.000 21.614  ? 69  VAL AAA N   1 ? 
ATOM   236  C  CA  . VAL A 1 30  ? 11.010  -9.512  0.255   1.000 23.741  ? 69  VAL AAA CA  1 ? 
ATOM   237  C  C   . VAL A 1 30  ? 9.885   -8.791  -0.490  1.000 23.857  ? 69  VAL AAA C   1 ? 
ATOM   238  O  O   . VAL A 1 30  ? 10.016  -8.480  -1.675  1.000 25.550  ? 69  VAL AAA O   1 ? 
ATOM   239  C  CB  . VAL A 1 30  ? 10.685  -11.004 0.440   1.000 23.639  ? 69  VAL AAA CB  1 ? 
ATOM   240  C  CG1 . VAL A 1 30  ? 10.230  -11.697 -0.846  1.000 22.915  ? 69  VAL AAA CG1 1 ? 
ATOM   241  C  CG2 . VAL A 1 30  ? 11.872  -11.727 1.081   1.000 23.763  ? 69  VAL AAA CG2 1 ? 
ATOM   242  N  N   . VAL A 1 31  ? 8.741   -8.581  0.160   1.000 20.667  ? 70  VAL AAA N   1 ? 
ATOM   243  C  CA  . VAL A 1 31  ? 7.555   -8.232  -0.604  1.000 20.556  ? 70  VAL AAA CA  1 ? 
ATOM   244  C  C   . VAL A 1 31  ? 7.663   -6.761  -1.026  1.000 22.032  ? 70  VAL AAA C   1 ? 
ATOM   245  O  O   . VAL A 1 31  ? 7.546   -6.435  -2.205  1.000 22.196  ? 70  VAL AAA O   1 ? 
ATOM   246  C  CB  . VAL A 1 31  ? 6.259   -8.523  0.175   1.000 19.038  ? 70  VAL AAA CB  1 ? 
ATOM   247  C  CG1 . VAL A 1 31  ? 4.978   -8.129  -0.584  1.000 21.322  ? 70  VAL AAA CG1 1 ? 
ATOM   248  C  CG2 . VAL A 1 31  ? 6.200   -9.991  0.620   1.000 20.730  ? 70  VAL AAA CG2 1 ? 
ATOM   249  N  N   . LEU A 1 32  ? 7.859   -5.853  -0.060  1.000 22.539  ? 71  LEU AAA N   1 ? 
ATOM   250  C  CA  . LEU A 1 32  ? 7.955   -4.432  -0.355  1.000 21.483  ? 71  LEU AAA CA  1 ? 
ATOM   251  C  C   . LEU A 1 32  ? 9.132   -4.142  -1.284  1.000 24.436  ? 71  LEU AAA C   1 ? 
ATOM   252  O  O   . LEU A 1 32  ? 8.958   -3.464  -2.309  1.000 24.954  ? 71  LEU AAA O   1 ? 
ATOM   253  C  CB  . LEU A 1 32  ? 8.074   -3.627  0.935   1.000 22.507  ? 71  LEU AAA CB  1 ? 
ATOM   254  C  CG  . LEU A 1 32  ? 8.101   -2.122  0.645   1.000 23.608  ? 71  LEU AAA CG  1 ? 
ATOM   255  C  CD1 . LEU A 1 32  ? 6.728   -1.608  0.216   1.000 22.538  ? 71  LEU AAA CD1 1 ? 
ATOM   256  C  CD2 . LEU A 1 32  ? 8.659   -1.373  1.821   1.000 27.926  ? 71  LEU AAA CD2 1 ? 
ATOM   257  N  N   . LYS A 1 33  ? 10.300  -4.698  -0.961  1.000 25.380  ? 72  LYS AAA N   1 ? 
ATOM   258  C  CA  . LYS A 1 33  ? 11.506  -4.507  -1.764  1.000 27.961  ? 72  LYS AAA CA  1 ? 
ATOM   259  C  C   . LYS A 1 33  ? 11.265  -4.885  -3.228  1.000 26.710  ? 72  LYS AAA C   1 ? 
ATOM   260  O  O   . LYS A 1 33  ? 11.680  -4.159  -4.126  1.000 29.348  ? 72  LYS AAA O   1 ? 
ATOM   261  C  CB  . LYS A 1 33  ? 12.637  -5.412  -1.259  1.000 30.533  ? 72  LYS AAA CB  1 ? 
ATOM   262  C  CG  . LYS A 1 33  ? 13.965  -5.288  -2.000  0.500 29.951  ? 72  LYS AAA CG  1 ? 
ATOM   263  C  CD  . LYS A 1 33  ? 14.863  -6.498  -1.810  0.500 31.098  ? 72  LYS AAA CD  1 ? 
ATOM   264  C  CE  . LYS A 1 33  ? 14.301  -7.786  -2.374  0.500 32.202  ? 72  LYS AAA CE  1 ? 
ATOM   265  N  NZ  . LYS A 1 33  ? 14.879  -8.109  -3.702  0.500 33.992  ? 72  LYS AAA NZ  1 ? 
ATOM   266  N  N   . THR A 1 34  ? 10.605  -6.022  -3.466  1.000 24.406  ? 73  THR AAA N   1 ? 
ATOM   267  C  CA  . THR A 1 34  ? 10.338  -6.508  -4.807  1.000 27.670  ? 73  THR AAA CA  1 ? 
ATOM   268  C  C   . THR A 1 34  ? 9.381   -5.567  -5.542  1.000 27.113  ? 73  THR AAA C   1 ? 
ATOM   269  O  O   . THR A 1 34  ? 9.636   -5.175  -6.684  1.000 25.744  ? 73  THR AAA O   1 ? 
ATOM   270  C  CB  . THR A 1 34  ? 9.818   -7.947  -4.778  1.000 31.628  ? 73  THR AAA CB  1 ? 
ATOM   271  O  OG1 . THR A 1 34  ? 10.958  -8.660  -4.284  1.000 37.999  ? 73  THR AAA OG1 1 ? 
ATOM   272  C  CG2 . THR A 1 34  ? 9.419   -8.441  -6.151  1.000 34.024  ? 73  THR AAA CG2 1 ? 
ATOM   273  N  N   . LEU A 1 35  ? 8.255   -5.215  -4.900  1.000 22.680  ? 74  LEU AAA N   1 ? 
ATOM   274  C  CA  . LEU A 1 35  ? 7.238   -4.391  -5.543  1.000 21.890  ? 74  LEU AAA CA  1 ? 
ATOM   275  C  C   . LEU A 1 35  ? 7.757   -2.959  -5.777  1.000 22.351  ? 74  LEU AAA C   1 ? 
ATOM   276  O  O   . LEU A 1 35  ? 7.440   -2.356  -6.804  1.000 22.887  ? 74  LEU AAA O   1 ? 
ATOM   277  C  CB  . LEU A 1 35  ? 5.970   -4.398  -4.671  1.000 21.404  ? 74  LEU AAA CB  1 ? 
ATOM   278  C  CG  . LEU A 1 35  ? 4.889   -5.402  -5.103  1.000 25.265  ? 74  LEU AAA CG  1 ? 
ATOM   279  C  CD1 . LEU A 1 35  ? 5.318   -6.859  -4.935  1.000 25.662  ? 74  LEU AAA CD1 1 ? 
ATOM   280  C  CD2 . LEU A 1 35  ? 3.588   -5.156  -4.359  1.000 25.894  ? 74  LEU AAA CD2 1 ? 
ATOM   281  N  N   . TRP A 1 36  ? 8.598   -2.451  -4.881  1.000 20.316  ? 75  TRP AAA N   1 ? 
ATOM   282  C  CA  . TRP A 1 36  ? 9.013   -1.062  -4.902  1.000 21.981  ? 75  TRP AAA CA  1 ? 
ATOM   283  C  C   . TRP A 1 36  ? 9.807   -0.771  -6.165  1.000 23.866  ? 75  TRP AAA C   1 ? 
ATOM   284  O  O   . TRP A 1 36  ? 9.647   0.316   -6.707  1.000 24.786  ? 75  TRP AAA O   1 ? 
ATOM   285  C  CB  . TRP A 1 36  ? 9.860   -0.702  -3.674  1.000 22.610  ? 75  TRP AAA CB  1 ? 
ATOM   286  C  CG  . TRP A 1 36  ? 10.109  0.770   -3.525  1.000 25.066  ? 75  TRP AAA CG  1 ? 
ATOM   287  C  CD1 . TRP A 1 36  ? 11.223  1.464   -3.928  1.000 27.413  ? 75  TRP AAA CD1 1 ? 
ATOM   288  C  CD2 . TRP A 1 36  ? 9.251   1.737   -2.870  1.000 23.936  ? 75  TRP AAA CD2 1 ? 
ATOM   289  N  NE1 . TRP A 1 36  ? 11.104  2.789   -3.604  1.000 24.976  ? 75  TRP AAA NE1 1 ? 
ATOM   290  C  CE2 . TRP A 1 36  ? 9.921   2.979   -2.919  1.000 24.145  ? 75  TRP AAA CE2 1 ? 
ATOM   291  C  CE3 . TRP A 1 36  ? 7.993   1.666   -2.250  1.000 20.613  ? 75  TRP AAA CE3 1 ? 
ATOM   292  C  CZ2 . TRP A 1 36  ? 9.362   4.136   -2.393  1.000 22.934  ? 75  TRP AAA CZ2 1 ? 
ATOM   293  C  CZ3 . TRP A 1 36  ? 7.436   2.815   -1.724  1.000 21.025  ? 75  TRP AAA CZ3 1 ? 
ATOM   294  C  CH2 . TRP A 1 36  ? 8.107   4.035   -1.804  1.000 23.134  ? 75  TRP AAA CH2 1 ? 
ATOM   295  N  N   . LYS A 1 37  ? 10.609  -1.747  -6.610  1.000 23.448  ? 76  LYS AAA N   1 ? 
ATOM   296  C  CA  . LYS A 1 37  ? 11.525  -1.514  -7.730  1.000 22.175  ? 76  LYS AAA CA  1 ? 
ATOM   297  C  C   . LYS A 1 37  ? 10.918  -1.926  -9.067  1.000 26.851  ? 76  LYS AAA C   1 ? 
ATOM   298  O  O   . LYS A 1 37  ? 11.567  -1.814  -10.110 1.000 30.995  ? 76  LYS AAA O   1 ? 
ATOM   299  C  CB  . LYS A 1 37  ? 12.823  -2.290  -7.507  1.000 28.798  ? 76  LYS AAA CB  1 ? 
ATOM   300  C  CG  . LYS A 1 37  ? 12.697  -3.805  -7.458  1.000 26.886  ? 76  LYS AAA CG  1 ? 
ATOM   301  C  CD  . LYS A 1 37  ? 14.094  -4.393  -7.244  1.000 30.657  ? 76  LYS AAA CD  1 ? 
ATOM   302  C  CE  . LYS A 1 37  ? 14.155  -5.887  -6.987  1.000 35.503  ? 76  LYS AAA CE  1 ? 
ATOM   303  N  NZ  . LYS A 1 37  ? 13.748  -6.688  -8.163  1.000 39.238  ? 76  LYS AAA NZ  1 ? 
ATOM   304  N  N   . HIS A 1 38  ? 9.694   -2.429  -9.068  1.000 23.226  ? 77  HIS AAA N   1 ? 
ATOM   305  C  CA  . HIS A 1 38  ? 9.008   -2.766  -10.295 1.000 23.031  ? 77  HIS AAA CA  1 ? 
ATOM   306  C  C   . HIS A 1 38  ? 8.819   -1.523  -11.152 1.000 23.118  ? 77  HIS AAA C   1 ? 
ATOM   307  O  O   . HIS A 1 38  ? 8.634   -0.422  -10.638 1.000 23.979  ? 77  HIS AAA O   1 ? 
ATOM   308  C  CB  . HIS A 1 38  ? 7.694   -3.460  -9.962  1.000 22.090  ? 77  HIS AAA CB  1 ? 
ATOM   309  C  CG  . HIS A 1 38  ? 7.050   -4.131  -11.119 1.000 24.812  ? 77  HIS AAA CG  1 ? 
ATOM   310  N  ND1 . HIS A 1 38  ? 6.343   -3.442  -12.099 1.000 23.460  ? 77  HIS AAA ND1 1 ? 
ATOM   311  C  CD2 . HIS A 1 38  ? 6.969   -5.438  -11.438 1.000 26.655  ? 77  HIS AAA CD2 1 ? 
ATOM   312  C  CE1 . HIS A 1 38  ? 5.862   -4.295  -12.975 1.000 24.756  ? 77  HIS AAA CE1 1 ? 
ATOM   313  N  NE2 . HIS A 1 38  ? 6.240   -5.529  -12.580 1.000 26.906  ? 77  HIS AAA NE2 1 ? 
ATOM   314  N  N   . GLN A 1 39  ? 8.917   -1.735  -12.481 1.000 24.450  ? 78  GLN AAA N   1 ? 
ATOM   315  C  CA  . GLN A 1 39  ? 8.758   -0.678  -13.478 1.000 25.971  ? 78  GLN AAA CA  1 ? 
ATOM   316  C  C   . GLN A 1 39  ? 7.440   0.073   -13.286 1.000 22.458  ? 78  GLN AAA C   1 ? 
ATOM   317  O  O   . GLN A 1 39  ? 7.340   1.257   -13.611 1.000 22.446  ? 78  GLN AAA O   1 ? 
ATOM   318  C  CB  . GLN A 1 39  ? 8.823   -1.264  -14.893 1.000 26.599  ? 78  GLN AAA CB  1 ? 
ATOM   319  C  CG  . GLN A 1 39  ? 8.545   -0.275  -16.024 1.000 32.770  ? 78  GLN AAA CG  1 ? 
ATOM   320  C  CD  . GLN A 1 39  ? 8.677   -0.903  -17.396 1.000 33.649  ? 78  GLN AAA CD  1 ? 
ATOM   321  O  OE1 . GLN A 1 39  ? 9.563   -0.544  -18.195 1.000 39.340  ? 78  GLN AAA OE1 1 ? 
ATOM   322  N  NE2 . GLN A 1 39  ? 7.827   -1.883  -17.674 1.000 28.561  ? 78  GLN AAA NE2 1 ? 
ATOM   323  N  N   . PHE A 1 40  ? 6.428   -0.603  -12.738 1.000 22.973  ? 79  PHE AAA N   1 ? 
ATOM   324  C  CA  . PHE A 1 40  ? 5.120   0.017   -12.636 1.000 22.291  ? 79  PHE AAA CA  1 ? 
ATOM   325  C  C   . PHE A 1 40  ? 4.805   0.478   -11.203 1.000 20.792  ? 79  PHE AAA C   1 ? 
ATOM   326  O  O   . PHE A 1 40  ? 3.649   0.821   -10.936 1.000 18.402  ? 79  PHE AAA O   1 ? 
ATOM   327  C  CB  . PHE A 1 40  ? 4.069   -0.998  -13.081 1.000 21.829  ? 79  PHE AAA CB  1 ? 
ATOM   328  C  CG  . PHE A 1 40  ? 4.050   -1.353  -14.548 1.000 22.543  ? 79  PHE AAA CG  1 ? 
ATOM   329  C  CD1 . PHE A 1 40  ? 4.585   -0.516  -15.506 1.000 21.875  ? 79  PHE AAA CD1 1 ? 
ATOM   330  C  CD2 . PHE A 1 40  ? 3.423   -2.517  -14.977 1.000 23.602  ? 79  PHE AAA CD2 1 ? 
ATOM   331  C  CE1 . PHE A 1 40  ? 4.520   -0.830  -16.854 1.000 24.876  ? 79  PHE AAA CE1 1 ? 
ATOM   332  C  CE2 . PHE A 1 40  ? 3.358   -2.830  -16.327 1.000 25.361  ? 79  PHE AAA CE2 1 ? 
ATOM   333  C  CZ  . PHE A 1 40  ? 3.909   -1.986  -17.269 1.000 23.638  ? 79  PHE AAA CZ  1 ? 
ATOM   334  N  N   . ALA A 1 41  ? 5.817   0.575   -10.319 1.000 19.645  ? 80  ALA AAA N   1 ? 
ATOM   335  C  CA  . ALA A 1 41  ? 5.524   0.954   -8.927  1.000 21.259  ? 80  ALA AAA CA  1 ? 
ATOM   336  C  C   . ALA A 1 41  ? 5.262   2.443   -8.742  1.000 21.155  ? 80  ALA AAA C   1 ? 
ATOM   337  O  O   . ALA A 1 41  ? 4.654   2.839   -7.753  1.000 19.546  ? 80  ALA AAA O   1 ? 
ATOM   338  C  CB  . ALA A 1 41  ? 6.674   0.584   -8.032  1.000 20.507  ? 80  ALA AAA CB  1 ? 
ATOM   339  N  N   . TRP A 1 42  ? 5.893   3.289   -9.571  1.000 20.075  ? 81  TRP AAA N   1 ? 
ATOM   340  C  CA  . TRP A 1 42  ? 5.912   4.717   -9.306  1.000 19.857  ? 81  TRP AAA CA  1 ? 
ATOM   341  C  C   . TRP A 1 42  ? 4.542   5.299   -8.927  1.000 18.002  ? 81  TRP AAA C   1 ? 
ATOM   342  O  O   . TRP A 1 42  ? 4.502   6.127   -8.021  1.000 19.862  ? 81  TRP AAA O   1 ? 
ATOM   343  C  CB  . TRP A 1 42  ? 6.625   5.529   -10.419 1.000 19.073  ? 81  TRP AAA CB  1 ? 
ATOM   344  C  CG  . TRP A 1 42  ? 5.959   5.508   -11.751 1.000 20.303  ? 81  TRP AAA CG  1 ? 
ATOM   345  C  CD1 . TRP A 1 42  ? 6.189   4.624   -12.770 1.000 20.375  ? 81  TRP AAA CD1 1 ? 
ATOM   346  C  CD2 . TRP A 1 42  ? 4.912   6.383   -12.197 1.000 21.076  ? 81  TRP AAA CD2 1 ? 
ATOM   347  N  NE1 . TRP A 1 42  ? 5.322   4.859   -13.811 1.000 21.637  ? 81  TRP AAA NE1 1 ? 
ATOM   348  C  CE2 . TRP A 1 42  ? 4.545   5.955   -13.495 1.000 22.041  ? 81  TRP AAA CE2 1 ? 
ATOM   349  C  CE3 . TRP A 1 42  ? 4.267   7.498   -11.634 1.000 22.565  ? 81  TRP AAA CE3 1 ? 
ATOM   350  C  CZ2 . TRP A 1 42  ? 3.583   6.633   -14.247 1.000 23.158  ? 81  TRP AAA CZ2 1 ? 
ATOM   351  C  CZ3 . TRP A 1 42  ? 3.257   8.106   -12.339 1.000 22.106  ? 81  TRP AAA CZ3 1 ? 
ATOM   352  C  CH2 . TRP A 1 42  ? 2.926   7.690   -13.634 1.000 23.907  ? 81  TRP AAA CH2 1 ? 
ATOM   353  N  N   . PRO A 1 43  ? 3.382   4.977   -9.556  1.000 18.188  ? 82  PRO AAA N   1 ? 
ATOM   354  C  CA  . PRO A 1 43  ? 2.132   5.624   -9.164  1.000 16.220  ? 82  PRO AAA CA  1 ? 
ATOM   355  C  C   . PRO A 1 43  ? 1.690   5.237   -7.758  1.000 16.300  ? 82  PRO AAA C   1 ? 
ATOM   356  O  O   . PRO A 1 43  ? 0.734   5.814   -7.246  1.000 18.319  ? 82  PRO AAA O   1 ? 
ATOM   357  C  CB  . PRO A 1 43  ? 1.056   5.038   -10.085 1.000 18.513  ? 82  PRO AAA CB  1 ? 
ATOM   358  C  CG  . PRO A 1 43  ? 1.857   4.501   -11.256 1.000 19.459  ? 82  PRO AAA CG  1 ? 
ATOM   359  C  CD  . PRO A 1 43  ? 3.182   4.035   -10.675 1.000 17.940  ? 82  PRO AAA CD  1 ? 
ATOM   360  N  N   . PHE A 1 44  ? 2.305   4.192   -7.217  1.000 16.682  ? 83  PHE AAA N   1 ? 
ATOM   361  C  CA  . PHE A 1 44  ? 1.859   3.641   -5.948  1.000 16.320  ? 83  PHE AAA CA  1 ? 
ATOM   362  C  C   . PHE A 1 44  ? 2.865   3.928   -4.839  1.000 16.837  ? 83  PHE AAA C   1 ? 
ATOM   363  O  O   . PHE A 1 44  ? 2.672   3.462   -3.699  1.000 16.545  ? 83  PHE AAA O   1 ? 
ATOM   364  C  CB  . PHE A 1 44  ? 1.678   2.127   -6.104  1.000 15.551  ? 83  PHE AAA CB  1 ? 
ATOM   365  C  CG  . PHE A 1 44  ? 0.731   1.751   -7.193  1.000 15.417  ? 83  PHE AAA CG  1 ? 
ATOM   366  C  CD1 . PHE A 1 44  ? -0.635  1.848   -6.982  1.000 15.771  ? 83  PHE AAA CD1 1 ? 
ATOM   367  C  CD2 . PHE A 1 44  ? 1.186   1.394   -8.451  1.000 16.088  ? 83  PHE AAA CD2 1 ? 
ATOM   368  C  CE1 . PHE A 1 44  ? -1.547  1.568   -7.994  1.000 18.014  ? 83  PHE AAA CE1 1 ? 
ATOM   369  C  CE2 . PHE A 1 44  ? 0.270   1.143   -9.462  1.000 14.548  ? 83  PHE AAA CE2 1 ? 
ATOM   370  C  CZ  . PHE A 1 44  ? -1.092  1.228   -9.254  1.000 17.124  ? 83  PHE AAA CZ  1 ? 
ATOM   371  N  N   . GLN A 1 45  ? 3.896   4.749   -5.075  1.000 17.291  ? 84  GLN AAA N   1 ? 
ATOM   372  C  CA  . GLN A 1 45  ? 4.979   4.966   -4.119  1.000 17.301  ? 84  GLN AAA CA  1 ? 
ATOM   373  C  C   . GLN A 1 45  ? 4.703   6.087   -3.107  1.000 15.831  ? 84  GLN AAA C   1 ? 
ATOM   374  O  O   . GLN A 1 45  ? 5.515   6.377   -2.230  1.000 18.074  ? 84  GLN AAA O   1 ? 
ATOM   375  C  CB  . GLN A 1 45  ? 6.309   5.191   -4.843  1.000 19.392  ? 84  GLN AAA CB  1 ? 
ATOM   376  C  CG  . GLN A 1 45  ? 6.916   3.878   -5.306  1.000 19.500  ? 84  GLN AAA CG  1 ? 
ATOM   377  C  CD  . GLN A 1 45  ? 8.131   4.131   -6.178  1.000 21.362  ? 84  GLN AAA CD  1 ? 
ATOM   378  O  OE1 . GLN A 1 45  ? 8.344   5.247   -6.625  1.000 24.266  ? 84  GLN AAA OE1 1 ? 
ATOM   379  N  NE2 . GLN A 1 45  ? 8.931   3.111   -6.416  1.000 22.807  ? 84  GLN AAA NE2 1 ? 
ATOM   380  N  N   . GLN A 1 46  ? 3.531   6.705   -3.240  1.000 16.374  ? 85  GLN AAA N   1 ? 
ATOM   381  C  CA  . GLN A 1 46  ? 3.141   7.826   -2.388  1.000 16.527  ? 85  GLN AAA CA  1 ? 
ATOM   382  C  C   . GLN A 1 46  ? 1.646   8.001   -2.446  1.000 15.012  ? 85  GLN AAA C   1 ? 
ATOM   383  O  O   . GLN A 1 46  ? 0.974   7.511   -3.351  1.000 15.242  ? 85  GLN AAA O   1 ? 
ATOM   384  C  CB  . GLN A 1 46  ? 3.803   9.146   -2.819  1.000 17.594  ? 85  GLN AAA CB  1 ? 
ATOM   385  C  CG  . GLN A 1 46  ? 3.466   9.570   -4.247  1.000 18.282  ? 85  GLN AAA CG  1 ? 
ATOM   386  C  CD  . GLN A 1 46  ? 4.132   8.742   -5.324  1.000 16.887  ? 85  GLN AAA CD  1 ? 
ATOM   387  O  OE1 . GLN A 1 46  ? 5.352   8.542   -5.327  1.000 21.444  ? 85  GLN AAA OE1 1 ? 
ATOM   388  N  NE2 . GLN A 1 46  ? 3.322   8.200   -6.220  1.000 16.682  ? 85  GLN AAA NE2 1 ? 
ATOM   389  N  N   . PRO A 1 47  ? 1.041   8.685   -1.452  1.000 14.348  ? 86  PRO AAA N   1 ? 
ATOM   390  C  CA  . PRO A 1 47  ? -0.403  8.926   -1.505  1.000 15.472  ? 86  PRO AAA CA  1 ? 
ATOM   391  C  C   . PRO A 1 47  ? -0.799  9.661   -2.791  1.000 15.738  ? 86  PRO AAA C   1 ? 
ATOM   392  O  O   . PRO A 1 47  ? -0.021  10.450  -3.335  1.000 18.148  ? 86  PRO AAA O   1 ? 
ATOM   393  C  CB  . PRO A 1 47  ? -0.683  9.820   -0.278  1.000 17.597  ? 86  PRO AAA CB  1 ? 
ATOM   394  C  CG  . PRO A 1 47  ? 0.468   9.466   0.667   1.000 18.311  ? 86  PRO AAA CG  1 ? 
ATOM   395  C  CD  . PRO A 1 47  ? 1.679   9.176   -0.208  1.000 16.948  ? 86  PRO AAA CD  1 ? 
ATOM   396  N  N   . VAL A 1 48  ? -2.019  9.376   -3.255  1.000 15.845  ? 87  VAL AAA N   1 ? 
ATOM   397  C  CA  . VAL A 1 48  ? -2.551  10.060  -4.420  1.000 16.475  ? 87  VAL AAA CA  1 ? 
ATOM   398  C  C   . VAL A 1 48  ? -2.682  11.545  -4.084  1.000 17.174  ? 87  VAL AAA C   1 ? 
ATOM   399  O  O   . VAL A 1 48  ? -3.357  11.916  -3.122  1.000 17.220  ? 87  VAL AAA O   1 ? 
ATOM   400  C  CB  . VAL A 1 48  ? -3.873  9.443   -4.867  1.000 16.454  ? 87  VAL AAA CB  1 ? 
ATOM   401  C  CG1 . VAL A 1 48  ? -4.561  10.313  -5.898  1.000 19.025  ? 87  VAL AAA CG1 1 ? 
ATOM   402  C  CG2 . VAL A 1 48  ? -3.682  8.040   -5.399  1.000 16.146  ? 87  VAL AAA CG2 1 ? 
ATOM   403  N  N   . ASP A 1 49  ? -2.019  12.391  -4.892  1.000 18.989  ? 88  ASP AAA N   1 ? 
ATOM   404  C  CA  . ASP A 1 49  ? -2.143  13.840  -4.751  1.000 17.450  ? 88  ASP AAA CA  1 ? 
ATOM   405  C  C   . ASP A 1 49  ? -3.262  14.273  -5.700  1.000 17.732  ? 88  ASP AAA C   1 ? 
ATOM   406  O  O   . ASP A 1 49  ? -3.019  14.439  -6.885  1.000 17.195  ? 88  ASP AAA O   1 ? 
ATOM   407  C  CB  . ASP A 1 49  ? -0.796  14.525  -5.007  1.000 19.383  ? 88  ASP AAA CB  1 ? 
ATOM   408  C  CG  . ASP A 1 49  ? -0.866  16.050  -4.922  1.000 22.849  ? 88  ASP AAA CG  1 ? 
ATOM   409  O  OD1 . ASP A 1 49  ? -1.960  16.579  -4.903  1.000 21.544  ? 88  ASP AAA OD1 1 ? 
ATOM   410  O  OD2 . ASP A 1 49  ? 0.214   16.675  -4.907  1.000 28.819  ? 88  ASP AAA OD2 1 ? 
ATOM   411  N  N   . ALA A 1 50  ? -4.512  14.289  -5.199  1.000 17.556  ? 89  ALA AAA N   1 ? 
ATOM   412  C  CA  . ALA A 1 50  ? -5.693  14.578  -5.991  1.000 19.334  ? 89  ALA AAA CA  1 ? 
ATOM   413  C  C   . ALA A 1 50  ? -5.661  16.011  -6.522  1.000 20.345  ? 89  ALA AAA C   1 ? 
ATOM   414  O  O   . ALA A 1 50  ? -6.301  16.257  -7.541  1.000 20.507  ? 89  ALA AAA O   1 ? 
ATOM   415  C  CB  . ALA A 1 50  ? -6.948  14.343  -5.184  1.000 22.269  ? 89  ALA AAA CB  1 ? 
ATOM   416  N  N   . VAL A 1 51  ? -4.875  16.889  -5.909  1.000 18.704  ? 90  VAL AAA N   1 ? 
ATOM   417  C  CA  . VAL A 1 51  ? -4.799  18.257  -6.411  1.000 21.336  ? 90  VAL AAA CA  1 ? 
ATOM   418  C  C   . VAL A 1 51  ? -3.968  18.260  -7.686  1.000 20.553  ? 90  VAL AAA C   1 ? 
ATOM   419  O  O   . VAL A 1 51  ? -4.427  18.748  -8.738  1.000 21.109  ? 90  VAL AAA O   1 ? 
ATOM   420  C  CB  . VAL A 1 51  ? -4.230  19.214  -5.353  1.000 20.580  ? 90  VAL AAA CB  1 ? 
ATOM   421  C  CG1 . VAL A 1 51  ? -4.051  20.633  -5.896  1.000 22.292  ? 90  VAL AAA CG1 1 ? 
ATOM   422  C  CG2 . VAL A 1 51  ? -5.128  19.212  -4.130  1.000 22.738  ? 90  VAL AAA CG2 1 ? 
ATOM   423  N  N   . LYS A 1 52  ? -2.736  17.751  -7.554  1.000 19.427  ? 91  LYS AAA N   1 ? 
ATOM   424  C  CA  . LYS A 1 52  ? -1.832  17.748  -8.691  1.000 21.108  ? 91  LYS AAA CA  1 ? 
ATOM   425  C  C   . LYS A 1 52  ? -2.404  16.979  -9.890  1.000 22.192  ? 91  LYS AAA C   1 ? 
ATOM   426  O  O   . LYS A 1 52  ? -2.196  17.380  -11.032 1.000 22.379  ? 91  LYS AAA O   1 ? 
ATOM   427  C  CB  . LYS A 1 52  ? -0.477  17.181  -8.292  1.000 23.669  ? 91  LYS AAA CB  1 ? 
ATOM   428  C  CG  . LYS A 1 52  ? 0.582   17.465  -9.343  1.000 26.584  ? 91  LYS AAA CG  1 ? 
ATOM   429  C  CD  . LYS A 1 52  ? 1.954   17.697  -8.774  1.000 31.042  ? 91  LYS AAA CD  1 ? 
ATOM   430  C  CE  . LYS A 1 52  ? 2.909   18.201  -9.841  1.000 31.163  ? 91  LYS AAA CE  1 ? 
ATOM   431  N  NZ  . LYS A 1 52  ? 4.276   17.656  -9.661  1.000 32.043  ? 91  LYS AAA NZ  1 ? 
ATOM   432  N  N   . LEU A 1 53  ? -3.093  15.868  -9.650  1.000 21.119  ? 92  LEU AAA N   1 ? 
ATOM   433  C  CA  . LEU A 1 53  ? -3.653  15.034  -10.712 1.000 21.514  ? 92  LEU AAA CA  1 ? 
ATOM   434  C  C   . LEU A 1 53  ? -5.015  15.535  -11.192 1.000 24.803  ? 92  LEU AAA C   1 ? 
ATOM   435  O  O   . LEU A 1 53  ? -5.611  14.927  -12.092 1.000 24.190  ? 92  LEU AAA O   1 ? 
ATOM   436  C  CB  . LEU A 1 53  ? -3.769  13.606  -10.180 1.000 20.940  ? 92  LEU AAA CB  1 ? 
ATOM   437  C  CG  . LEU A 1 53  ? -2.434  12.944  -9.895  1.000 21.871  ? 92  LEU AAA CG  1 ? 
ATOM   438  C  CD1 . LEU A 1 53  ? -2.593  11.618  -9.166  1.000 23.926  ? 92  LEU AAA CD1 1 ? 
ATOM   439  C  CD2 . LEU A 1 53  ? -1.643  12.768  -11.183 1.000 23.136  ? 92  LEU AAA CD2 1 ? 
ATOM   440  N  N   . ASN A 1 54  ? -5.520  16.597  -10.560 1.000 20.762  ? 93  ASN AAA N   1 ? 
ATOM   441  C  CA  . ASN A 1 54  ? -6.811  17.169  -10.906 1.000 23.008  ? 93  ASN AAA CA  1 ? 
ATOM   442  C  C   . ASN A 1 54  ? -7.901  16.109  -10.822 1.000 22.654  ? 93  ASN AAA C   1 ? 
ATOM   443  O  O   . ASN A 1 54  ? -8.666  15.887  -11.766 1.000 24.566  ? 93  ASN AAA O   1 ? 
ATOM   444  C  CB  . ASN A 1 54  ? -6.786  17.887  -12.270 1.000 25.156  ? 93  ASN AAA CB  1 ? 
ATOM   445  C  CG  . ASN A 1 54  ? -8.114  18.536  -12.607 1.000 30.296  ? 93  ASN AAA CG  1 ? 
ATOM   446  O  OD1 . ASN A 1 54  ? -8.874  18.965  -11.727 1.000 31.386  ? 93  ASN AAA OD1 1 ? 
ATOM   447  N  ND2 . ASN A 1 54  ? -8.430  18.599  -13.892 1.000 36.301  ? 93  ASN AAA ND2 1 ? 
ATOM   448  N  N   . LEU A 1 55  ? -7.982  15.445  -9.669  1.000 20.094  ? 94  LEU AAA N   1 ? 
ATOM   449  C  CA  . LEU A 1 55  ? -9.002  14.425  -9.462  1.000 19.578  ? 94  LEU AAA CA  1 ? 
ATOM   450  C  C   . LEU A 1 55  ? -9.794  14.867  -8.245  1.000 20.316  ? 94  LEU AAA C   1 ? 
ATOM   451  O  O   . LEU A 1 55  ? -9.695  14.241  -7.200  1.000 19.435  ? 94  LEU AAA O   1 ? 
ATOM   452  C  CB  . LEU A 1 55  ? -8.341  13.074  -9.177  1.000 18.740  ? 94  LEU AAA CB  1 ? 
ATOM   453  C  CG  . LEU A 1 55  ? -7.452  12.483  -10.262 1.000 23.338  ? 94  LEU AAA CG  1 ? 
ATOM   454  C  CD1 . LEU A 1 55  ? -6.820  11.174  -9.725  1.000 23.448  ? 94  LEU AAA CD1 1 ? 
ATOM   455  C  CD2 . LEU A 1 55  ? -8.199  12.212  -11.538 1.000 25.538  ? 94  LEU AAA CD2 1 ? 
ATOM   456  N  N   . PRO A 1 56  ? -10.598 15.953  -8.301  1.000 18.408  ? 95  PRO AAA N   1 ? 
ATOM   457  C  CA  . PRO A 1 56  ? -11.230 16.447  -7.098  1.000 18.778  ? 95  PRO AAA CA  1 ? 
ATOM   458  C  C   . PRO A 1 56  ? -12.172 15.452  -6.448  1.000 18.428  ? 95  PRO AAA C   1 ? 
ATOM   459  O  O   . PRO A 1 56  ? -12.473 15.634  -5.269  1.000 21.943  ? 95  PRO AAA O   1 ? 
ATOM   460  C  CB  . PRO A 1 56  ? -11.958 17.731  -7.582  1.000 19.304  ? 95  PRO AAA CB  1 ? 
ATOM   461  C  CG  . PRO A 1 56  ? -12.192 17.454  -9.013  1.000 19.966  ? 95  PRO AAA CG  1 ? 
ATOM   462  C  CD  . PRO A 1 56  ? -10.901 16.792  -9.475  1.000 21.550  ? 95  PRO AAA CD  1 ? 
ATOM   463  N  N   . ASP A 1 57  ? -12.600 14.408  -7.169  1.000 18.846  ? 96  ASP AAA N   1 ? 
ATOM   464  C  CA  . ASP A 1 57  ? -13.536 13.460  -6.575  1.000 17.999  ? 96  ASP AAA CA  1 ? 
ATOM   465  C  C   . ASP A 1 57  ? -12.805 12.263  -5.956  1.000 18.681  ? 96  ASP AAA C   1 ? 
ATOM   466  O  O   . ASP A 1 57  ? -13.465 11.384  -5.423  1.000 21.934  ? 96  ASP AAA O   1 ? 
ATOM   467  C  CB  . ASP A 1 57  ? -14.562 12.929  -7.591  1.000 20.815  ? 96  ASP AAA CB  1 ? 
ATOM   468  C  CG  . ASP A 1 57  ? -13.954 12.095  -8.710  1.000 24.692  ? 96  ASP AAA CG  1 ? 
ATOM   469  O  OD1 . ASP A 1 57  ? -12.729 12.119  -8.874  1.000 24.290  ? 96  ASP AAA OD1 1 ? 
ATOM   470  O  OD2 . ASP A 1 57  ? -14.736 11.433  -9.406  1.000 27.433  ? 96  ASP AAA OD2 1 ? 
ATOM   471  N  N   . TYR A 1 58  ? -11.460 12.234  -6.029  1.000 17.903  ? 97  TYR AAA N   1 ? 
ATOM   472  C  CA  . TYR A 1 58  ? -10.779 11.001  -5.659  1.000 17.312  ? 97  TYR AAA CA  1 ? 
ATOM   473  C  C   . TYR A 1 58  ? -11.139 10.628  -4.230  1.000 19.990  ? 97  TYR AAA C   1 ? 
ATOM   474  O  O   . TYR A 1 58  ? -11.499 9.471   -3.963  1.000 18.405  ? 97  TYR AAA O   1 ? 
ATOM   475  C  CB  . TYR A 1 58  ? -9.264  11.144  -5.854  1.000 18.192  ? 97  TYR AAA CB  1 ? 
ATOM   476  C  CG  . TYR A 1 58  ? -8.547  9.836   -5.581  1.000 18.100  ? 97  TYR AAA CG  1 ? 
ATOM   477  C  CD1 . TYR A 1 58  ? -8.518  8.814   -6.534  1.000 17.479  ? 97  TYR AAA CD1 1 ? 
ATOM   478  C  CD2 . TYR A 1 58  ? -7.979  9.584   -4.334  1.000 18.212  ? 97  TYR AAA CD2 1 ? 
ATOM   479  C  CE1 . TYR A 1 58  ? -7.913  7.589   -6.239  1.000 17.699  ? 97  TYR AAA CE1 1 ? 
ATOM   480  C  CE2 . TYR A 1 58  ? -7.376  8.370   -4.027  1.000 18.151  ? 97  TYR AAA CE2 1 ? 
ATOM   481  C  CZ  . TYR A 1 58  ? -7.305  7.393   -5.003  1.000 19.071  ? 97  TYR AAA CZ  1 ? 
ATOM   482  O  OH  . TYR A 1 58  ? -6.743  6.173   -4.675  1.000 18.257  ? 97  TYR AAA OH  1 ? 
ATOM   483  N  N   . TYR A 1 59  ? -10.912 11.584  -3.311  1.000 19.816  ? 98  TYR AAA N   1 ? 
ATOM   484  C  CA  . TYR A 1 59  ? -11.160 11.332  -1.899  1.000 19.231  ? 98  TYR AAA CA  1 ? 
ATOM   485  C  C   . TYR A 1 59  ? -12.646 11.400  -1.541  1.000 21.143  ? 98  TYR AAA C   1 ? 
ATOM   486  O  O   . TYR A 1 59  ? -12.991 11.158  -0.396  1.000 25.258  ? 98  TYR AAA O   1 ? 
ATOM   487  C  CB  . TYR A 1 59  ? -10.225 12.150  -1.028  1.000 18.835  ? 98  TYR AAA CB  1 ? 
ATOM   488  C  CG  . TYR A 1 59  ? -8.782  11.735  -1.173  1.000 18.800  ? 98  TYR AAA CG  1 ? 
ATOM   489  C  CD1 . TYR A 1 59  ? -8.351  10.506  -0.659  1.000 18.903  ? 98  TYR AAA CD1 1 ? 
ATOM   490  C  CD2 . TYR A 1 59  ? -7.843  12.504  -1.856  1.000 17.729  ? 98  TYR AAA CD2 1 ? 
ATOM   491  C  CE1 . TYR A 1 59  ? -7.020  10.126  -0.747  1.000 18.122  ? 98  TYR AAA CE1 1 ? 
ATOM   492  C  CE2 . TYR A 1 59  ? -6.506  12.142  -1.947  1.000 17.902  ? 98  TYR AAA CE2 1 ? 
ATOM   493  C  CZ  . TYR A 1 59  ? -6.102  10.904  -1.420  1.000 17.401  ? 98  TYR AAA CZ  1 ? 
ATOM   494  O  OH  . TYR A 1 59  ? -4.818  10.476  -1.502  1.000 17.536  ? 98  TYR AAA OH  1 ? 
ATOM   495  N  N   . LYS A 1 60  ? -13.516 11.663  -2.509  1.000 20.605  ? 99  LYS AAA N   1 ? 
ATOM   496  C  CA  . LYS A 1 60  ? -14.954 11.448  -2.374  1.000 22.223  ? 99  LYS AAA CA  1 ? 
ATOM   497  C  C   . LYS A 1 60  ? -15.275 9.953   -2.516  1.000 23.574  ? 99  LYS AAA C   1 ? 
ATOM   498  O  O   . LYS A 1 60  ? -16.143 9.433   -1.810  1.000 26.594  ? 99  LYS AAA O   1 ? 
ATOM   499  C  CB  . LYS A 1 60  ? -15.691 12.282  -3.437  1.000 25.533  ? 99  LYS AAA CB  1 ? 
ATOM   500  C  CG  . LYS A 1 60  ? -17.211 12.283  -3.389  1.000 31.768  ? 99  LYS AAA CG  1 ? 
ATOM   501  C  CD  . LYS A 1 60  ? -17.733 12.965  -2.148  1.000 41.050  ? 99  LYS AAA CD  1 ? 
ATOM   502  C  CE  . LYS A 1 60  ? -19.217 12.742  -1.945  1.000 43.550  ? 99  LYS AAA CE  1 ? 
ATOM   503  N  NZ  . LYS A 1 60  ? -19.677 13.151  -0.596  1.000 40.997  ? 99  LYS AAA NZ  1 ? 
ATOM   504  N  N   . ILE A 1 61  ? -14.618 9.288   -3.490  1.000 21.108  ? 100 ILE AAA N   1 ? 
ATOM   505  C  CA  . ILE A 1 61  ? -14.822 7.879   -3.837  1.000 20.206  ? 100 ILE AAA CA  1 ? 
ATOM   506  C  C   . ILE A 1 61  ? -13.986 6.965   -2.932  1.000 19.640  ? 100 ILE AAA C   1 ? 
ATOM   507  O  O   . ILE A 1 61  ? -14.476 5.947   -2.437  1.000 22.568  ? 100 ILE AAA O   1 ? 
ATOM   508  C  CB  . ILE A 1 61  ? -14.454 7.674   -5.325  1.000 21.644  ? 100 ILE AAA CB  1 ? 
ATOM   509  C  CG1 . ILE A 1 61  ? -15.230 8.620   -6.256  1.000 25.201  ? 100 ILE AAA CG1 1 ? 
ATOM   510  C  CG2 . ILE A 1 61  ? -14.687 6.226   -5.725  1.000 22.686  ? 100 ILE AAA CG2 1 ? 
ATOM   511  C  CD1 . ILE A 1 61  ? -16.671 8.614   -5.942  1.000 27.761  ? 100 ILE AAA CD1 1 ? 
ATOM   512  N  N   . ILE A 1 62  ? -12.738 7.344   -2.695  1.000 17.878  ? 101 ILE AAA N   1 ? 
ATOM   513  C  CA  . ILE A 1 62  ? -11.855 6.444   -1.955  1.000 17.139  ? 101 ILE AAA CA  1 ? 
ATOM   514  C  C   . ILE A 1 62  ? -11.732 6.932   -0.513  1.000 17.689  ? 101 ILE AAA C   1 ? 
ATOM   515  O  O   . ILE A 1 62  ? -11.110 7.967   -0.255  1.000 19.823  ? 101 ILE AAA O   1 ? 
ATOM   516  C  CB  . ILE A 1 62  ? -10.498 6.430   -2.670  1.000 16.852  ? 101 ILE AAA CB  1 ? 
ATOM   517  C  CG1 . ILE A 1 62  ? -10.614 5.826   -4.069  1.000 17.380  ? 101 ILE AAA CG1 1 ? 
ATOM   518  C  CG2 . ILE A 1 62  ? -9.470  5.655   -1.843  1.000 16.937  ? 101 ILE AAA CG2 1 ? 
ATOM   519  C  CD1 . ILE A 1 62  ? -11.332 4.461   -4.131  1.000 18.188  ? 101 ILE AAA CD1 1 ? 
ATOM   520  N  N   . LYS A 1 63  ? -12.428 6.240   0.402   1.000 17.152  ? 102 LYS AAA N   1 ? 
ATOM   521  C  CA  . LYS A 1 63  ? -12.456 6.688   1.785   1.000 17.724  ? 102 LYS AAA CA  1 ? 
ATOM   522  C  C   . LYS A 1 63  ? -11.476 5.904   2.643   1.000 19.980  ? 102 LYS AAA C   1 ? 
ATOM   523  O  O   . LYS A 1 63  ? -11.322 6.221   3.814   1.000 21.733  ? 102 LYS AAA O   1 ? 
ATOM   524  C  CB  . LYS A 1 63  ? -13.846 6.434   2.366   1.000 19.532  ? 102 LYS AAA CB  1 ? 
ATOM   525  C  CG  . LYS A 1 63  ? -14.991 7.211   1.747   1.000 22.520  ? 102 LYS AAA CG  1 ? 
ATOM   526  C  CD  . LYS A 1 63  ? -14.595 8.669   1.608   1.000 29.103  ? 102 LYS AAA CD  1 ? 
ATOM   527  C  CE  . LYS A 1 63  ? -15.700 9.692   1.491   1.000 34.323  ? 102 LYS AAA CE  1 ? 
ATOM   528  N  NZ  . LYS A 1 63  ? -15.061 11.035  1.522   1.000 28.865  ? 102 LYS AAA NZ  1 ? 
ATOM   529  N  N   . THR A 1 64  ? -10.810 4.886   2.092   1.000 20.833  ? 103 THR AAA N   1 ? 
ATOM   530  C  CA  . THR A 1 64  ? -9.730  4.243   2.823   1.000 21.928  ? 103 THR AAA CA  1 ? 
ATOM   531  C  C   . THR A 1 64  ? -8.484  4.241   1.952   1.000 19.014  ? 103 THR AAA C   1 ? 
ATOM   532  O  O   . THR A 1 64  ? -8.083  3.227   1.397   1.000 19.925  ? 103 THR AAA O   1 ? 
ATOM   533  C  CB  . THR A 1 64  ? -10.130 2.849   3.313   1.000 26.408  ? 103 THR AAA CB  1 ? 
ATOM   534  O  OG1 . THR A 1 64  ? -10.418 2.176   2.089   1.000 38.196  ? 103 THR AAA OG1 1 ? 
ATOM   535  C  CG2 . THR A 1 64  ? -11.354 2.899   4.194   1.000 24.760  ? 103 THR AAA CG2 1 ? 
ATOM   536  N  N   . PRO A 1 65  ? -7.780  5.380   1.825   1.000 17.147  ? 104 PRO AAA N   1 ? 
ATOM   537  C  CA  . PRO A 1 65  ? -6.609  5.483   0.950   1.000 16.980  ? 104 PRO AAA CA  1 ? 
ATOM   538  C  C   . PRO A 1 65  ? -5.439  4.662   1.478   1.000 16.393  ? 104 PRO AAA C   1 ? 
ATOM   539  O  O   . PRO A 1 65  ? -5.221  4.532   2.666   1.000 16.144  ? 104 PRO AAA O   1 ? 
ATOM   540  C  CB  . PRO A 1 65  ? -6.187  6.954   0.985   1.000 21.110  ? 104 PRO AAA CB  1 ? 
ATOM   541  C  CG  . PRO A 1 65  ? -7.247  7.655   1.788   1.000 17.845  ? 104 PRO AAA CG  1 ? 
ATOM   542  C  CD  . PRO A 1 65  ? -8.120  6.661   2.492   1.000 19.079  ? 104 PRO AAA CD  1 ? 
ATOM   543  N  N   . MET A 1 66  ? -4.639  4.119   0.571   1.000 15.173  ? 105 MET AAA N   1 ? 
ATOM   544  C  CA  . MET A 1 66  ? -3.426  3.452   1.019   1.000 14.152  ? 105 MET AAA CA  1 ? 
ATOM   545  C  C   . MET A 1 66  ? -2.448  3.434   -0.160  1.000 14.145  ? 105 MET AAA C   1 ? 
ATOM   546  O  O   . MET A 1 66  ? -2.862  3.435   -1.340  1.000 15.907  ? 105 MET AAA O   1 ? 
ATOM   547  C  CB  . MET A 1 66  ? -3.722  2.017   1.489   1.000 14.490  ? 105 MET AAA CB  1 ? 
ATOM   548  C  CG  . MET A 1 66  ? -2.525  1.285   2.118   1.000 16.101  ? 105 MET AAA CG  1 ? 
ATOM   549  S  SD  . MET A 1 66  ? -1.640  2.198   3.413   1.000 14.918  ? 105 MET AAA SD  1 ? 
ATOM   550  C  CE  . MET A 1 66  ? -2.937  2.430   4.610   1.000 14.237  ? 105 MET AAA CE  1 ? 
ATOM   551  N  N   . ASP A 1 67  ? -1.148  3.426   0.131   1.000 13.054  ? 106 ASP AAA N   1 ? 
ATOM   552  C  CA  . ASP A 1 67  ? -0.082  3.480   -0.875  1.000 13.240  ? 106 ASP AAA CA  1 ? 
ATOM   553  C  C   . ASP A 1 67  ? 1.158   2.825   -0.286  1.000 14.096  ? 106 ASP AAA C   1 ? 
ATOM   554  O  O   . ASP A 1 67  ? 1.208   2.578   0.917   1.000 13.840  ? 106 ASP AAA O   1 ? 
ATOM   555  C  CB  . ASP A 1 67  ? 0.177   4.948   -1.293  1.000 15.172  ? 106 ASP AAA CB  1 ? 
ATOM   556  C  CG  . ASP A 1 67  ? 0.799   5.703   -0.139  1.000 14.189  ? 106 ASP AAA CG  1 ? 
ATOM   557  O  OD1 . ASP A 1 67  ? 0.024   6.078   0.796   1.000 15.554  ? 106 ASP AAA OD1 1 ? 
ATOM   558  O  OD2 . ASP A 1 67  ? 2.031   5.782   -0.055  1.000 14.580  ? 106 ASP AAA OD2 1 ? 
ATOM   559  N  N   . MET A 1 68  ? 2.123   2.475   -1.167  1.000 15.369  ? 107 MET AAA N   1 ? 
ATOM   560  C  CA  . MET A 1 68  ? 3.298   1.750   -0.709  1.000 13.924  ? 107 MET AAA CA  1 ? 
ATOM   561  C  C   . MET A 1 68  ? 4.298   2.642   -0.001  1.000 16.149  ? 107 MET AAA C   1 ? 
ATOM   562  O  O   . MET A 1 68  ? 5.137   2.132   0.726   1.000 17.740  ? 107 MET AAA O   1 ? 
ATOM   563  C  CB  . MET A 1 68  ? 4.063   1.098   -1.862  1.000 16.459  ? 107 MET AAA CB  1 ? 
ATOM   564  C  CG  . MET A 1 68  ? 3.242   0.015   -2.562  1.000 18.214  ? 107 MET AAA CG  1 ? 
ATOM   565  S  SD  . MET A 1 68  ? 4.333   -1.164  -3.480  1.000 18.791  ? 107 MET AAA SD  1 ? 
ATOM   566  C  CE  . MET A 1 68  ? 4.954   -0.118  -4.820  1.000 19.052  ? 107 MET AAA CE  1 ? 
ATOM   567  N  N   . GLY A 1 69  ? 4.180   3.968   -0.164  1.000 15.659  ? 108 GLY AAA N   1 ? 
ATOM   568  C  CA  . GLY A 1 69  ? 5.021   4.837   0.629   1.000 16.647  ? 108 GLY AAA CA  1 ? 
ATOM   569  C  C   . GLY A 1 69  ? 4.599   4.748   2.091   1.000 15.324  ? 108 GLY AAA C   1 ? 
ATOM   570  O  O   . GLY A 1 69  ? 5.484   4.620   2.964   1.000 17.631  ? 108 GLY AAA O   1 ? 
ATOM   571  N  N   . THR A 1 70  ? 3.269   4.773   2.327   1.000 14.638  ? 109 THR AAA N   1 ? 
ATOM   572  C  CA  . THR A 1 70  ? 2.751   4.587   3.678   1.000 14.508  ? 109 THR AAA CA  1 ? 
ATOM   573  C  C   . THR A 1 70  ? 3.125   3.207   4.218   1.000 15.296  ? 109 THR AAA C   1 ? 
ATOM   574  O  O   . THR A 1 70  ? 3.549   3.101   5.362   1.000 15.711  ? 109 THR AAA O   1 ? 
ATOM   575  C  CB  . THR A 1 70  ? 1.241   4.775   3.677   1.000 15.752  ? 109 THR AAA CB  1 ? 
ATOM   576  O  OG1 . THR A 1 70  ? 0.969   6.114   3.246   1.000 16.371  ? 109 THR AAA OG1 1 ? 
ATOM   577  C  CG2 . THR A 1 70  ? 0.630   4.566   5.048   1.000 15.826  ? 109 THR AAA CG2 1 ? 
ATOM   578  N  N   . ILE A 1 71  ? 2.964   2.155   3.405   1.000 15.018  ? 110 ILE AAA N   1 ? 
ATOM   579  C  CA  . ILE A 1 71  ? 3.294   0.808   3.870   1.000 14.648  ? 110 ILE AAA CA  1 ? 
ATOM   580  C  C   . ILE A 1 71  ? 4.780   0.723   4.192   1.000 16.058  ? 110 ILE AAA C   1 ? 
ATOM   581  O  O   . ILE A 1 71  ? 5.140   0.101   5.194   1.000 16.311  ? 110 ILE AAA O   1 ? 
ATOM   582  C  CB  . ILE A 1 71  ? 2.891   -0.223  2.805   1.000 15.026  ? 110 ILE AAA CB  1 ? 
ATOM   583  C  CG1 . ILE A 1 71  ? 1.375   -0.236  2.643   1.000 14.533  ? 110 ILE AAA CG1 1 ? 
ATOM   584  C  CG2 . ILE A 1 71  ? 3.412   -1.629  3.184   1.000 16.078  ? 110 ILE AAA CG2 1 ? 
ATOM   585  C  CD1 . ILE A 1 71  ? 0.843   -1.009  1.417   1.000 16.175  ? 110 ILE AAA CD1 1 ? 
ATOM   586  N  N   . LYS A 1 72  ? 5.649   1.273   3.312   1.000 17.031  ? 111 LYS AAA N   1 ? 
ATOM   587  C  CA  . LYS A 1 72  ? 7.083   1.267   3.609   1.000 18.765  ? 111 LYS AAA CA  1 ? 
ATOM   588  C  C   . LYS A 1 72  ? 7.414   1.891   4.962   1.000 19.891  ? 111 LYS AAA C   1 ? 
ATOM   589  O  O   . LYS A 1 72  ? 8.180   1.306   5.735   1.000 19.384  ? 111 LYS AAA O   1 ? 
ATOM   590  C  CB  . LYS A 1 72  ? 7.840   1.950   2.476   1.000 20.445  ? 111 LYS AAA CB  1 ? 
ATOM   591  C  CG  . LYS A 1 72  ? 9.355   2.000   2.575   1.000 23.602  ? 111 LYS AAA CG  1 ? 
ATOM   592  C  CD  . LYS A 1 72  ? 9.904   2.424   1.217   1.000 27.829  ? 111 LYS AAA CD  1 ? 
ATOM   593  C  CE  . LYS A 1 72  ? 11.416  2.496   1.230   1.000 32.737  ? 111 LYS AAA CE  1 ? 
ATOM   594  N  NZ  . LYS A 1 72  ? 11.840  3.657   2.034   1.000 31.031  ? 111 LYS AAA NZ  1 ? 
ATOM   595  N  N   . LYS A 1 73  ? 6.797   3.037   5.268   1.000 18.526  ? 112 LYS AAA N   1 ? 
ATOM   596  C  CA  . LYS A 1 73  ? 7.044   3.713   6.536   1.000 19.820  ? 112 LYS AAA CA  1 ? 
ATOM   597  C  C   . LYS A 1 73  ? 6.459   2.876   7.680   1.000 18.450  ? 112 LYS AAA C   1 ? 
ATOM   598  O  O   . LYS A 1 73  ? 7.076   2.719   8.722   1.000 20.765  ? 112 LYS AAA O   1 ? 
ATOM   599  C  CB  . LYS A 1 73  ? 6.347   5.075   6.513   1.000 21.534  ? 112 LYS AAA CB  1 ? 
ATOM   600  C  CG  . LYS A 1 73  ? 6.976   6.161   5.642   1.000 27.130  ? 112 LYS AAA CG  1 ? 
ATOM   601  C  CD  . LYS A 1 73  ? 6.156   7.463   5.694   1.000 32.322  ? 112 LYS AAA CD  1 ? 
ATOM   602  C  CE  . LYS A 1 73  ? 6.669   8.600   4.825   1.000 37.888  ? 112 LYS AAA CE  1 ? 
ATOM   603  N  NZ  . LYS A 1 73  ? 5.934   8.673   3.535   1.000 38.188  ? 112 LYS AAA NZ  1 ? 
ATOM   604  N  N   . ARG A 1 74  ? 5.279   2.296   7.490   1.000 18.050  ? 113 ARG AAA N   1 ? 
ATOM   605  C  CA  . ARG A 1 74  ? 4.726   1.442   8.540   1.000 16.692  ? 113 ARG AAA CA  1 ? 
ATOM   606  C  C   . ARG A 1 74  ? 5.665   0.264   8.818   1.000 17.270  ? 113 ARG AAA C   1 ? 
ATOM   607  O  O   . ARG A 1 74  ? 5.839   -0.106  9.983   1.000 17.706  ? 113 ARG AAA O   1 ? 
ATOM   608  C  CB  . ARG A 1 74  ? 3.319   0.969   8.151   1.000 14.262  ? 113 ARG AAA CB  1 ? 
ATOM   609  C  CG  . ARG A 1 74  ? 2.300   2.085   8.209   1.000 14.208  ? 113 ARG AAA CG  1 ? 
ATOM   610  C  CD  . ARG A 1 74  ? 0.906   1.593   7.915   1.000 13.173  ? 113 ARG AAA CD  1 ? 
ATOM   611  N  NE  . ARG A 1 74  ? -0.082  2.611   8.243   1.000 14.734  ? 113 ARG AAA NE  1 ? 
ATOM   612  C  CZ  . ARG A 1 74  ? -1.410  2.407   8.232   1.000 14.536  ? 113 ARG AAA CZ  1 ? 
ATOM   613  N  NH1 . ARG A 1 74  ? -1.978  1.263   7.880   1.000 16.775  ? 113 ARG AAA NH1 1 ? 
ATOM   614  N  NH2 . ARG A 1 74  ? -2.195  3.385   8.684   1.000 16.335  ? 113 ARG AAA NH2 1 ? 
ATOM   615  N  N   . LEU A 1 75  ? 6.238   -0.366  7.775   1.000 16.962  ? 114 LEU AAA N   1 ? 
ATOM   616  C  CA  . LEU A 1 75  ? 7.143   -1.495  8.005   1.000 17.037  ? 114 LEU AAA CA  1 ? 
ATOM   617  C  C   . LEU A 1 75  ? 8.456   -1.024  8.637   1.000 17.916  ? 114 LEU AAA C   1 ? 
ATOM   618  O  O   . LEU A 1 75  ? 8.928   -1.671  9.583   1.000 19.597  ? 114 LEU AAA O   1 ? 
ATOM   619  C  CB  . LEU A 1 75  ? 7.443   -2.234  6.692   1.000 16.784  ? 114 LEU AAA CB  1 ? 
ATOM   620  C  CG  . LEU A 1 75  ? 6.268   -3.056  6.179   1.000 16.431  ? 114 LEU AAA CG  1 ? 
ATOM   621  C  CD1 . LEU A 1 75  ? 6.455   -3.402  4.695   1.000 17.827  ? 114 LEU AAA CD1 1 ? 
ATOM   622  C  CD2 . LEU A 1 75  ? 6.121   -4.337  6.992   1.000 17.399  ? 114 LEU AAA CD2 1 ? 
ATOM   623  N  N   . GLU A 1 76  ? 9.016   0.100   8.155   1.000 19.063  ? 115 GLU AAA N   1 ? 
ATOM   624  C  CA  . GLU A 1 76  ? 10.314  0.603   8.605   1.000 23.579  ? 115 GLU AAA CA  1 ? 
ATOM   625  C  C   . GLU A 1 76  ? 10.228  1.137   10.025  1.000 24.383  ? 115 GLU AAA C   1 ? 
ATOM   626  O  O   . GLU A 1 76  ? 11.202  1.005   10.771  1.000 28.125  ? 115 GLU AAA O   1 ? 
ATOM   627  C  CB  . GLU A 1 76  ? 10.869  1.630   7.633   1.000 25.620  ? 115 GLU AAA CB  1 ? 
ATOM   628  C  CG  . GLU A 1 76  ? 11.321  0.971   6.341   1.000 27.327  ? 115 GLU AAA CG  1 ? 
ATOM   629  C  CD  . GLU A 1 76  ? 11.825  1.910   5.267   1.000 29.010  ? 115 GLU AAA CD  1 ? 
ATOM   630  O  OE1 . GLU A 1 76  ? 11.649  3.086   5.423   1.000 31.328  ? 115 GLU AAA OE1 1 ? 
ATOM   631  O  OE2 . GLU A 1 76  ? 12.362  1.428   4.266   1.000 34.900  ? 115 GLU AAA OE2 1 ? 
ATOM   632  N  N   . ASN A 1 77  ? 9.051   1.639   10.413  1.000 26.923  ? 116 ASN AAA N   1 ? 
ATOM   633  C  CA  . ASN A 1 77  ? 8.859   2.212   11.738  1.000 27.080  ? 116 ASN AAA CA  1 ? 
ATOM   634  C  C   . ASN A 1 77  ? 8.089   1.271   12.659  1.000 26.165  ? 116 ASN AAA C   1 ? 
ATOM   635  O  O   . ASN A 1 77  ? 7.569   1.737   13.668  1.000 30.845  ? 116 ASN AAA O   1 ? 
ATOM   636  C  CB  . ASN A 1 77  ? 8.194   3.589   11.634  1.000 33.382  ? 116 ASN AAA CB  1 ? 
ATOM   637  C  CG  . ASN A 1 77  ? 9.183   4.569   11.046  1.000 39.426  ? 116 ASN AAA CG  1 ? 
ATOM   638  O  OD1 . ASN A 1 77  ? 10.226  4.821   11.642  1.000 51.461  ? 116 ASN AAA OD1 1 ? 
ATOM   639  N  ND2 . ASN A 1 77  ? 8.920   5.055   9.845   1.000 44.185  ? 116 ASN AAA ND2 1 ? 
ATOM   640  N  N   . ASN A 1 78  ? 8.058   -0.032  12.350  1.000 24.600  ? 117 ASN AAA N   1 ? 
ATOM   641  C  CA  . ASN A 1 78  ? 7.377   -1.071  13.119  1.000 25.590  ? 117 ASN AAA CA  1 ? 
ATOM   642  C  C   . ASN A 1 78  ? 6.041   -0.553  13.642  1.000 26.130  ? 117 ASN AAA C   1 ? 
ATOM   643  O  O   . ASN A 1 78  ? 5.810   -0.382  14.839  1.000 25.586  ? 117 ASN AAA O   1 ? 
ATOM   644  C  CB  . ASN A 1 78  ? 8.292   -1.660  14.193  1.000 33.530  ? 117 ASN AAA CB  1 ? 
ATOM   645  C  CG  . ASN A 1 78  ? 9.689   -1.904  13.658  1.000 37.831  ? 117 ASN AAA CG  1 ? 
ATOM   646  O  OD1 . ASN A 1 78  ? 9.927   -2.901  12.983  1.000 42.390  ? 117 ASN AAA OD1 1 ? 
ATOM   647  N  ND2 . ASN A 1 78  ? 10.608  -0.992  13.941  1.000 37.400  ? 117 ASN AAA ND2 1 ? 
ATOM   648  N  N   . TYR A 1 79  ? 5.129   -0.290  12.721  1.000 19.936  ? 118 TYR AAA N   1 ? 
ATOM   649  C  CA  . TYR A 1 79  ? 3.815   0.175   13.107  1.000 17.725  ? 118 TYR AAA CA  1 ? 
ATOM   650  C  C   . TYR A 1 79  ? 2.881   -0.995  13.379  1.000 15.656  ? 118 TYR AAA C   1 ? 
ATOM   651  O  O   . TYR A 1 79  ? 1.845   -0.821  14.051  1.000 15.205  ? 118 TYR AAA O   1 ? 
ATOM   652  C  CB  . TYR A 1 79  ? 3.323   1.075   11.978  1.000 17.100  ? 118 TYR AAA CB  1 ? 
ATOM   653  C  CG  . TYR A 1 79  ? 1.906   1.525   12.135  1.000 15.090  ? 118 TYR AAA CG  1 ? 
ATOM   654  C  CD1 . TYR A 1 79  ? 1.600   2.666   12.876  1.000 15.538  ? 118 TYR AAA CD1 1 ? 
ATOM   655  C  CD2 . TYR A 1 79  ? 0.870   0.916   11.442  1.000 17.323  ? 118 TYR AAA CD2 1 ? 
ATOM   656  C  CE1 . TYR A 1 79  ? 0.309   3.133   13.014  1.000 16.396  ? 118 TYR AAA CE1 1 ? 
ATOM   657  C  CE2 . TYR A 1 79  ? -0.430  1.364   11.573  1.000 15.679  ? 118 TYR AAA CE2 1 ? 
ATOM   658  C  CZ  . TYR A 1 79  ? -0.709  2.499   12.319  1.000 16.537  ? 118 TYR AAA CZ  1 ? 
ATOM   659  O  OH  . TYR A 1 79  ? -2.003  2.931   12.452  1.000 19.079  ? 118 TYR AAA OH  1 ? 
ATOM   660  N  N   . TYR A 1 80  ? 3.192   -2.158  12.780  1.000 16.967  ? 119 TYR AAA N   1 ? 
ATOM   661  C  CA  . TYR A 1 80  ? 2.206   -3.226  12.737  1.000 17.244  ? 119 TYR AAA CA  1 ? 
ATOM   662  C  C   . TYR A 1 80  ? 2.392   -4.177  13.915  1.000 16.474  ? 119 TYR AAA C   1 ? 
ATOM   663  O  O   . TYR A 1 80  ? 3.492   -4.265  14.472  1.000 19.831  ? 119 TYR AAA O   1 ? 
ATOM   664  C  CB  . TYR A 1 80  ? 2.388   -4.046  11.463  1.000 16.802  ? 119 TYR AAA CB  1 ? 
ATOM   665  C  CG  . TYR A 1 80  ? 2.083   -3.323  10.178  1.000 14.950  ? 119 TYR AAA CG  1 ? 
ATOM   666  C  CD1 . TYR A 1 80  ? 0.794   -2.907  9.831   1.000 15.841  ? 119 TYR AAA CD1 1 ? 
ATOM   667  C  CD2 . TYR A 1 80  ? 3.137   -3.110  9.287   1.000 15.054  ? 119 TYR AAA CD2 1 ? 
ATOM   668  C  CE1 . TYR A 1 80  ? 0.543   -2.285  8.615   1.000 15.267  ? 119 TYR AAA CE1 1 ? 
ATOM   669  C  CE2 . TYR A 1 80  ? 2.887   -2.548  8.044   1.000 16.215  ? 119 TYR AAA CE2 1 ? 
ATOM   670  C  CZ  . TYR A 1 80  ? 1.615   -2.122  7.722   1.000 15.058  ? 119 TYR AAA CZ  1 ? 
ATOM   671  O  OH  . TYR A 1 80  ? 1.425   -1.585  6.502   1.000 15.900  ? 119 TYR AAA OH  1 ? 
ATOM   672  N  N   . TRP A 1 81  ? 1.271   -4.855  14.245  1.000 16.400  ? 120 TRP AAA N   1 ? 
ATOM   673  C  CA  . TRP A 1 81  ? 1.264   -5.981  15.174  1.000 17.859  ? 120 TRP AAA CA  1 ? 
ATOM   674  C  C   . TRP A 1 81  ? 1.455   -7.305  14.430  1.000 17.951  ? 120 TRP AAA C   1 ? 
ATOM   675  O  O   . TRP A 1 81  ? 2.078   -8.220  14.950  1.000 17.805  ? 120 TRP AAA O   1 ? 
ATOM   676  C  CB  . TRP A 1 81  ? -0.006  -6.055  16.037  1.000 18.026  ? 120 TRP AAA CB  1 ? 
ATOM   677  C  CG  . TRP A 1 81  ? 0.042   -7.139  17.082  1.000 18.920  ? 120 TRP AAA CG  1 ? 
ATOM   678  C  CD1 . TRP A 1 81  ? -0.573  -8.368  17.028  1.000 22.649  ? 120 TRP AAA CD1 1 ? 
ATOM   679  C  CD2 . TRP A 1 81  ? 0.709   -7.084  18.353  1.000 18.581  ? 120 TRP AAA CD2 1 ? 
ATOM   680  N  NE1 . TRP A 1 81  ? -0.315  -9.066  18.180  1.000 21.389  ? 120 TRP AAA NE1 1 ? 
ATOM   681  C  CE2 . TRP A 1 81  ? 0.530   -8.344  18.981  1.000 19.882  ? 120 TRP AAA CE2 1 ? 
ATOM   682  C  CE3 . TRP A 1 81  ? 1.530   -6.155  18.994  1.000 18.213  ? 120 TRP AAA CE3 1 ? 
ATOM   683  C  CZ2 . TRP A 1 81  ? 1.055   -8.621  20.249  1.000 21.349  ? 120 TRP AAA CZ2 1 ? 
ATOM   684  C  CZ3 . TRP A 1 81  ? 2.043   -6.430  20.244  1.000 20.186  ? 120 TRP AAA CZ3 1 ? 
ATOM   685  C  CH2 . TRP A 1 81  ? 1.830   -7.668  20.857  1.000 21.294  ? 120 TRP AAA CH2 1 ? 
ATOM   686  N  N   . ASN A 1 82  ? 0.865   -7.431  13.239  1.000 17.040  ? 121 ASN AAA N   1 ? 
ATOM   687  C  CA  . ASN A 1 82  ? 0.987   -8.706  12.541  1.000 16.625  ? 121 ASN AAA CA  1 ? 
ATOM   688  C  C   . ASN A 1 82  ? 1.034   -8.504  11.037  1.000 18.072  ? 121 ASN AAA C   1 ? 
ATOM   689  O  O   . ASN A 1 82  ? 0.846   -7.390  10.499  1.000 17.397  ? 121 ASN AAA O   1 ? 
ATOM   690  C  CB  . ASN A 1 82  ? -0.139  -9.646  13.011  1.000 16.626  ? 121 ASN AAA CB  1 ? 
ATOM   691  C  CG  . ASN A 1 82  ? -1.522  -9.188  12.617  1.000 17.438  ? 121 ASN AAA CG  1 ? 
ATOM   692  O  OD1 . ASN A 1 82  ? -1.683  -8.498  11.608  1.000 17.458  ? 121 ASN AAA OD1 1 ? 
ATOM   693  N  ND2 . ASN A 1 82  ? -2.551  -9.480  13.398  1.000 19.416  ? 121 ASN AAA ND2 1 ? 
ATOM   694  N  N   . ALA A 1 83  ? 1.224   -9.620  10.338  1.000 15.835  ? 122 ALA AAA N   1 ? 
ATOM   695  C  CA  . ALA A 1 83  ? 1.392   -9.570  8.904   1.000 17.243  ? 122 ALA AAA CA  1 ? 
ATOM   696  C  C   . ALA A 1 83  ? 0.053   -9.264  8.267   1.000 16.275  ? 122 ALA AAA C   1 ? 
ATOM   697  O  O   . ALA A 1 83  ? 0.061   -8.596  7.235   1.000 17.125  ? 122 ALA AAA O   1 ? 
ATOM   698  C  CB  . ALA A 1 83  ? 1.847   -10.927 8.397   1.000 17.068  ? 122 ALA AAA CB  1 ? 
ATOM   699  N  N   . GLN A 1 84  ? -1.088  -9.722  8.815   1.000 16.665  ? 123 GLN AAA N   1 ? 
ATOM   700  C  CA  . GLN A 1 84  ? -2.413  -9.508  8.269   1.000 17.222  ? 123 GLN AAA CA  1 ? 
ATOM   701  C  C   . GLN A 1 84  ? -2.694  -8.019  8.092   1.000 14.940  ? 123 GLN AAA C   1 ? 
ATOM   702  O  O   . GLN A 1 84  ? -3.281  -7.621  7.096   1.000 15.972  ? 123 GLN AAA O   1 ? 
ATOM   703  C  CB  . GLN A 1 84  ? -3.538  -10.115 9.117   1.000 19.048  ? 123 GLN AAA CB  1 ? 
ATOM   704  C  CG  . GLN A 1 84  ? -4.884  -10.103 8.393   1.000 23.389  ? 123 GLN AAA CG  1 ? 
ATOM   705  C  CD  . GLN A 1 84  ? -4.746  -10.469 6.921   0.500 25.036  ? 123 GLN AAA CD  1 ? 
ATOM   706  O  OE1 . GLN A 1 84  ? -4.983  -9.668  6.002   0.500 27.428  ? 123 GLN AAA OE1 1 ? 
ATOM   707  N  NE2 . GLN A 1 84  ? -4.260  -11.667 6.662   0.500 27.207  ? 123 GLN AAA NE2 1 ? 
ATOM   708  N  N   . GLU A 1 85  ? -2.296  -7.190  9.082   1.000 14.724  ? 124 GLU AAA N   1 ? 
ATOM   709  C  CA  . GLU A 1 85  ? -2.544  -5.747  8.976   1.000 14.756  ? 124 GLU AAA CA  1 ? 
ATOM   710  C  C   . GLU A 1 85  ? -1.870  -5.198  7.724   1.000 15.143  ? 124 GLU AAA C   1 ? 
ATOM   711  O  O   . GLU A 1 85  ? -2.402  -4.321  7.047   1.000 13.905  ? 124 GLU AAA O   1 ? 
ATOM   712  C  CB  . GLU A 1 85  ? -1.946  -5.008  10.184  1.000 14.046  ? 124 GLU AAA CB  1 ? 
ATOM   713  C  CG  . GLU A 1 85  ? -2.683  -5.156  11.526  1.000 16.311  ? 124 GLU AAA CG  1 ? 
ATOM   714  C  CD  . GLU A 1 85  ? -1.894  -4.399  12.610  1.000 17.977  ? 124 GLU AAA CD  1 ? 
ATOM   715  O  OE1 . GLU A 1 85  ? -2.301  -3.295  12.953  1.000 27.594  ? 124 GLU AAA OE1 1 ? 
ATOM   716  O  OE2 . GLU A 1 85  ? -0.823  -4.814  12.977  1.000 26.678  ? 124 GLU AAA OE2 1 ? 
ATOM   717  N  N   . CYS A 1 86  ? -0.636  -5.623  7.478   1.000 13.641  ? 125 CYS AAA N   1 ? 
ATOM   718  C  CA  . CYS A 1 86  ? 0.150   -5.140  6.359   1.000 13.373  ? 125 CYS AAA CA  1 ? 
ATOM   719  C  C   . CYS A 1 86  ? -0.357  -5.669  5.024   1.000 14.008  ? 125 CYS AAA C   1 ? 
ATOM   720  O  O   . CYS A 1 86  ? -0.498  -4.899  4.070   1.000 13.414  ? 125 CYS AAA O   1 ? 
ATOM   721  C  CB  . CYS A 1 86  ? 1.622   -5.459  6.567   1.000 14.398  ? 125 CYS AAA CB  1 ? 
ATOM   722  S  SG  . CYS A 1 86  ? 2.676   -5.027  5.165   1.000 17.121  ? 125 CYS AAA SG  1 ? 
ATOM   723  N  N   . ILE A 1 87  ? -0.663  -6.970  4.955   1.000 14.445  ? 126 ILE AAA N   1 ? 
ATOM   724  C  CA  . ILE A 1 87  ? -1.294  -7.526  3.766   1.000 14.847  ? 126 ILE AAA CA  1 ? 
ATOM   725  C  C   . ILE A 1 87  ? -2.583  -6.776  3.452   1.000 15.720  ? 126 ILE AAA C   1 ? 
ATOM   726  O  O   . ILE A 1 87  ? -2.863  -6.469  2.292   1.000 15.883  ? 126 ILE AAA O   1 ? 
ATOM   727  C  CB  . ILE A 1 87  ? -1.556  -9.023  4.001   1.000 15.641  ? 126 ILE AAA CB  1 ? 
ATOM   728  C  CG1 . ILE A 1 87  ? -0.215  -9.743  4.033   1.000 16.973  ? 126 ILE AAA CG1 1 ? 
ATOM   729  C  CG2 . ILE A 1 87  ? -2.519  -9.623  2.981   1.000 16.432  ? 126 ILE AAA CG2 1 ? 
ATOM   730  C  CD1 . ILE A 1 87  ? -0.281  -11.183 4.607   1.000 16.623  ? 126 ILE AAA CD1 1 ? 
ATOM   731  N  N   . GLN A 1 88  ? -3.379  -6.435  4.476   1.000 15.503  ? 127 GLN AAA N   1 ? 
ATOM   732  C  CA  . GLN A 1 88  ? -4.611  -5.708  4.268   1.000 16.641  ? 127 GLN AAA CA  1 ? 
ATOM   733  C  C   . GLN A 1 88  ? -4.324  -4.339  3.648   1.000 14.525  ? 127 GLN AAA C   1 ? 
ATOM   734  O  O   . GLN A 1 88  ? -5.082  -3.902  2.778   1.000 15.511  ? 127 GLN AAA O   1 ? 
ATOM   735  C  CB  . GLN A 1 88  ? -5.353  -5.500  5.586   1.000 18.090  ? 127 GLN AAA CB  1 ? 
ATOM   736  C  CG  . GLN A 1 88  ? -6.663  -4.727  5.443   1.000 26.069  ? 127 GLN AAA CG  1 ? 
ATOM   737  C  CD  . GLN A 1 88  ? -7.603  -5.334  4.430   1.000 31.602  ? 127 GLN AAA CD  1 ? 
ATOM   738  O  OE1 . GLN A 1 88  ? -7.769  -4.848  3.296   1.000 33.431  ? 127 GLN AAA OE1 1 ? 
ATOM   739  N  NE2 . GLN A 1 88  ? -8.209  -6.437  4.837   1.000 33.111  ? 127 GLN AAA NE2 1 ? 
ATOM   740  N  N   . ASP A 1 89  ? -3.211  -3.688  4.035   1.000 13.941  ? 128 ASP AAA N   1 ? 
ATOM   741  C  CA  . ASP A 1 89  ? -2.922  -2.383  3.439   1.000 13.547  ? 128 ASP AAA CA  1 ? 
ATOM   742  C  C   . ASP A 1 89  ? -2.626  -2.568  1.950   1.000 14.286  ? 128 ASP AAA C   1 ? 
ATOM   743  O  O   . ASP A 1 89  ? -3.050  -1.759  1.131   1.000 13.320  ? 128 ASP AAA O   1 ? 
ATOM   744  C  CB  . ASP A 1 89  ? -1.724  -1.735  4.151   1.000 13.216  ? 128 ASP AAA CB  1 ? 
ATOM   745  C  CG  . ASP A 1 89  ? -2.066  -1.124  5.528   1.000 13.391  ? 128 ASP AAA CG  1 ? 
ATOM   746  O  OD1 . ASP A 1 89  ? -3.279  -0.907  5.801   1.000 16.347  ? 128 ASP AAA OD1 1 ? 
ATOM   747  O  OD2 . ASP A 1 89  ? -1.097  -0.877  6.292   1.000 15.312  ? 128 ASP AAA OD2 1 ? 
ATOM   748  N  N   . PHE A 1 90  ? -1.843  -3.583  1.606   1.000 14.097  ? 129 PHE AAA N   1 ? 
ATOM   749  C  CA  . PHE A 1 90  ? -1.596  -3.830  0.184   1.000 13.568  ? 129 PHE AAA CA  1 ? 
ATOM   750  C  C   . PHE A 1 90  ? -2.904  -4.088  -0.563  1.000 13.474  ? 129 PHE AAA C   1 ? 
ATOM   751  O  O   . PHE A 1 90  ? -3.139  -3.490  -1.620  1.000 14.274  ? 129 PHE AAA O   1 ? 
ATOM   752  C  CB  . PHE A 1 90  ? -0.652  -5.008  -0.019  1.000 14.054  ? 129 PHE AAA CB  1 ? 
ATOM   753  C  CG  . PHE A 1 90  ? 0.813   -4.679  0.101   1.000 14.096  ? 129 PHE AAA CG  1 ? 
ATOM   754  C  CD1 . PHE A 1 90  ? 1.520   -4.100  -0.969  1.000 15.103  ? 129 PHE AAA CD1 1 ? 
ATOM   755  C  CD2 . PHE A 1 90  ? 1.504   -4.998  1.257   1.000 15.679  ? 129 PHE AAA CD2 1 ? 
ATOM   756  C  CE1 . PHE A 1 90  ? 2.883   -3.841  -0.852  1.000 15.255  ? 129 PHE AAA CE1 1 ? 
ATOM   757  C  CE2 . PHE A 1 90  ? 2.876   -4.763  1.345   1.000 16.251  ? 129 PHE AAA CE2 1 ? 
ATOM   758  C  CZ  . PHE A 1 90  ? 3.566   -4.154  0.295   1.000 17.743  ? 129 PHE AAA CZ  1 ? 
ATOM   759  N  N   . ASN A 1 91  ? -3.804  -4.908  0.004   1.000 13.280  ? 130 ASN AAA N   1 ? 
ATOM   760  C  CA  . ASN A 1 91  ? -5.075  -5.209  -0.638  1.000 15.917  ? 130 ASN AAA CA  1 ? 
ATOM   761  C  C   . ASN A 1 91  ? -5.912  -3.949  -0.801  1.000 16.505  ? 130 ASN AAA C   1 ? 
ATOM   762  O  O   . ASN A 1 91  ? -6.562  -3.750  -1.845  1.000 15.959  ? 130 ASN AAA O   1 ? 
ATOM   763  C  CB  . ASN A 1 91  ? -5.757  -6.370  0.073   1.000 17.763  ? 130 ASN AAA CB  1 ? 
ATOM   764  C  CG  . ASN A 1 91  ? -5.044  -7.691  -0.189  1.000 21.860  ? 130 ASN AAA CG  1 ? 
ATOM   765  O  OD1 . ASN A 1 91  ? -4.425  -7.878  -1.246  1.000 29.492  ? 130 ASN AAA OD1 1 ? 
ATOM   766  N  ND2 . ASN A 1 91  ? -5.086  -8.604  0.761   1.000 25.984  ? 130 ASN AAA ND2 1 ? 
ATOM   767  N  N   . THR A 1 92  ? -5.867  -3.087  0.220   1.000 14.775  ? 131 THR AAA N   1 ? 
ATOM   768  C  CA  . THR A 1 92  ? -6.636  -1.858  0.127   1.000 16.064  ? 131 THR AAA CA  1 ? 
ATOM   769  C  C   . THR A 1 92  ? -6.111  -1.002  -1.022  1.000 14.537  ? 131 THR AAA C   1 ? 
ATOM   770  O  O   . THR A 1 92  ? -6.898  -0.457  -1.787  1.000 15.387  ? 131 THR AAA O   1 ? 
ATOM   771  C  CB  . THR A 1 92  ? -6.538  -1.124  1.458   1.000 16.581  ? 131 THR AAA CB  1 ? 
ATOM   772  O  OG1 . THR A 1 92  ? -7.306  -1.891  2.391   1.000 18.865  ? 131 THR AAA OG1 1 ? 
ATOM   773  C  CG2 . THR A 1 92  ? -7.049  0.301   1.397   1.000 18.086  ? 131 THR AAA CG2 1 ? 
ATOM   774  N  N   . MET A 1 93  ? -4.799  -0.885  -1.113  1.000 14.475  ? 132 MET AAA N   1 ? 
ATOM   775  C  CA  . MET A 1 93  ? -4.225  -0.111  -2.212  1.000 13.705  ? 132 MET AAA CA  1 ? 
ATOM   776  C  C   . MET A 1 93  ? -4.645  -0.624  -3.589  1.000 14.410  ? 132 MET AAA C   1 ? 
ATOM   777  O  O   . MET A 1 93  ? -5.049  0.160   -4.446  1.000 14.263  ? 132 MET AAA O   1 ? 
ATOM   778  C  CB  . MET A 1 93  ? -2.715  -0.139  -2.068  1.000 12.916  ? 132 MET AAA CB  1 ? 
ATOM   779  C  CG  . MET A 1 93  ? -1.913  0.490   -3.248  1.000 14.453  ? 132 MET AAA CG  1 ? 
ATOM   780  S  SD  . MET A 1 93  ? -0.159  0.353   -3.068  1.000 15.505  ? 132 MET AAA SD  1 ? 
ATOM   781  C  CE  . MET A 1 93  ? 0.001   -1.323  -3.702  1.000 17.880  ? 132 MET AAA CE  1 ? 
ATOM   782  N  N   . PHE A 1 94  ? -4.600  -1.947  -3.771  1.000 14.141  ? 133 PHE AAA N   1 ? 
ATOM   783  C  CA  . PHE A 1 94  ? -4.988  -2.470  -5.077  1.000 15.116  ? 133 PHE AAA CA  1 ? 
ATOM   784  C  C   . PHE A 1 94  ? -6.473  -2.239  -5.313  1.000 14.565  ? 133 PHE AAA C   1 ? 
ATOM   785  O  O   . PHE A 1 94  ? -6.875  -1.787  -6.383  1.000 16.591  ? 133 PHE AAA O   1 ? 
ATOM   786  C  CB  . PHE A 1 94  ? -4.659  -3.970  -5.172  1.000 14.560  ? 133 PHE AAA CB  1 ? 
ATOM   787  C  CG  . PHE A 1 94  ? -3.184  -4.287  -5.113  1.000 14.957  ? 133 PHE AAA CG  1 ? 
ATOM   788  C  CD1 . PHE A 1 94  ? -2.296  -3.659  -5.966  1.000 17.005  ? 133 PHE AAA CD1 1 ? 
ATOM   789  C  CD2 . PHE A 1 94  ? -2.678  -5.250  -4.245  1.000 16.341  ? 133 PHE AAA CD2 1 ? 
ATOM   790  C  CE1 . PHE A 1 94  ? -0.941  -3.928  -5.910  1.000 20.013  ? 133 PHE AAA CE1 1 ? 
ATOM   791  C  CE2 . PHE A 1 94  ? -1.317  -5.501  -4.189  1.000 17.423  ? 133 PHE AAA CE2 1 ? 
ATOM   792  C  CZ  . PHE A 1 94  ? -0.455  -4.865  -5.032  1.000 20.168  ? 133 PHE AAA CZ  1 ? 
ATOM   793  N  N   . THR A 1 95  ? -7.322  -2.521  -4.309  1.000 15.215  ? 134 THR AAA N   1 ? 
ATOM   794  C  CA  A THR A 1 95  ? -8.741  -2.379  -4.547  0.500 16.396  ? 134 THR AAA CA  1 ? 
ATOM   795  C  CA  B THR A 1 95  ? -8.762  -2.359  -4.444  0.500 14.943  ? 134 THR AAA CA  1 ? 
ATOM   796  C  C   . THR A 1 95  ? -9.091  -0.909  -4.776  1.000 15.457  ? 134 THR AAA C   1 ? 
ATOM   797  O  O   . THR A 1 95  ? -9.977  -0.635  -5.576  1.000 17.175  ? 134 THR AAA O   1 ? 
ATOM   798  C  CB  A THR A 1 95  ? -9.548  -3.139  -3.493  0.500 17.472  ? 134 THR AAA CB  1 ? 
ATOM   799  C  CB  B THR A 1 95  ? -9.488  -2.755  -3.152  0.500 13.691  ? 134 THR AAA CB  1 ? 
ATOM   800  O  OG1 A THR A 1 95  ? -9.136  -2.576  -2.256  0.500 23.244  ? 134 THR AAA OG1 1 ? 
ATOM   801  O  OG1 B THR A 1 95  ? -9.220  -4.143  -2.988  0.500 15.064  ? 134 THR AAA OG1 1 ? 
ATOM   802  C  CG2 A THR A 1 95  ? -9.250  -4.623  -3.533  0.500 16.621  ? 134 THR AAA CG2 1 ? 
ATOM   803  C  CG2 B THR A 1 95  ? -10.988 -2.563  -3.196  0.500 14.060  ? 134 THR AAA CG2 1 ? 
ATOM   804  N  N   . ASN A 1 96  ? -8.423  0.039   -4.087  1.000 14.942  ? 135 ASN AAA N   1 ? 
ATOM   805  C  CA  . ASN A 1 96  ? -8.721  1.452   -4.355  1.000 16.764  ? 135 ASN AAA CA  1 ? 
ATOM   806  C  C   . ASN A 1 96  ? -8.557  1.764   -5.840  1.000 16.885  ? 135 ASN AAA C   1 ? 
ATOM   807  O  O   . ASN A 1 96  ? -9.343  2.462   -6.461  1.000 15.831  ? 135 ASN AAA O   1 ? 
ATOM   808  C  CB  . ASN A 1 96  ? -7.780  2.396   -3.604  1.000 17.600  ? 135 ASN AAA CB  1 ? 
ATOM   809  C  CG  . ASN A 1 96  ? -8.066  2.423   -2.123  1.000 17.884  ? 135 ASN AAA CG  1 ? 
ATOM   810  O  OD1 . ASN A 1 96  ? -9.093  1.955   -1.687  1.000 20.780  ? 135 ASN AAA OD1 1 ? 
ATOM   811  N  ND2 . ASN A 1 96  ? -7.098  2.899   -1.386  1.000 19.358  ? 135 ASN AAA ND2 1 ? 
ATOM   812  N  N   . CYS A 1 97  ? -7.473  1.257   -6.400  1.000 14.522  ? 136 CYS AAA N   1 ? 
ATOM   813  C  CA  . CYS A 1 97  ? -7.146  1.497   -7.806  1.000 14.380  ? 136 CYS AAA CA  1 ? 
ATOM   814  C  C   . CYS A 1 97  ? -8.245  0.893   -8.690  1.000 14.701  ? 136 CYS AAA C   1 ? 
ATOM   815  O  O   . CYS A 1 97  ? -8.699  1.521   -9.655  1.000 16.455  ? 136 CYS AAA O   1 ? 
ATOM   816  C  CB  . CYS A 1 97  ? -5.808  0.852   -8.080  1.000 15.476  ? 136 CYS AAA CB  1 ? 
ATOM   817  S  SG  . CYS A 1 97  ? -5.187  1.204   -9.747  1.000 20.701  ? 136 CYS AAA SG  1 ? 
ATOM   818  N  N   . TYR A 1 98  ? -8.654  -0.346  -8.381  1.000 15.261  ? 137 TYR AAA N   1 ? 
ATOM   819  C  CA  . TYR A 1 98  ? -9.677  -1.000  -9.176  1.000 16.760  ? 137 TYR AAA CA  1 ? 
ATOM   820  C  C   . TYR A 1 98  ? -11.035 -0.338  -9.056  1.000 17.884  ? 137 TYR AAA C   1 ? 
ATOM   821  O  O   . TYR A 1 98  ? -11.796 -0.416  -10.023 1.000 21.129  ? 137 TYR AAA O   1 ? 
ATOM   822  C  CB  . TYR A 1 98  ? -9.774  -2.497  -8.847  1.000 15.702  ? 137 TYR AAA CB  1 ? 
ATOM   823  C  CG  . TYR A 1 98  ? -8.443  -3.197  -8.936  1.000 15.599  ? 137 TYR AAA CG  1 ? 
ATOM   824  C  CD1 . TYR A 1 98  ? -7.511  -2.847  -9.903  1.000 16.294  ? 137 TYR AAA CD1 1 ? 
ATOM   825  C  CD2 . TYR A 1 98  ? -8.125  -4.241  -8.080  1.000 15.661  ? 137 TYR AAA CD2 1 ? 
ATOM   826  C  CE1 . TYR A 1 98  ? -6.284  -3.482  -10.014 1.000 16.652  ? 137 TYR AAA CE1 1 ? 
ATOM   827  C  CE2 . TYR A 1 98  ? -6.904  -4.897  -8.171  1.000 16.728  ? 137 TYR AAA CE2 1 ? 
ATOM   828  C  CZ  . TYR A 1 98  ? -5.975  -4.532  -9.139  1.000 16.545  ? 137 TYR AAA CZ  1 ? 
ATOM   829  O  OH  . TYR A 1 98  ? -4.752  -5.174  -9.226  1.000 19.115  ? 137 TYR AAA OH  1 ? 
ATOM   830  N  N   . ILE A 1 99  ? -11.370 0.229   -7.893  1.000 17.057  ? 138 ILE AAA N   1 ? 
ATOM   831  C  CA  . ILE A 1 99  ? -12.644 0.905   -7.718  1.000 18.384  ? 138 ILE AAA CA  1 ? 
ATOM   832  C  C   . ILE A 1 99  ? -12.662 2.249   -8.460  1.000 18.977  ? 138 ILE AAA C   1 ? 
ATOM   833  O  O   . ILE A 1 99  ? -13.671 2.618   -9.059  1.000 23.077  ? 138 ILE AAA O   1 ? 
ATOM   834  C  CB  . ILE A 1 99  ? -12.887 1.102   -6.209  1.000 21.140  ? 138 ILE AAA CB  1 ? 
ATOM   835  C  CG1 . ILE A 1 99  ? -13.243 -0.237  -5.559  1.000 23.622  ? 138 ILE AAA CG1 1 ? 
ATOM   836  C  CG2 . ILE A 1 99  ? -13.951 2.162   -5.952  1.000 21.907  ? 138 ILE AAA CG2 1 ? 
ATOM   837  C  CD1 . ILE A 1 99  ? -13.508 -0.159  -4.087  1.000 30.826  ? 138 ILE AAA CD1 1 ? 
ATOM   838  N  N   . TYR A 1 100 ? -11.574 3.016   -8.376  1.000 18.813  ? 139 TYR AAA N   1 ? 
ATOM   839  C  CA  . TYR A 1 100 ? -11.579 4.375   -8.919  1.000 17.204  ? 139 TYR AAA CA  1 ? 
ATOM   840  C  C   . TYR A 1 100 ? -11.417 4.373   -10.442 1.000 18.798  ? 139 TYR AAA C   1 ? 
ATOM   841  O  O   . TYR A 1 100 ? -12.017 5.211   -11.120 1.000 19.857  ? 139 TYR AAA O   1 ? 
ATOM   842  C  CB  . TYR A 1 100 ? -10.527 5.263   -8.243  1.000 17.342  ? 139 TYR AAA CB  1 ? 
ATOM   843  C  CG  . TYR A 1 100 ? -10.654 6.693   -8.683  1.000 16.726  ? 139 TYR AAA CG  1 ? 
ATOM   844  C  CD1 . TYR A 1 100 ? -11.679 7.481   -8.175  1.000 18.873  ? 139 TYR AAA CD1 1 ? 
ATOM   845  C  CD2 . TYR A 1 100 ? -9.810  7.228   -9.639  1.000 16.593  ? 139 TYR AAA CD2 1 ? 
ATOM   846  C  CE1 . TYR A 1 100 ? -11.830 8.781   -8.624  1.000 19.386  ? 139 TYR AAA CE1 1 ? 
ATOM   847  C  CE2 . TYR A 1 100 ? -9.917  8.535   -10.075 1.000 18.365  ? 139 TYR AAA CE2 1 ? 
ATOM   848  C  CZ  . TYR A 1 100 ? -10.959 9.297   -9.575  1.000 18.683  ? 139 TYR AAA CZ  1 ? 
ATOM   849  O  OH  . TYR A 1 100 ? -11.121 10.588  -10.015 1.000 21.854  ? 139 TYR AAA OH  1 ? 
ATOM   850  N  N   . ASN A 1 101 ? -10.615 3.455   -11.000 1.000 17.807  ? 140 ASN AAA N   1 ? 
ATOM   851  C  CA  . ASN A 1 101 ? -10.209 3.529   -12.408 1.000 17.293  ? 140 ASN AAA CA  1 ? 
ATOM   852  C  C   . ASN A 1 101 ? -11.022 2.528   -13.231 1.000 21.316  ? 140 ASN AAA C   1 ? 
ATOM   853  O  O   . ASN A 1 101 ? -11.645 1.622   -12.683 1.000 24.688  ? 140 ASN AAA O   1 ? 
ATOM   854  C  CB  . ASN A 1 101 ? -8.707  3.292   -12.542 1.000 17.021  ? 140 ASN AAA CB  1 ? 
ATOM   855  C  CG  . ASN A 1 101 ? -7.949  4.348   -11.799 1.000 17.821  ? 140 ASN AAA CG  1 ? 
ATOM   856  O  OD1 . ASN A 1 101 ? -7.918  5.476   -12.284 1.000 18.510  ? 140 ASN AAA OD1 1 ? 
ATOM   857  N  ND2 . ASN A 1 101 ? -7.395  4.008   -10.643 1.000 17.035  ? 140 ASN AAA ND2 1 ? 
ATOM   858  N  N   . LYS A 1 102 ? -11.021 2.692   -14.558 1.000 25.089  ? 141 LYS AAA N   1 ? 
ATOM   859  C  CA  . LYS A 1 102 ? -11.728 1.801   -15.473 1.000 25.579  ? 141 LYS AAA CA  1 ? 
ATOM   860  C  C   . LYS A 1 102 ? -10.912 0.538   -15.724 1.000 22.815  ? 141 LYS AAA C   1 ? 
ATOM   861  O  O   . LYS A 1 102 ? -9.685  0.572   -15.829 1.000 22.406  ? 141 LYS AAA O   1 ? 
ATOM   862  C  CB  . LYS A 1 102 ? -11.979 2.512   -16.806 1.000 26.641  ? 141 LYS AAA CB  1 ? 
ATOM   863  C  CG  . LYS A 1 102 ? -13.003 3.640   -16.737 1.000 34.847  ? 141 LYS AAA CG  1 ? 
ATOM   864  C  CD  . LYS A 1 102 ? -14.394 3.143   -16.397 0.500 38.501  ? 141 LYS AAA CD  1 ? 
ATOM   865  C  CE  . LYS A 1 102 ? -15.369 4.252   -16.068 0.500 40.070  ? 141 LYS AAA CE  1 ? 
ATOM   866  N  NZ  . LYS A 1 102 ? -15.206 5.401   -16.991 1.000 46.491  ? 141 LYS AAA NZ  1 ? 
ATOM   867  N  N   . PRO A 1 103 ? -11.576 -0.618  -15.936 1.000 24.386  ? 142 PRO AAA N   1 ? 
ATOM   868  C  CA  . PRO A 1 103 ? -10.867 -1.871  -16.171 1.000 26.678  ? 142 PRO AAA CA  1 ? 
ATOM   869  C  C   . PRO A 1 103 ? -9.787  -1.834  -17.251 1.000 27.320  ? 142 PRO AAA C   1 ? 
ATOM   870  O  O   . PRO A 1 103 ? -8.740  -2.457  -17.090 1.000 33.677  ? 142 PRO AAA O   1 ? 
ATOM   871  C  CB  . PRO A 1 103 ? -11.991 -2.901  -16.427 1.000 26.060  ? 142 PRO AAA CB  1 ? 
ATOM   872  C  CG  . PRO A 1 103 ? -13.241 -2.077  -16.655 1.000 30.557  ? 142 PRO AAA CG  1 ? 
ATOM   873  C  CD  . PRO A 1 103 ? -13.038 -0.782  -15.893 1.000 25.830  ? 142 PRO AAA CD  1 ? 
ATOM   874  N  N   . GLY A 1 104 ? -9.969  -1.038  -18.303 1.000 26.948  ? 143 GLY AAA N   1 ? 
ATOM   875  C  CA  . GLY A 1 104 ? -8.945  -1.010  -19.339 1.000 32.491  ? 143 GLY AAA CA  1 ? 
ATOM   876  C  C   . GLY A 1 104 ? -7.677  -0.236  -18.973 1.000 32.320  ? 143 GLY AAA C   1 ? 
ATOM   877  O  O   . GLY A 1 104 ? -6.642  -0.404  -19.618 1.000 34.778  ? 143 GLY AAA O   1 ? 
ATOM   878  N  N   . ASP A 1 105 ? -7.774  0.638   -17.967 1.000 25.509  ? 144 ASP AAA N   1 ? 
ATOM   879  C  CA  . ASP A 1 105 ? -6.856  1.759   -17.843 1.000 24.133  ? 144 ASP AAA CA  1 ? 
ATOM   880  C  C   . ASP A 1 105 ? -5.423  1.339   -17.532 1.000 20.943  ? 144 ASP AAA C   1 ? 
ATOM   881  O  O   . ASP A 1 105 ? -5.169  0.339   -16.865 1.000 20.520  ? 144 ASP AAA O   1 ? 
ATOM   882  C  CB  . ASP A 1 105 ? -7.247  2.703   -16.709 1.000 25.728  ? 144 ASP AAA CB  1 ? 
ATOM   883  C  CG  . ASP A 1 105 ? -8.490  3.528   -16.939 1.000 29.605  ? 144 ASP AAA CG  1 ? 
ATOM   884  O  OD1 . ASP A 1 105 ? -8.952  3.609   -18.100 1.000 31.757  ? 144 ASP AAA OD1 1 ? 
ATOM   885  O  OD2 . ASP A 1 105 ? -8.968  4.108   -15.955 1.000 31.383  ? 144 ASP AAA OD2 1 ? 
ATOM   886  N  N   . ASP A 1 106 ? -4.444  2.110   -18.027 1.000 21.720  ? 145 ASP AAA N   1 ? 
ATOM   887  C  CA  . ASP A 1 106 ? -3.049  1.832   -17.755 1.000 19.054  ? 145 ASP AAA CA  1 ? 
ATOM   888  C  C   . ASP A 1 106 ? -2.822  1.618   -16.254 1.000 21.207  ? 145 ASP AAA C   1 ? 
ATOM   889  O  O   . ASP A 1 106 ? -2.053  0.728   -15.891 1.000 20.719  ? 145 ASP AAA O   1 ? 
ATOM   890  C  CB  . ASP A 1 106 ? -2.165  2.984   -18.217 1.000 21.332  ? 145 ASP AAA CB  1 ? 
ATOM   891  C  CG  . ASP A 1 106 ? -1.944  3.004   -19.733 1.000 22.369  ? 145 ASP AAA CG  1 ? 
ATOM   892  O  OD1 . ASP A 1 106 ? -2.180  1.966   -20.406 1.000 21.895  ? 145 ASP AAA OD1 1 ? 
ATOM   893  O  OD2 . ASP A 1 106 ? -1.558  4.092   -20.225 1.000 23.375  ? 145 ASP AAA OD2 1 ? 
ATOM   894  N  N   . ILE A 1 107 ? -3.413  2.470   -15.403 1.000 19.842  ? 146 ILE AAA N   1 ? 
ATOM   895  C  CA  . ILE A 1 107 ? -3.076  2.366   -13.977 1.000 19.784  ? 146 ILE AAA CA  1 ? 
ATOM   896  C  C   . ILE A 1 107 ? -3.564  1.005   -13.422 1.000 17.276  ? 146 ILE AAA C   1 ? 
ATOM   897  O  O   . ILE A 1 107 ? -2.929  0.410   -12.545 1.000 16.837  ? 146 ILE AAA O   1 ? 
ATOM   898  C  CB  . ILE A 1 107 ? -3.640  3.560   -13.168 1.000 18.996  ? 146 ILE AAA CB  1 ? 
ATOM   899  C  CG1 . ILE A 1 107 ? -3.050  3.645   -11.751 1.000 19.855  ? 146 ILE AAA CG1 1 ? 
ATOM   900  C  CG2 . ILE A 1 107 ? -5.169  3.606   -13.170 1.000 18.899  ? 146 ILE AAA CG2 1 ? 
ATOM   901  C  CD1 . ILE A 1 107 ? -1.554  3.835   -11.703 1.000 21.082  ? 146 ILE AAA CD1 1 ? 
ATOM   902  N  N   . VAL A 1 108 ? -4.686  0.522   -13.967 1.000 17.356  ? 147 VAL AAA N   1 ? 
ATOM   903  C  CA  . VAL A 1 108 ? -5.206  -0.783  -13.547 1.000 16.224  ? 147 VAL AAA CA  1 ? 
ATOM   904  C  C   . VAL A 1 108 ? -4.281  -1.916  -13.988 1.000 17.390  ? 147 VAL AAA C   1 ? 
ATOM   905  O  O   . VAL A 1 108 ? -3.975  -2.821  -13.210 1.000 17.928  ? 147 VAL AAA O   1 ? 
ATOM   906  C  CB  . VAL A 1 108 ? -6.653  -0.991  -14.006 1.000 15.570  ? 147 VAL AAA CB  1 ? 
ATOM   907  C  CG1 . VAL A 1 108 ? -7.162  -2.406  -13.801 1.000 17.360  ? 147 VAL AAA CG1 1 ? 
ATOM   908  C  CG2 . VAL A 1 108 ? -7.596  0.029   -13.356 1.000 17.701  ? 147 VAL AAA CG2 1 ? 
ATOM   909  N  N   . LEU A 1 109 ? -3.794  -1.855  -15.243 1.000 17.340  ? 148 LEU AAA N   1 ? 
ATOM   910  C  CA  . LEU A 1 109 ? -2.870  -2.881  -15.693 1.000 18.459  ? 148 LEU AAA CA  1 ? 
ATOM   911  C  C   . LEU A 1 109 ? -1.607  -2.858  -14.829 1.000 18.035  ? 148 LEU AAA C   1 ? 
ATOM   912  O  O   . LEU A 1 109 ? -1.029  -3.897  -14.516 1.000 18.462  ? 148 LEU AAA O   1 ? 
ATOM   913  C  CB  . LEU A 1 109 ? -2.503  -2.592  -17.160 1.000 21.761  ? 148 LEU AAA CB  1 ? 
ATOM   914  C  CG  . LEU A 1 109 ? -3.688  -2.516  -18.137 1.000 25.029  ? 148 LEU AAA CG  1 ? 
ATOM   915  C  CD1 . LEU A 1 109 ? -3.220  -2.024  -19.504 1.000 27.771  ? 148 LEU AAA CD1 1 ? 
ATOM   916  C  CD2 . LEU A 1 109 ? -4.397  -3.861  -18.232 1.000 28.267  ? 148 LEU AAA CD2 1 ? 
ATOM   917  N  N   . MET A 1 110 ? -1.182  -1.662  -14.403 1.000 17.476  ? 149 MET AAA N   1 ? 
ATOM   918  C  CA  . MET A 1 110 ? 0.023   -1.552  -13.583 1.000 16.444  ? 149 MET AAA CA  1 ? 
ATOM   919  C  C   . MET A 1 110 ? -0.189  -2.136  -12.191 1.000 16.408  ? 149 MET AAA C   1 ? 
ATOM   920  O  O   . MET A 1 110 ? 0.632   -2.931  -11.735 1.000 16.223  ? 149 MET AAA O   1 ? 
ATOM   921  C  CB  . MET A 1 110 ? 0.441   -0.092  -13.436 1.000 18.232  ? 149 MET AAA CB  1 ? 
ATOM   922  C  CG  . MET A 1 110 ? 0.696   0.512   -14.823 1.000 19.521  ? 149 MET AAA CG  1 ? 
ATOM   923  S  SD  . MET A 1 110 ? 0.890   2.294   -14.775 1.000 21.600  ? 149 MET AAA SD  1 ? 
ATOM   924  C  CE  . MET A 1 110 ? 2.572   2.273   -14.222 1.000 16.016  ? 149 MET AAA CE  1 ? 
ATOM   925  N  N   . ALA A 1 111 ? -1.353  -1.821  -11.602 1.000 15.286  ? 150 ALA AAA N   1 ? 
ATOM   926  C  CA  . ALA A 1 111 ? -1.715  -2.439  -10.328 1.000 14.145  ? 150 ALA AAA CA  1 ? 
ATOM   927  C  C   . ALA A 1 111 ? -1.856  -3.955  -10.439 1.000 16.820  ? 150 ALA AAA C   1 ? 
ATOM   928  O  O   . ALA A 1 111 ? -1.452  -4.649  -9.509  1.000 16.161  ? 150 ALA AAA O   1 ? 
ATOM   929  C  CB  . ALA A 1 111 ? -3.015  -1.889  -9.795  1.000 15.414  ? 150 ALA AAA CB  1 ? 
ATOM   930  N  N   . GLU A 1 112 ? -2.459  -4.446  -11.533 1.000 16.566  ? 151 GLU AAA N   1 ? 
ATOM   931  C  CA  . GLU A 1 112 ? -2.580  -5.892  -11.697 1.000 16.901  ? 151 GLU AAA CA  1 ? 
ATOM   932  C  C   . GLU A 1 112 ? -1.213  -6.562  -11.744 1.000 17.661  ? 151 GLU AAA C   1 ? 
ATOM   933  O  O   . GLU A 1 112 ? -1.032  -7.663  -11.191 1.000 18.423  ? 151 GLU AAA O   1 ? 
ATOM   934  C  CB  . GLU A 1 112 ? -3.442  -6.205  -12.912 1.000 17.839  ? 151 GLU AAA CB  1 ? 
ATOM   935  C  CG  . GLU A 1 112 ? -4.888  -6.005  -12.596 1.000 20.076  ? 151 GLU AAA CG  1 ? 
ATOM   936  C  CD  . GLU A 1 112 ? -5.780  -6.056  -13.809 1.000 23.940  ? 151 GLU AAA CD  1 ? 
ATOM   937  O  OE1 . GLU A 1 112 ? -5.247  -5.927  -14.948 1.000 27.113  ? 151 GLU AAA OE1 1 ? 
ATOM   938  O  OE2 . GLU A 1 112 ? -6.980  -6.209  -13.621 1.000 29.856  ? 151 GLU AAA OE2 1 ? 
ATOM   939  N  N   . ALA A 1 113 ? -0.233  -5.931  -12.391 1.000 17.973  ? 152 ALA AAA N   1 ? 
ATOM   940  C  CA  . ALA A 1 113 ? 1.093   -6.523  -12.446 1.000 17.980  ? 152 ALA AAA CA  1 ? 
ATOM   941  C  C   . ALA A 1 113 ? 1.738   -6.593  -11.063 1.000 17.246  ? 152 ALA AAA C   1 ? 
ATOM   942  O  O   . ALA A 1 113 ? 2.346   -7.610  -10.696 1.000 17.280  ? 152 ALA AAA O   1 ? 
ATOM   943  C  CB  . ALA A 1 113 ? 1.987   -5.841  -13.464 1.000 19.521  ? 152 ALA AAA CB  1 ? 
ATOM   944  N  N   . LEU A 1 114 ? 1.590   -5.513  -10.280 1.000 16.763  ? 153 LEU AAA N   1 ? 
ATOM   945  C  CA  . LEU A 1 114 ? 2.136   -5.538  -8.923  1.000 17.768  ? 153 LEU AAA CA  1 ? 
ATOM   946  C  C   . LEU A 1 114 ? 1.365   -6.536  -8.056  1.000 16.730  ? 153 LEU AAA C   1 ? 
ATOM   947  O  O   . LEU A 1 114 ? 1.963   -7.223  -7.240  1.000 16.933  ? 153 LEU AAA O   1 ? 
ATOM   948  C  CB  . LEU A 1 114 ? 2.016   -4.137  -8.311  1.000 19.092  ? 153 LEU AAA CB  1 ? 
ATOM   949  C  CG  . LEU A 1 114 ? 2.887   -3.064  -8.958  1.000 21.797  ? 153 LEU AAA CG  1 ? 
ATOM   950  C  CD1 . LEU A 1 114 ? 2.608   -1.737  -8.259  1.000 25.248  ? 153 LEU AAA CD1 1 ? 
ATOM   951  C  CD2 . LEU A 1 114 ? 4.364   -3.402  -8.858  1.000 23.843  ? 153 LEU AAA CD2 1 ? 
ATOM   952  N  N   . GLU A 1 115 ? 0.065   -6.630  -8.280  1.000 16.346  ? 154 GLU AAA N   1 ? 
ATOM   953  C  CA  . GLU A 1 115 ? -0.728  -7.573  -7.478  1.000 18.027  ? 154 GLU AAA CA  1 ? 
ATOM   954  C  C   . GLU A 1 115 ? -0.344  -9.022  -7.789  1.000 17.240  ? 154 GLU AAA C   1 ? 
ATOM   955  O  O   . GLU A 1 115 ? -0.287  -9.839  -6.869  1.000 17.301  ? 154 GLU AAA O   1 ? 
ATOM   956  C  CB  . GLU A 1 115 ? -2.212  -7.348  -7.692  1.000 17.132  ? 154 GLU AAA CB  1 ? 
ATOM   957  C  CG  . GLU A 1 115 ? -3.052  -8.157  -6.716  1.000 19.186  ? 154 GLU AAA CG  1 ? 
ATOM   958  C  CD  . GLU A 1 115 ? -4.526  -7.973  -6.891  1.000 21.367  ? 154 GLU AAA CD  1 ? 
ATOM   959  O  OE1 . GLU A 1 115 ? -4.929  -7.556  -7.961  1.000 23.790  ? 154 GLU AAA OE1 1 ? 
ATOM   960  O  OE2 . GLU A 1 115 ? -5.244  -8.275  -5.913  1.000 30.811  ? 154 GLU AAA OE2 1 ? 
ATOM   961  N  N   . LYS A 1 116 ? -0.083  -9.332  -9.068  1.000 17.387  ? 155 LYS AAA N   1 ? 
ATOM   962  C  CA  . LYS A 1 116 ? 0.296   -10.705 -9.381  1.000 17.813  ? 155 LYS AAA CA  1 ? 
ATOM   963  C  C   . LYS A 1 116 ? 1.595   -11.031 -8.649  1.000 17.151  ? 155 LYS AAA C   1 ? 
ATOM   964  O  O   . LYS A 1 116 ? 1.778   -12.150 -8.131  1.000 18.369  ? 155 LYS AAA O   1 ? 
ATOM   965  C  CB  . LYS A 1 116 ? 0.564   -10.822 -10.884 1.000 19.490  ? 155 LYS AAA CB  1 ? 
ATOM   966  C  CG  . LYS A 1 116 ? 1.008   -12.214 -11.330 1.000 22.416  ? 155 LYS AAA CG  1 ? 
ATOM   967  C  CD  . LYS A 1 116 ? 1.143   -12.323 -12.829 1.000 27.084  ? 155 LYS AAA CD  1 ? 
ATOM   968  C  CE  . LYS A 1 116 ? 1.440   -13.755 -13.231 1.000 29.686  ? 155 LYS AAA CE  1 ? 
ATOM   969  N  NZ  . LYS A 1 116 ? 1.019   -14.006 -14.623 1.000 37.042  ? 155 LYS AAA NZ  1 ? 
ATOM   970  N  N   . LEU A 1 117 ? 2.565   -10.108 -8.647  1.000 16.039  ? 156 LEU AAA N   1 ? 
ATOM   971  C  CA  . LEU A 1 117 ? 3.833   -10.312 -7.980  1.000 17.138  ? 156 LEU AAA CA  1 ? 
ATOM   972  C  C   . LEU A 1 117 ? 3.594   -10.466 -6.472  1.000 18.621  ? 156 LEU AAA C   1 ? 
ATOM   973  O  O   . LEU A 1 117 ? 4.178   -11.314 -5.780  1.000 18.466  ? 156 LEU AAA O   1 ? 
ATOM   974  C  CB  . LEU A 1 117 ? 4.761   -9.132  -8.286  1.000 21.012  ? 156 LEU AAA CB  1 ? 
ATOM   975  C  CG  . LEU A 1 117 ? 6.215   -9.256  -7.854  1.000 25.599  ? 156 LEU AAA CG  1 ? 
ATOM   976  C  CD1 . LEU A 1 117 ? 6.865   -10.485 -8.512  1.000 28.324  ? 156 LEU AAA CD1 1 ? 
ATOM   977  C  CD2 . LEU A 1 117 ? 6.995   -7.990  -8.201  1.000 28.289  ? 156 LEU AAA CD2 1 ? 
ATOM   978  N  N   . PHE A 1 118 ? 2.764   -9.559  -5.950  1.000 18.251  ? 157 PHE AAA N   1 ? 
ATOM   979  C  CA  . PHE A 1 118 ? 2.436   -9.628  -4.540  1.000 16.065  ? 157 PHE AAA CA  1 ? 
ATOM   980  C  C   . PHE A 1 118 ? 1.911   -11.011 -4.164  1.000 16.453  ? 157 PHE AAA C   1 ? 
ATOM   981  O  O   . PHE A 1 118 ? 2.318   -11.547 -3.121  1.000 17.939  ? 157 PHE AAA O   1 ? 
ATOM   982  C  CB  . PHE A 1 118 ? 1.426   -8.502  -4.247  1.000 16.362  ? 157 PHE AAA CB  1 ? 
ATOM   983  C  CG  . PHE A 1 118 ? 0.913   -8.502  -2.823  1.000 15.036  ? 157 PHE AAA CG  1 ? 
ATOM   984  C  CD1 . PHE A 1 118 ? 1.710   -8.034  -1.794  1.000 16.081  ? 157 PHE AAA CD1 1 ? 
ATOM   985  C  CD2 . PHE A 1 118 ? -0.367  -8.963  -2.541  1.000 17.930  ? 157 PHE AAA CD2 1 ? 
ATOM   986  C  CE1 . PHE A 1 118 ? 1.254   -8.021  -0.483  1.000 16.796  ? 157 PHE AAA CE1 1 ? 
ATOM   987  C  CE2 . PHE A 1 118 ? -0.831  -8.935  -1.219  1.000 21.457  ? 157 PHE AAA CE2 1 ? 
ATOM   988  C  CZ  . PHE A 1 118 ? -0.009  -8.481  -0.216  1.000 18.641  ? 157 PHE AAA CZ  1 ? 
ATOM   989  N  N   . LEU A 1 119 ? 0.937   -11.524 -4.927  1.000 17.467  ? 158 LEU AAA N   1 ? 
ATOM   990  C  CA  . LEU A 1 119 ? 0.341   -12.812 -4.575  1.000 21.223  ? 158 LEU AAA CA  1 ? 
ATOM   991  C  C   . LEU A 1 119 ? 1.402   -13.925 -4.602  1.000 21.646  ? 158 LEU AAA C   1 ? 
ATOM   992  O  O   . LEU A 1 119 ? 1.413   -14.801 -3.723  1.000 20.762  ? 158 LEU AAA O   1 ? 
ATOM   993  C  CB  . LEU A 1 119 ? -0.850  -13.076 -5.498  1.000 24.703  ? 158 LEU AAA CB  1 ? 
ATOM   994  C  CG  . LEU A 1 119 ? -1.595  -14.402 -5.325  1.000 28.313  ? 158 LEU AAA CG  1 ? 
ATOM   995  C  CD1 . LEU A 1 119 ? -2.173  -14.559 -3.923  1.000 33.106  ? 158 LEU AAA CD1 1 ? 
ATOM   996  C  CD2 . LEU A 1 119 ? -2.665  -14.562 -6.407  1.000 31.020  ? 158 LEU AAA CD2 1 ? 
ATOM   997  N  N   . GLN A 1 120 ? 2.328   -13.853 -5.566  1.000 19.884  ? 159 GLN AAA N   1 ? 
ATOM   998  C  CA  . GLN A 1 120 ? 3.362   -14.878 -5.640  1.000 23.071  ? 159 GLN AAA CA  1 ? 
ATOM   999  C  C   . GLN A 1 120 ? 4.141   -14.882 -4.331  1.000 24.892  ? 159 GLN AAA C   1 ? 
ATOM   1000 O  O   . GLN A 1 120 ? 4.385   -15.949 -3.740  1.000 24.002  ? 159 GLN AAA O   1 ? 
ATOM   1001 C  CB  . GLN A 1 120 ? 4.338   -14.585 -6.777  1.000 21.277  ? 159 GLN AAA CB  1 ? 
ATOM   1002 C  CG  . GLN A 1 120 ? 3.795   -14.571 -8.205  1.000 30.423  ? 159 GLN AAA CG  1 ? 
ATOM   1003 C  CD  . GLN A 1 120 ? 4.902   -14.250 -9.185  0.500 29.071  ? 159 GLN AAA CD  1 ? 
ATOM   1004 O  OE1 . GLN A 1 120 ? 6.065   -14.100 -8.809  0.500 34.085  ? 159 GLN AAA OE1 1 ? 
ATOM   1005 N  NE2 . GLN A 1 120 ? 4.553   -14.128 -10.456 0.500 29.441  ? 159 GLN AAA NE2 1 ? 
ATOM   1006 N  N   . LYS A 1 121 ? 4.512   -13.682 -3.859  1.000 21.946  ? 160 LYS AAA N   1 ? 
ATOM   1007 C  CA  . LYS A 1 121 ? 5.339   -13.558 -2.675  1.000 22.328  ? 160 LYS AAA CA  1 ? 
ATOM   1008 C  C   . LYS A 1 121 ? 4.584   -13.933 -1.418  1.000 22.299  ? 160 LYS AAA C   1 ? 
ATOM   1009 O  O   . LYS A 1 121 ? 5.170   -14.540 -0.527  1.000 23.217  ? 160 LYS AAA O   1 ? 
ATOM   1010 C  CB  . LYS A 1 121 ? 5.871   -12.135 -2.515  1.000 22.450  ? 160 LYS AAA CB  1 ? 
ATOM   1011 C  CG  . LYS A 1 121 ? 6.691   -11.648 -3.692  1.000 27.950  ? 160 LYS AAA CG  1 ? 
ATOM   1012 C  CD  . LYS A 1 121 ? 7.816   -12.574 -3.977  1.000 31.165  ? 160 LYS AAA CD  1 ? 
ATOM   1013 C  CE  . LYS A 1 121 ? 8.815   -11.843 -4.830  1.000 31.733  ? 160 LYS AAA CE  1 ? 
ATOM   1014 N  NZ  . LYS A 1 121 ? 9.811   -12.762 -5.428  1.000 39.796  ? 160 LYS AAA NZ  1 ? 
ATOM   1015 N  N   . ILE A 1 122 ? 3.286   -13.605 -1.354  1.000 20.875  ? 161 ILE AAA N   1 ? 
ATOM   1016 C  CA  . ILE A 1 122 ? 2.508   -13.851 -0.145  1.000 23.881  ? 161 ILE AAA CA  1 ? 
ATOM   1017 C  C   . ILE A 1 122 ? 2.195   -15.349 -0.038  1.000 22.983  ? 161 ILE AAA C   1 ? 
ATOM   1018 O  O   . ILE A 1 122 ? 2.028   -15.876 1.055   1.000 23.129  ? 161 ILE AAA O   1 ? 
ATOM   1019 C  CB  . ILE A 1 122 ? 1.279   -12.919 -0.146  1.000 26.507  ? 161 ILE AAA CB  1 ? 
ATOM   1020 C  CG1 . ILE A 1 122 ? 1.157   -12.105 1.142   1.000 33.300  ? 161 ILE AAA CG1 1 ? 
ATOM   1021 C  CG2 . ILE A 1 122 ? -0.015  -13.585 -0.586  1.000 29.599  ? 161 ILE AAA CG2 1 ? 
ATOM   1022 C  CD1 . ILE A 1 122 ? 2.383   -11.294 1.455   1.000 27.846  ? 161 ILE AAA CD1 1 ? 
ATOM   1023 N  N   . ASN A 1 123 ? 2.146   -16.041 -1.178  1.000 22.392  ? 162 ASN AAA N   1 ? 
ATOM   1024 C  CA  . ASN A 1 123 ? 1.970   -17.476 -1.139  1.000 23.132  ? 162 ASN AAA CA  1 ? 
ATOM   1025 C  C   . ASN A 1 123 ? 3.126   -18.151 -0.416  1.000 22.832  ? 162 ASN AAA C   1 ? 
ATOM   1026 O  O   . ASN A 1 123 ? 2.918   -19.247 0.114   1.000 23.857  ? 162 ASN AAA O   1 ? 
ATOM   1027 C  CB  . ASN A 1 123 ? 1.719   -18.038 -2.544  1.000 24.614  ? 162 ASN AAA CB  1 ? 
ATOM   1028 C  CG  . ASN A 1 123 ? 0.329   -17.761 -3.082  1.000 23.754  ? 162 ASN AAA CG  1 ? 
ATOM   1029 O  OD1 . ASN A 1 123 ? -0.615  -17.449 -2.353  1.000 28.009  ? 162 ASN AAA OD1 1 ? 
ATOM   1030 N  ND2 . ASN A 1 123 ? 0.169   -17.893 -4.384  1.000 27.579  ? 162 ASN AAA ND2 1 ? 
ATOM   1031 N  N   . GLU A 1 124 ? 4.296   -17.500 -0.392  1.000 21.025  ? 163 GLU AAA N   1 ? 
ATOM   1032 C  CA  . GLU A 1 124 ? 5.515   -17.982 0.244   1.000 22.805  ? 163 GLU AAA CA  1 ? 
ATOM   1033 C  C   . GLU A 1 124 ? 5.780   -17.286 1.579   1.000 24.458  ? 163 GLU AAA C   1 ? 
ATOM   1034 O  O   . GLU A 1 124 ? 6.836   -17.480 2.186   1.000 24.119  ? 163 GLU AAA O   1 ? 
ATOM   1035 C  CB  . GLU A 1 124 ? 6.731   -17.808 -0.667  1.000 25.117  ? 163 GLU AAA CB  1 ? 
ATOM   1036 C  CG  . GLU A 1 124 ? 6.710   -18.753 -1.884  1.000 28.759  ? 163 GLU AAA CG  1 ? 
ATOM   1037 C  CD  . GLU A 1 124 ? 6.988   -20.237 -1.623  1.000 34.027  ? 163 GLU AAA CD  1 ? 
ATOM   1038 O  OE1 . GLU A 1 124 ? 7.150   -20.629 -0.435  1.000 35.959  ? 163 GLU AAA OE1 1 ? 
ATOM   1039 O  OE2 . GLU A 1 124 ? 7.063   -21.014 -2.613  1.000 38.519  ? 163 GLU AAA OE2 1 ? 
ATOM   1040 N  N   . LEU A 1 125 ? 4.801   -16.541 2.080   1.000 20.633  ? 164 LEU AAA N   1 ? 
ATOM   1041 C  CA  . LEU A 1 125 ? 4.965   -15.915 3.383   1.000 22.813  ? 164 LEU AAA CA  1 ? 
ATOM   1042 C  C   . LEU A 1 125 ? 5.291   -17.015 4.391   1.000 21.699  ? 164 LEU AAA C   1 ? 
ATOM   1043 O  O   . LEU A 1 125 ? 4.558   -17.991 4.469   1.000 21.287  ? 164 LEU AAA O   1 ? 
ATOM   1044 C  CB  . LEU A 1 125 ? 3.641   -15.243 3.771   1.000 22.943  ? 164 LEU AAA CB  1 ? 
ATOM   1045 C  CG  . LEU A 1 125 ? 3.642   -14.515 5.111   1.000 21.488  ? 164 LEU AAA CG  1 ? 
ATOM   1046 C  CD1 . LEU A 1 125 ? 4.427   -13.208 4.982   1.000 23.652  ? 164 LEU AAA CD1 1 ? 
ATOM   1047 C  CD2 . LEU A 1 125 ? 2.215   -14.313 5.634   1.000 22.080  ? 164 LEU AAA CD2 1 ? 
ATOM   1048 N  N   . PRO A 1 126 ? 6.409   -16.922 5.149   1.000 23.805  ? 165 PRO AAA N   1 ? 
ATOM   1049 C  CA  . PRO A 1 126 ? 6.805   -18.006 6.034   1.000 23.110  ? 165 PRO AAA CA  1 ? 
ATOM   1050 C  C   . PRO A 1 126 ? 5.844   -18.231 7.182   1.000 22.642  ? 165 PRO AAA C   1 ? 
ATOM   1051 O  O   . PRO A 1 126 ? 5.175   -17.332 7.694   1.000 22.317  ? 165 PRO AAA O   1 ? 
ATOM   1052 C  CB  . PRO A 1 126 ? 8.151   -17.561 6.606   1.000 24.828  ? 165 PRO AAA CB  1 ? 
ATOM   1053 C  CG  . PRO A 1 126 ? 8.112   -16.061 6.466   1.000 29.846  ? 165 PRO AAA CG  1 ? 
ATOM   1054 C  CD  . PRO A 1 126 ? 7.402   -15.844 5.151   1.000 24.923  ? 165 PRO AAA CD  1 ? 
ATOM   1055 N  N   . THR A 1 127 ? 5.849   -19.484 7.640   1.000 26.060  ? 166 THR AAA N   1 ? 
ATOM   1056 C  CA  . THR A 1 127 ? 5.153   -19.797 8.869   1.000 25.933  ? 166 THR AAA CA  1 ? 
ATOM   1057 C  C   . THR A 1 127 ? 5.699   -18.900 9.986   1.000 25.629  ? 166 THR AAA C   1 ? 
ATOM   1058 O  O   . THR A 1 127 ? 6.907   -18.686 10.082  1.000 27.259  ? 166 THR AAA O   1 ? 
ATOM   1059 C  CB  . THR A 1 127 ? 5.424   -21.256 9.262   1.000 28.726  ? 166 THR AAA CB  1 ? 
ATOM   1060 O  OG1 . THR A 1 127 ? 5.265   -22.035 8.068   1.000 29.778  ? 166 THR AAA OG1 1 ? 
ATOM   1061 C  CG2 . THR A 1 127 ? 4.538   -21.701 10.405  1.000 28.748  ? 166 THR AAA CG2 1 ? 
ATOM   1062 N  N   . GLU A 1 128 ? 4.791   -18.372 10.805  1.000 25.519  ? 167 GLU AAA N   1 ? 
ATOM   1063 C  CA  . GLU A 1 128 ? 5.189   -17.469 11.868  1.000 30.249  ? 167 GLU AAA CA  1 ? 
ATOM   1064 C  C   . GLU A 1 128 ? 5.925   -18.253 12.943  1.000 31.234  ? 167 GLU AAA C   1 ? 
ATOM   1065 O  O   . GLU A 1 128 ? 5.516   -19.332 13.359  1.000 30.938  ? 167 GLU AAA O   1 ? 
ATOM   1066 C  CB  . GLU A 1 128 ? 3.964   -16.857 12.534  1.000 30.599  ? 167 GLU AAA CB  1 ? 
ATOM   1067 C  CG  . GLU A 1 128 ? 4.319   -15.973 13.710  1.000 35.093  ? 167 GLU AAA CG  1 ? 
ATOM   1068 C  CD  . GLU A 1 128 ? 3.121   -15.152 14.120  1.000 40.655  ? 167 GLU AAA CD  1 ? 
ATOM   1069 O  OE1 . GLU A 1 128 ? 1.997   -15.621 13.852  1.000 40.130  ? 167 GLU AAA OE1 1 ? 
ATOM   1070 O  OE2 . GLU A 1 128 ? 3.310   -14.071 14.707  1.000 45.400  ? 167 GLU AAA OE2 1 ? 
ATOM   1071 N  N   . GLU A 1 129 ? 7.041   -17.695 13.391  1.000 35.744  ? 168 GLU AAA N   1 ? 
ATOM   1072 C  CA  . GLU A 1 129 ? 7.834   -18.466 14.322  1.000 38.834  ? 168 GLU AAA CA  1 ? 
ATOM   1073 C  C   . GLU A 1 129 ? 8.598   -17.458 15.159  1.000 44.070  ? 168 GLU AAA C   1 ? 
ATOM   1074 O  O   . GLU A 1 129 ? 9.214   -16.571 14.552  1.000 40.996  ? 168 GLU AAA O   1 ? 
ATOM   1075 C  CB  . GLU A 1 129 ? 8.690   -19.515 13.598  1.000 45.622  ? 168 GLU AAA CB  1 ? 
ATOM   1076 C  CG  . GLU A 1 129 ? 10.192  -19.356 13.759  1.000 52.585  ? 168 GLU AAA CG  1 ? 
ATOM   1077 C  CD  . GLU A 1 129 ? 10.890  -18.615 12.631  1.000 56.534  ? 168 GLU AAA CD  1 ? 
ATOM   1078 O  OE1 . GLU A 1 129 ? 10.919  -19.153 11.507  1.000 60.233  ? 168 GLU AAA OE1 1 ? 
ATOM   1079 O  OE2 . GLU A 1 129 ? 11.414  -17.505 12.879  1.000 61.083  ? 168 GLU AAA OE2 1 ? 
ATOM   1080 O  OXT . GLU A 1 129 ? 8.514   -17.590 16.378  1.000 42.534  ? 168 GLU AAA OXT 1 ? 
HETATM 1081 N  N1  . T9J B 2 .   ? -3.161  6.392   -9.593  1.000 50.749  ? 201 T9J AAA N1  1 ? 
HETATM 1082 C  C4  . T9J B 2 .   ? -2.214  8.433   -10.686 1.000 61.823  ? 201 T9J AAA C4  1 ? 
HETATM 1083 C  C5  . T9J B 2 .   ? -1.848  7.837   -12.026 1.000 56.540  ? 201 T9J AAA C5  1 ? 
HETATM 1084 C  C6  . T9J B 2 .   ? -2.811  7.324   -12.884 1.000 53.283  ? 201 T9J AAA C6  1 ? 
HETATM 1085 C  C7  . T9J B 2 .   ? -2.483  6.767   -14.110 1.000 51.711  ? 201 T9J AAA C7  1 ? 
HETATM 1086 C  C8  . T9J B 2 .   ? -1.160  6.687   -14.496 1.000 51.826  ? 201 T9J AAA C8  1 ? 
HETATM 1087 C  C10 . T9J B 2 .   ? -0.529  7.772   -12.440 1.000 59.895  ? 201 T9J AAA C10 1 ? 
HETATM 1088 C  C13 . T9J B 2 .   ? -7.248  8.405   -11.814 1.000 95.193  ? 201 T9J AAA C13 1 ? 
HETATM 1089 C  C1  . T9J B 2 .   ? -3.124  4.850   -7.766  1.000 39.278  ? 201 T9J AAA C1  1 ? 
HETATM 1090 C  C11 . T9J B 2 .   ? -4.738  8.087   -10.601 1.000 64.079  ? 201 T9J AAA C11 1 ? 
HETATM 1091 C  C12 . T9J B 2 .   ? -7.166  7.628   -10.569 1.000 80.979  ? 201 T9J AAA C12 1 ? 
HETATM 1092 C  C14 . T9J B 2 .   ? -7.242  9.066   -12.793 1.000 107.785 ? 201 T9J AAA C14 1 ? 
HETATM 1093 C  C2  . T9J B 2 .   ? -3.906  5.612   -8.792  1.000 38.272  ? 201 T9J AAA C2  1 ? 
HETATM 1094 C  C3  . T9J B 2 .   ? -3.397  7.797   -9.917  1.000 59.224  ? 201 T9J AAA C3  1 ? 
HETATM 1095 C  C9  . T9J B 2 .   ? -0.184  7.197   -13.657 1.000 58.998  ? 201 T9J AAA C9  1 ? 
HETATM 1096 N  N2  . T9J B 2 .   ? -5.827  7.610   -9.993  1.000 68.331  ? 201 T9J AAA N2  1 ? 
HETATM 1097 O  O1  . T9J B 2 .   ? -5.127  5.442   -8.952  1.000 34.795  ? 201 T9J AAA O1  1 ? 
HETATM 1098 O  O2  . T9J B 2 .   ? -0.833  6.122   -15.699 1.000 49.829  ? 201 T9J AAA O2  1 ? 
HETATM 1099 O  O3  . T9J B 2 .   ? -4.784  8.759   -11.632 1.000 64.500  ? 201 T9J AAA O3  1 ? 
HETATM 1100 BR BR1 . T9J B 2 .   ? -7.016  10.038  -14.458 1.000 156.474 ? 201 T9J AAA BR1 1 ? 
HETATM 1101 C  C1  . GOL C 3 .   ? -13.627 3.021   -0.975  1.000 33.041  ? 202 GOL AAA C1  1 ? 
HETATM 1102 O  O1  . GOL C 3 .   ? -14.021 3.916   0.056   1.000 32.410  ? 202 GOL AAA O1  1 ? 
HETATM 1103 C  C2  . GOL C 3 .   ? -12.368 2.250   -0.635  1.000 34.651  ? 202 GOL AAA C2  1 ? 
HETATM 1104 O  O2  . GOL C 3 .   ? -11.273 3.113   -0.274  1.000 28.446  ? 202 GOL AAA O2  1 ? 
HETATM 1105 C  C3  . GOL C 3 .   ? -11.967 1.326   -1.776  1.000 40.890  ? 202 GOL AAA C3  1 ? 
HETATM 1106 O  O3  . GOL C 3 .   ? -10.917 0.415   -1.442  1.000 45.588  ? 202 GOL AAA O3  1 ? 
HETATM 1107 O  O   . HOH D 4 .   ? 12.323  -8.212  -9.012  1.000 41.850  ? 301 HOH AAA O   1 ? 
HETATM 1108 O  O   . HOH D 4 .   ? 13.166  -2.474  -3.927  1.000 44.255  ? 302 HOH AAA O   1 ? 
HETATM 1109 O  O   . HOH D 4 .   ? 1.355   -12.979 13.768  1.000 29.683  ? 303 HOH AAA O   1 ? 
HETATM 1110 O  O   . HOH D 4 .   ? 4.737   8.478   1.429   1.000 32.576  ? 304 HOH AAA O   1 ? 
HETATM 1111 O  O   . HOH D 4 .   ? 8.012   -3.204  -15.641 1.000 61.547  ? 305 HOH AAA O   1 ? 
HETATM 1112 O  O   . HOH D 4 .   ? -9.693  -1.809  1.921   1.000 39.026  ? 306 HOH AAA O   1 ? 
HETATM 1113 O  O   . HOH D 4 .   ? 0.522   4.313   -14.774 1.000 22.645  ? 307 HOH AAA O   1 ? 
HETATM 1114 O  O   . HOH D 4 .   ? 8.810   -20.099 9.452   1.000 40.093  ? 308 HOH AAA O   1 ? 
HETATM 1115 O  O   . HOH D 4 .   ? 12.749  0.258   -10.709 1.000 44.217  ? 309 HOH AAA O   1 ? 
HETATM 1116 O  O   . HOH D 4 .   ? -1.288  -3.047  17.270  1.000 27.732  ? 310 HOH AAA O   1 ? 
HETATM 1117 O  O   . HOH D 4 .   ? -7.384  5.769   -14.978 1.000 51.779  ? 311 HOH AAA O   1 ? 
HETATM 1118 O  O   . HOH D 4 .   ? 6.842   8.061   -0.857  1.000 49.874  ? 312 HOH AAA O   1 ? 
HETATM 1119 O  O   . HOH D 4 .   ? -14.456 9.559   -11.138 1.000 33.918  ? 313 HOH AAA O   1 ? 
HETATM 1120 O  O   . HOH D 4 .   ? 3.434   -23.849 7.933   1.000 41.204  ? 314 HOH AAA O   1 ? 
HETATM 1121 O  O   . HOH D 4 .   ? -4.615  10.769  -13.259 1.000 45.761  ? 315 HOH AAA O   1 ? 
HETATM 1122 O  O   . HOH D 4 .   ? 1.591   12.331  -2.570  1.000 23.364  ? 316 HOH AAA O   1 ? 
HETATM 1123 O  O   . HOH D 4 .   ? 10.323  -11.472 -7.632  1.000 39.610  ? 317 HOH AAA O   1 ? 
HETATM 1124 O  O   . HOH D 4 .   ? 10.061  1.378   -9.407  1.000 39.684  ? 318 HOH AAA O   1 ? 
HETATM 1125 O  O   . HOH D 4 .   ? 6.529   6.819   14.582  1.000 45.329  ? 319 HOH AAA O   1 ? 
HETATM 1126 O  O   . HOH D 4 .   ? -2.829  4.242   -3.824  1.000 20.379  ? 320 HOH AAA O   1 ? 
HETATM 1127 O  O   . HOH D 4 .   ? -0.692  6.127   -18.826 1.000 42.851  ? 321 HOH AAA O   1 ? 
HETATM 1128 O  O   . HOH D 4 .   ? 4.623   -18.122 -5.183  1.000 37.824  ? 322 HOH AAA O   1 ? 
HETATM 1129 O  O   . HOH D 4 .   ? 11.483  -13.398 7.836   1.000 33.814  ? 323 HOH AAA O   1 ? 
HETATM 1130 O  O   . HOH D 4 .   ? -8.093  16.108  -2.878  1.000 32.587  ? 324 HOH AAA O   1 ? 
HETATM 1131 O  O   . HOH D 4 .   ? -8.261  -5.676  -11.380 1.000 31.604  ? 325 HOH AAA O   1 ? 
HETATM 1132 O  O   . HOH D 4 .   ? -1.719  15.248  3.052   1.000 36.769  ? 326 HOH AAA O   1 ? 
HETATM 1133 O  O   . HOH D 4 .   ? -9.567  2.129   -20.213 1.000 56.614  ? 327 HOH AAA O   1 ? 
HETATM 1134 O  O   . HOH D 4 .   ? -4.375  0.737   -21.250 1.000 38.138  ? 328 HOH AAA O   1 ? 
HETATM 1135 O  O   . HOH D 4 .   ? 0.571   4.648   25.867  1.000 45.148  ? 329 HOH AAA O   1 ? 
HETATM 1136 O  O   . HOH D 4 .   ? -1.884  1.733   -23.043 1.000 21.145  ? 330 HOH AAA O   1 ? 
HETATM 1137 O  O   . HOH D 4 .   ? -6.182  4.379   -6.575  1.000 21.665  ? 331 HOH AAA O   1 ? 
HETATM 1138 O  O   . HOH D 4 .   ? -1.615  19.899  -11.740 1.000 38.519  ? 332 HOH AAA O   1 ? 
HETATM 1139 O  O   . HOH D 4 .   ? -11.397 -1.340  -12.507 1.000 23.720  ? 333 HOH AAA O   1 ? 
HETATM 1140 O  O   . HOH D 4 .   ? -6.675  5.370   4.755   1.000 30.830  ? 334 HOH AAA O   1 ? 
HETATM 1141 O  O   . HOH D 4 .   ? -1.890  11.540  9.327   1.000 32.469  ? 335 HOH AAA O   1 ? 
HETATM 1142 O  O   . HOH D 4 .   ? -18.485 8.156   -2.137  1.000 45.607  ? 336 HOH AAA O   1 ? 
HETATM 1143 O  O   . HOH D 4 .   ? -5.219  9.529   3.718   1.000 19.545  ? 337 HOH AAA O   1 ? 
HETATM 1144 O  O   . HOH D 4 .   ? -12.721 14.298  -10.471 1.000 31.308  ? 338 HOH AAA O   1 ? 
HETATM 1145 O  O   . HOH D 4 .   ? -3.926  6.992   20.556  1.000 32.119  ? 339 HOH AAA O   1 ? 
HETATM 1146 O  O   . HOH D 4 .   ? 0.470   -14.402 -8.869  1.000 33.663  ? 340 HOH AAA O   1 ? 
HETATM 1147 O  O   . HOH D 4 .   ? -5.846  -0.937  4.935   1.000 21.951  ? 341 HOH AAA O   1 ? 
HETATM 1148 O  O   . HOH D 4 .   ? 5.406   -7.694  -13.984 1.000 45.558  ? 342 HOH AAA O   1 ? 
HETATM 1149 O  O   . HOH D 4 .   ? -14.338 1.935   -12.559 1.000 45.781  ? 343 HOH AAA O   1 ? 
HETATM 1150 O  O   . HOH D 4 .   ? 3.598   -9.152  -12.545 1.000 26.339  ? 344 HOH AAA O   1 ? 
HETATM 1151 O  O   . HOH D 4 .   ? 5.616   -21.849 14.375  1.000 59.597  ? 345 HOH AAA O   1 ? 
HETATM 1152 O  O   . HOH D 4 .   ? -6.166  -8.789  3.248   1.000 36.218  ? 346 HOH AAA O   1 ? 
HETATM 1153 O  O   . HOH D 4 .   ? -4.932  -2.948  13.543  1.000 38.334  ? 347 HOH AAA O   1 ? 
HETATM 1154 O  O   . HOH D 4 .   ? -7.321  -4.754  -16.722 1.000 37.514  ? 348 HOH AAA O   1 ? 
HETATM 1155 O  O   . HOH D 4 .   ? -2.785  12.116  1.744   1.000 20.158  ? 349 HOH AAA O   1 ? 
HETATM 1156 O  O   . HOH D 4 .   ? -0.600  17.821  -0.980  1.000 45.150  ? 350 HOH AAA O   1 ? 
HETATM 1157 O  O   . HOH D 4 .   ? -16.235 3.973   -3.148  1.000 48.491  ? 351 HOH AAA O   1 ? 
HETATM 1158 O  O   . HOH D 4 .   ? 8.092   2.810   -15.741 1.000 56.834  ? 352 HOH AAA O   1 ? 
HETATM 1159 O  O   . HOH D 4 .   ? -4.400  2.678   -5.332  1.000 19.493  ? 353 HOH AAA O   1 ? 
HETATM 1160 O  O   . HOH D 4 .   ? 6.781   -23.288 0.178   1.000 40.399  ? 354 HOH AAA O   1 ? 
HETATM 1161 O  O   . HOH D 4 .   ? 3.388   -2.934  21.800  1.000 49.953  ? 355 HOH AAA O   1 ? 
HETATM 1162 O  O   . HOH D 4 .   ? 9.352   -15.910 -1.639  1.000 34.180  ? 356 HOH AAA O   1 ? 
HETATM 1163 O  O   . HOH D 4 .   ? 7.233   7.979   -7.276  1.000 33.733  ? 357 HOH AAA O   1 ? 
HETATM 1164 O  O   . HOH D 4 .   ? 2.211   -19.126 10.147  1.000 37.466  ? 358 HOH AAA O   1 ? 
HETATM 1165 O  O   . HOH D 4 .   ? -0.763  7.901   -8.291  1.000 26.205  ? 359 HOH AAA O   1 ? 
HETATM 1166 O  O   . HOH D 4 .   ? -0.741  5.854   -4.774  1.000 18.545  ? 360 HOH AAA O   1 ? 
HETATM 1167 O  O   . HOH D 4 .   ? -1.191  -6.327  -15.863 1.000 27.729  ? 361 HOH AAA O   1 ? 
HETATM 1168 O  O   . HOH D 4 .   ? -2.648  6.860   0.828   1.000 17.175  ? 362 HOH AAA O   1 ? 
HETATM 1169 O  O   . HOH D 4 .   ? 2.844   -11.895 11.707  1.000 19.960  ? 363 HOH AAA O   1 ? 
HETATM 1170 O  O   . HOH D 4 .   ? -5.179  5.116   -2.616  1.000 21.224  ? 364 HOH AAA O   1 ? 
HETATM 1171 O  O   . HOH D 4 .   ? 8.250   -13.956 14.747  1.000 28.027  ? 365 HOH AAA O   1 ? 
HETATM 1172 O  O   . HOH D 4 .   ? 0.679   9.111   -6.237  1.000 32.305  ? 366 HOH AAA O   1 ? 
HETATM 1173 O  O   . HOH D 4 .   ? 4.873   -11.673 -11.760 1.000 37.487  ? 367 HOH AAA O   1 ? 
HETATM 1174 O  O   . HOH D 4 .   ? -5.180  4.148   -19.802 1.000 34.439  ? 368 HOH AAA O   1 ? 
HETATM 1175 O  O   . HOH D 4 .   ? 12.615  -12.784 -5.375  1.000 36.124  ? 369 HOH AAA O   1 ? 
HETATM 1176 O  O   . HOH D 4 .   ? -6.015  20.769  -9.871  1.000 45.371  ? 370 HOH AAA O   1 ? 
HETATM 1177 O  O   . HOH D 4 .   ? 1.680   9.410   8.209   1.000 27.322  ? 371 HOH AAA O   1 ? 
HETATM 1178 O  O   . HOH D 4 .   ? -4.395  4.997   -16.203 1.000 24.810  ? 372 HOH AAA O   1 ? 
HETATM 1179 O  O   . HOH D 4 .   ? -2.550  13.281  -0.776  1.000 19.776  ? 373 HOH AAA O   1 ? 
HETATM 1180 O  O   . HOH D 4 .   ? 6.331   -4.119  -16.781 1.000 48.679  ? 374 HOH AAA O   1 ? 
HETATM 1181 O  O   . HOH D 4 .   ? 7.564   9.682   -3.964  1.000 42.597  ? 375 HOH AAA O   1 ? 
HETATM 1182 O  O   . HOH D 4 .   ? -5.132  -9.013  12.300  1.000 28.290  ? 376 HOH AAA O   1 ? 
HETATM 1183 O  O   . HOH D 4 .   ? 0.103   11.461  -6.541  1.000 28.914  ? 377 HOH AAA O   1 ? 
HETATM 1184 O  O   . HOH D 4 .   ? -4.720  1.978   8.169   1.000 29.517  ? 378 HOH AAA O   1 ? 
HETATM 1185 O  O   . HOH D 4 .   ? -3.721  -2.112  8.346   1.000 20.244  ? 379 HOH AAA O   1 ? 
HETATM 1186 O  O   . HOH D 4 .   ? 9.661   -4.330  -13.423 1.000 36.489  ? 380 HOH AAA O   1 ? 
HETATM 1187 O  O   . HOH D 4 .   ? -3.241  -9.475  -11.135 1.000 24.754  ? 381 HOH AAA O   1 ? 
HETATM 1188 O  O   . HOH D 4 .   ? 12.592  -3.232  1.238   1.000 39.527  ? 382 HOH AAA O   1 ? 
HETATM 1189 O  O   . HOH D 4 .   ? -3.385  7.330   -1.780  1.000 21.975  ? 383 HOH AAA O   1 ? 
HETATM 1190 O  O   . HOH D 4 .   ? 11.022  -16.569 8.610   1.000 37.997  ? 384 HOH AAA O   1 ? 
HETATM 1191 O  O   . HOH D 4 .   ? 1.265   9.194   11.808  1.000 26.528  ? 385 HOH AAA O   1 ? 
HETATM 1192 O  O   . HOH D 4 .   ? 8.981   -5.345  8.973   1.000 33.799  ? 386 HOH AAA O   1 ? 
HETATM 1193 O  O   . HOH D 4 .   ? 5.064   3.232   13.940  1.000 27.255  ? 387 HOH AAA O   1 ? 
HETATM 1194 O  O   . HOH D 4 .   ? 5.619   -3.728  12.552  1.000 29.812  ? 388 HOH AAA O   1 ? 
HETATM 1195 O  O   . HOH D 4 .   ? 5.787   8.794   11.173  1.000 42.349  ? 389 HOH AAA O   1 ? 
HETATM 1196 O  O   . HOH D 4 .   ? 8.121   5.649   2.310   1.000 34.176  ? 390 HOH AAA O   1 ? 
HETATM 1197 O  O   . HOH D 4 .   ? 8.345   2.694   -11.044 1.000 29.462  ? 391 HOH AAA O   1 ? 
HETATM 1198 O  O   . HOH D 4 .   ? -3.999  0.800   12.319  1.000 31.257  ? 392 HOH AAA O   1 ? 
HETATM 1199 O  O   . HOH D 4 .   ? 0.381   -16.363 -6.871  1.000 54.063  ? 393 HOH AAA O   1 ? 
HETATM 1200 O  O   . HOH D 4 .   ? -2.808  -1.272  10.896  1.000 24.976  ? 394 HOH AAA O   1 ? 
HETATM 1201 O  O   . HOH D 4 .   ? 2.864   -11.993 -15.691 1.000 57.527  ? 395 HOH AAA O   1 ? 
HETATM 1202 O  O   . HOH D 4 .   ? -1.169  -11.965 10.704  1.000 21.527  ? 396 HOH AAA O   1 ? 
HETATM 1203 O  O   . HOH D 4 .   ? -1.202  -11.882 18.225  1.000 22.964  ? 397 HOH AAA O   1 ? 
HETATM 1204 O  O   . HOH D 4 .   ? -3.983  3.687   16.122  1.000 32.474  ? 398 HOH AAA O   1 ? 
HETATM 1205 O  O   . HOH D 4 .   ? 5.324   9.411   7.774   1.000 41.069  ? 399 HOH AAA O   1 ? 
HETATM 1206 O  O   . HOH D 4 .   ? -10.047 14.350  -3.976  1.000 29.666  ? 400 HOH AAA O   1 ? 
HETATM 1207 O  O   . HOH D 4 .   ? -3.935  -11.290 0.167   1.000 42.534  ? 401 HOH AAA O   1 ? 
HETATM 1208 O  O   . HOH D 4 .   ? -8.481  18.259  -7.173  1.000 35.061  ? 402 HOH AAA O   1 ? 
HETATM 1209 O  O   . HOH D 4 .   ? 0.378   19.195  4.148   1.000 39.360  ? 403 HOH AAA O   1 ? 
HETATM 1210 O  O   . HOH D 4 .   ? -8.782  14.514  -14.484 1.000 49.694  ? 404 HOH AAA O   1 ? 
HETATM 1211 O  O   . HOH D 4 .   ? -1.217  17.511  1.617   1.000 34.575  ? 405 HOH AAA O   1 ? 
HETATM 1212 O  O   . HOH D 4 .   ? -5.510  9.639   7.799   1.000 22.394  ? 406 HOH AAA O   1 ? 
HETATM 1213 O  O   . HOH D 4 .   ? 8.826   -7.199  18.979  1.000 34.360  ? 407 HOH AAA O   1 ? 
HETATM 1214 O  O   . HOH D 4 .   ? 12.268  -4.542  -11.431 1.000 31.384  ? 408 HOH AAA O   1 ? 
HETATM 1215 O  O   . HOH D 4 .   ? -1.818  -13.529 7.194   1.000 43.357  ? 409 HOH AAA O   1 ? 
HETATM 1216 O  O   . HOH D 4 .   ? -9.103  -4.405  0.507   1.000 46.789  ? 410 HOH AAA O   1 ? 
HETATM 1217 O  O   . HOH D 4 .   ? -8.250  -8.757  -6.656  1.000 39.243  ? 411 HOH AAA O   1 ? 
HETATM 1218 O  O   . HOH D 4 .   ? -3.755  9.561   1.326   1.000 19.680  ? 412 HOH AAA O   1 ? 
HETATM 1219 O  O   . HOH D 4 .   ? -5.124  -11.048 2.813   1.000 62.377  ? 413 HOH AAA O   1 ? 
HETATM 1220 O  O   . HOH D 4 .   ? 11.758  4.275   -7.436  1.000 57.835  ? 414 HOH AAA O   1 ? 
HETATM 1221 O  O   . HOH D 4 .   ? -1.060  9.284   20.025  1.000 39.343  ? 415 HOH AAA O   1 ? 
HETATM 1222 O  O   . HOH D 4 .   ? -7.222  -7.707  7.646   1.000 36.051  ? 416 HOH AAA O   1 ? 
HETATM 1223 O  O   . HOH D 4 .   ? -5.079  3.321   10.235  1.000 51.705  ? 417 HOH AAA O   1 ? 
HETATM 1224 O  O   . HOH D 4 .   ? -7.073  -6.550  -3.612  1.000 38.804  ? 418 HOH AAA O   1 ? 
HETATM 1225 O  O   . HOH D 4 .   ? -5.125  7.906   9.910   1.000 34.129  ? 419 HOH AAA O   1 ? 
HETATM 1226 O  O   . HOH D 4 .   ? -4.776  5.500   9.405   1.000 27.705  ? 420 HOH AAA O   1 ? 
HETATM 1227 O  O   . HOH D 4 .   ? -22.614 15.033  -1.055  1.000 52.750  ? 421 HOH AAA O   1 ? 
HETATM 1228 O  O   . HOH D 4 .   ? 9.952   5.921   4.113   1.000 55.569  ? 422 HOH AAA O   1 ? 
HETATM 1229 O  O   . HOH D 4 .   ? -3.077  -11.429 -9.246  1.000 29.060  ? 423 HOH AAA O   1 ? 
HETATM 1230 O  O   . HOH D 4 .   ? -4.166  9.270   12.105  1.000 30.887  ? 424 HOH AAA O   1 ? 
HETATM 1231 O  O   . HOH D 4 .   ? -0.301  -14.359 17.095  1.000 36.266  ? 425 HOH AAA O   1 ? 
HETATM 1232 O  O   . HOH D 4 .   ? -0.336  -8.907  -14.750 1.000 25.596  ? 426 HOH AAA O   1 ? 
HETATM 1233 O  O   . HOH D 4 .   ? 3.041   9.574   5.841   1.000 43.030  ? 427 HOH AAA O   1 ? 
HETATM 1234 O  O   . HOH D 4 .   ? -2.460  -10.412 -13.541 1.000 29.413  ? 428 HOH AAA O   1 ? 
HETATM 1235 O  O   . HOH D 4 .   ? -8.621  17.956  -4.886  1.000 40.558  ? 429 HOH AAA O   1 ? 
HETATM 1236 O  O   . HOH D 4 .   ? 15.343  -1.386  -11.062 1.000 37.688  ? 430 HOH AAA O   1 ? 
HETATM 1237 O  O   . HOH D 4 .   ? 14.881  0.277   7.155   1.000 60.640  ? 431 HOH AAA O   1 ? 
HETATM 1238 O  O   . HOH D 4 .   ? 3.335   20.158  -6.664  1.000 59.061  ? 432 HOH AAA O   1 ? 
HETATM 1239 O  O   . HOH D 4 .   ? -6.250  19.433  6.297   1.000 42.769  ? 433 HOH AAA O   1 ? 
HETATM 1240 O  O   . HOH D 4 .   ? -0.256  12.959  1.957   1.000 35.523  ? 434 HOH AAA O   1 ? 
HETATM 1241 O  O   . HOH D 4 .   ? -6.533  1.499   6.103   1.000 33.563  ? 435 HOH AAA O   1 ? 
HETATM 1242 O  O   . HOH D 4 .   ? -0.021  14.056  -1.104  1.000 27.760  ? 436 HOH AAA O   1 ? 
HETATM 1243 O  O   . HOH D 4 .   ? -6.882  -2.445  6.955   1.000 43.012  ? 437 HOH AAA O   1 ? 
HETATM 1244 O  O   . HOH D 4 .   ? 2.622   13.073  -5.073  1.000 37.281  ? 438 HOH AAA O   1 ? 
HETATM 1245 O  O   . HOH D 4 .   ? 10.778  -17.566 0.820   1.000 45.967  ? 439 HOH AAA O   1 ? 
HETATM 1246 O  O   . HOH D 4 .   ? 12.157  -0.546  -0.880  1.000 48.394  ? 440 HOH AAA O   1 ? 
HETATM 1247 O  O   . HOH D 4 .   ? 2.116   -9.185  -14.934 1.000 32.965  ? 441 HOH AAA O   1 ? 
HETATM 1248 O  O   . HOH D 4 .   ? 0.969   9.343   -10.473 1.000 52.766  ? 442 HOH AAA O   1 ? 
HETATM 1249 O  O   . HOH D 4 .   ? 4.375   -18.769 -9.240  1.000 56.254  ? 443 HOH AAA O   1 ? 
HETATM 1250 O  O   . HOH D 4 .   ? 4.310   12.293  -0.867  1.000 53.401  ? 444 HOH AAA O   1 ? 
HETATM 1251 O  O   . HOH D 4 .   ? 3.137   10.877  19.357  1.000 36.046  ? 445 HOH AAA O   1 ? 
HETATM 1252 O  O   . HOH D 4 .   ? 2.193   12.127  2.863   1.000 38.453  ? 446 HOH AAA O   1 ? 
HETATM 1253 O  O   . HOH D 4 .   ? 2.741   -6.978  -16.967 1.000 39.359  ? 447 HOH AAA O   1 ? 
# 
